data_7SWI
#
_entry.id   7SWI
#
loop_
_entity.id
_entity.type
_entity.pdbx_description
1 polymer 'Troponin C, slow skeletal and cardiac muscles,Troponin I, cardiac muscle chimera'
2 non-polymer 4-(3-cyano-3-methylazetidine-1-carbonyl)-N-[(3R,4S)-7-fluoro-4-hydroxy-6-methyl-3,4-dihydro-2H-1-benzopyran-3-yl]-5-methyl-1H-pyrrole-2-sulfonamide
#
_entity_poly.entity_id   1
_entity_poly.type   'polypeptide(L)'
_entity_poly.pdbx_seq_one_letter_code
;GDDIYKAAVEQLTEEQKNEFKAAFDIFVLGAEDGCISTKELGKVMRMLGQNPTPEELQEMIDEVDEDGSGTVDFDEFLVM
MVRCMKDDSKGAGAGVRISADAMMQALLGARAKESLDLRAHLKQVKKED
;
_entity_poly.pdbx_strand_id   A
#
loop_
_chem_comp.id
_chem_comp.type
_chem_comp.name
_chem_comp.formula
C9W non-polymer 4-(3-cyano-3-methylazetidine-1-carbonyl)-N-[(3R,4S)-7-fluoro-4-hydroxy-6-methyl-3,4-dihydro-2H-1-benzopyran-3-yl]-5-methyl-1H-pyrrole-2-sulfonamide 'C21 H23 F N4 O5 S'
#
# COMPACT_ATOMS: atom_id res chain seq x y z
N GLY A 1 -12.06 10.94 10.54
CA GLY A 1 -10.89 10.93 11.41
C GLY A 1 -9.62 10.57 10.67
N ASP A 2 -9.25 11.40 9.70
CA ASP A 2 -8.04 11.16 8.92
C ASP A 2 -6.98 12.22 9.22
N ASP A 3 -6.66 12.39 10.49
CA ASP A 3 -5.66 13.37 10.90
C ASP A 3 -4.28 12.98 10.40
N ILE A 4 -3.76 11.87 10.92
CA ILE A 4 -2.44 11.40 10.52
C ILE A 4 -2.47 10.83 9.10
N TYR A 5 -3.64 10.39 8.67
CA TYR A 5 -3.80 9.83 7.33
C TYR A 5 -3.61 10.90 6.26
N LYS A 6 -4.34 11.99 6.39
CA LYS A 6 -4.26 13.10 5.45
C LYS A 6 -2.98 13.91 5.66
N ALA A 7 -2.57 14.02 6.92
CA ALA A 7 -1.36 14.76 7.25
C ALA A 7 -0.11 13.91 7.05
N ALA A 8 -0.31 12.68 6.58
CA ALA A 8 0.80 11.77 6.34
C ALA A 8 1.83 12.40 5.41
N VAL A 9 1.38 13.36 4.60
CA VAL A 9 2.26 14.05 3.66
C VAL A 9 3.54 14.54 4.36
N GLU A 10 3.38 15.02 5.59
CA GLU A 10 4.50 15.53 6.36
C GLU A 10 5.12 14.42 7.21
N GLN A 11 4.36 13.34 7.42
CA GLN A 11 4.84 12.22 8.21
C GLN A 11 5.75 11.31 7.37
N LEU A 12 5.54 11.32 6.06
CA LEU A 12 6.34 10.50 5.15
C LEU A 12 7.79 10.95 5.15
N THR A 13 8.69 10.03 4.81
CA THR A 13 10.11 10.34 4.77
C THR A 13 10.43 11.33 3.67
N GLU A 14 11.72 11.54 3.41
CA GLU A 14 12.15 12.47 2.38
C GLU A 14 11.97 11.86 0.99
N GLU A 15 12.16 10.55 0.89
CA GLU A 15 12.03 9.85 -0.38
C GLU A 15 10.62 9.27 -0.52
N GLN A 16 9.99 8.99 0.60
CA GLN A 16 8.64 8.43 0.61
C GLN A 16 7.63 9.42 0.04
N LYS A 17 7.69 10.66 0.53
CA LYS A 17 6.79 11.71 0.07
C LYS A 17 6.90 11.90 -1.44
N ASN A 18 8.02 11.48 -2.00
CA ASN A 18 8.25 11.60 -3.44
C ASN A 18 8.02 10.28 -4.15
N GLU A 19 8.05 9.20 -3.38
CA GLU A 19 7.84 7.86 -3.94
C GLU A 19 6.35 7.54 -4.04
N PHE A 20 5.54 8.29 -3.31
CA PHE A 20 4.09 8.08 -3.32
C PHE A 20 3.52 8.33 -4.71
N LYS A 21 4.29 9.00 -5.55
CA LYS A 21 3.86 9.30 -6.91
C LYS A 21 4.15 8.13 -7.85
N ALA A 22 5.41 7.71 -7.90
CA ALA A 22 5.81 6.59 -8.75
C ALA A 22 5.24 5.28 -8.23
N ALA A 23 5.19 5.14 -6.91
CA ALA A 23 4.66 3.93 -6.28
C ALA A 23 3.28 3.60 -6.82
N PHE A 24 2.30 4.44 -6.49
CA PHE A 24 0.93 4.23 -6.94
C PHE A 24 0.83 4.29 -8.46
N ASP A 25 1.74 5.05 -9.07
CA ASP A 25 1.76 5.19 -10.52
C ASP A 25 1.93 3.83 -11.20
N ILE A 26 2.81 3.01 -10.63
CA ILE A 26 3.06 1.68 -11.19
C ILE A 26 1.83 0.79 -11.07
N PHE A 27 1.07 0.97 -10.00
CA PHE A 27 -0.14 0.18 -9.77
C PHE A 27 -1.15 0.41 -10.89
N VAL A 28 -1.29 1.66 -11.30
CA VAL A 28 -2.23 2.02 -12.37
C VAL A 28 -1.49 2.30 -13.67
N LEU A 29 -0.27 1.81 -13.77
CA LEU A 29 0.54 2.00 -14.97
C LEU A 29 -0.18 1.47 -16.21
N GLY A 30 -0.72 2.38 -17.02
CA GLY A 30 -1.41 1.97 -18.21
C GLY A 30 -2.89 1.75 -17.99
N ALA A 31 -3.39 2.29 -16.87
CA ALA A 31 -4.80 2.16 -16.54
C ALA A 31 -5.65 3.21 -17.26
N GLU A 32 -6.72 2.75 -17.90
CA GLU A 32 -7.61 3.66 -18.63
C GLU A 32 -8.47 4.46 -17.67
N ASP A 33 -8.69 3.92 -16.48
CA ASP A 33 -9.50 4.58 -15.46
C ASP A 33 -8.64 5.51 -14.61
N GLY A 34 -7.34 5.23 -14.55
CA GLY A 34 -6.44 6.04 -13.77
C GLY A 34 -6.37 5.61 -12.32
N CYS A 35 -7.24 4.69 -11.93
CA CYS A 35 -7.28 4.20 -10.56
C CYS A 35 -6.88 2.73 -10.52
N ILE A 36 -6.95 2.14 -9.33
CA ILE A 36 -6.58 0.75 -9.13
C ILE A 36 -7.83 -0.14 -9.03
N SER A 37 -7.72 -1.37 -9.54
CA SER A 37 -8.83 -2.30 -9.51
C SER A 37 -8.38 -3.67 -8.99
N THR A 38 -9.34 -4.54 -8.73
CA THR A 38 -9.04 -5.88 -8.23
C THR A 38 -8.07 -6.60 -9.15
N LYS A 39 -8.05 -6.20 -10.42
CA LYS A 39 -7.17 -6.81 -11.40
C LYS A 39 -5.71 -6.44 -11.12
N GLU A 40 -5.45 -5.15 -10.95
CA GLU A 40 -4.10 -4.67 -10.67
C GLU A 40 -3.61 -5.19 -9.32
N LEU A 41 -4.53 -5.43 -8.41
CA LEU A 41 -4.19 -5.94 -7.08
C LEU A 41 -3.30 -7.17 -7.19
N GLY A 42 -3.86 -8.25 -7.71
CA GLY A 42 -3.10 -9.49 -7.86
C GLY A 42 -1.77 -9.27 -8.54
N LYS A 43 -1.71 -8.26 -9.40
CA LYS A 43 -0.48 -7.95 -10.12
C LYS A 43 0.61 -7.46 -9.17
N VAL A 44 0.20 -6.76 -8.11
CA VAL A 44 1.14 -6.24 -7.13
C VAL A 44 1.31 -7.22 -5.96
N MET A 45 0.24 -7.94 -5.66
CA MET A 45 0.26 -8.91 -4.56
C MET A 45 1.40 -9.90 -4.74
N ARG A 46 1.63 -10.32 -5.99
CA ARG A 46 2.69 -11.27 -6.29
C ARG A 46 4.06 -10.68 -5.98
N MET A 47 4.19 -9.37 -6.19
CA MET A 47 5.45 -8.67 -5.94
C MET A 47 5.75 -8.62 -4.44
N LEU A 48 4.71 -8.81 -3.63
CA LEU A 48 4.87 -8.78 -2.17
C LEU A 48 4.46 -10.12 -1.57
N GLY A 49 4.67 -11.20 -2.32
CA GLY A 49 4.32 -12.52 -1.83
C GLY A 49 2.89 -12.61 -1.36
N GLN A 50 1.97 -12.80 -2.31
CA GLN A 50 0.55 -12.90 -1.99
C GLN A 50 -0.25 -13.41 -3.18
N ASN A 51 -1.02 -14.47 -2.96
CA ASN A 51 -1.84 -15.05 -4.03
C ASN A 51 -3.26 -15.31 -3.54
N PRO A 52 -3.96 -14.22 -3.16
CA PRO A 52 -5.34 -14.31 -2.68
C PRO A 52 -6.33 -14.68 -3.78
N THR A 53 -7.61 -14.54 -3.49
CA THR A 53 -8.66 -14.87 -4.46
C THR A 53 -9.16 -13.62 -5.16
N PRO A 54 -9.77 -13.80 -6.34
CA PRO A 54 -10.31 -12.70 -7.14
C PRO A 54 -11.55 -12.07 -6.49
N GLU A 55 -12.04 -12.71 -5.44
CA GLU A 55 -13.22 -12.21 -4.73
C GLU A 55 -12.82 -11.58 -3.40
N GLU A 56 -11.63 -11.92 -2.92
CA GLU A 56 -11.14 -11.38 -1.65
C GLU A 56 -10.57 -9.99 -1.83
N LEU A 57 -9.98 -9.74 -3.00
CA LEU A 57 -9.38 -8.44 -3.31
C LEU A 57 -10.43 -7.33 -3.20
N GLN A 58 -11.70 -7.71 -3.32
CA GLN A 58 -12.79 -6.74 -3.23
C GLN A 58 -12.97 -6.25 -1.80
N GLU A 59 -12.49 -7.03 -0.85
CA GLU A 59 -12.59 -6.68 0.56
C GLU A 59 -11.55 -5.61 0.94
N MET A 60 -10.29 -5.89 0.62
CA MET A 60 -9.21 -4.97 0.93
C MET A 60 -9.37 -3.67 0.14
N ILE A 61 -10.23 -3.69 -0.88
CA ILE A 61 -10.47 -2.51 -1.70
C ILE A 61 -11.75 -1.80 -1.26
N ASP A 62 -12.73 -2.57 -0.83
CA ASP A 62 -14.01 -2.01 -0.38
C ASP A 62 -13.80 -1.03 0.76
N GLU A 63 -12.89 -1.37 1.67
CA GLU A 63 -12.59 -0.53 2.82
C GLU A 63 -11.85 0.74 2.39
N VAL A 64 -11.39 0.74 1.14
CA VAL A 64 -10.67 1.89 0.60
C VAL A 64 -11.21 2.29 -0.76
N ASP A 65 -12.50 2.06 -0.98
CA ASP A 65 -13.14 2.41 -2.23
C ASP A 65 -13.90 3.72 -2.11
N GLU A 66 -13.95 4.48 -3.20
CA GLU A 66 -14.65 5.75 -3.22
C GLU A 66 -15.94 5.66 -4.02
N ASP A 67 -15.90 4.93 -5.12
CA ASP A 67 -17.07 4.75 -5.97
C ASP A 67 -17.88 3.52 -5.55
N GLY A 68 -17.20 2.58 -4.90
CA GLY A 68 -17.87 1.37 -4.47
C GLY A 68 -17.96 0.32 -5.55
N SER A 69 -17.04 0.38 -6.52
CA SER A 69 -17.02 -0.56 -7.62
C SER A 69 -15.65 -1.25 -7.73
N GLY A 70 -15.23 -1.87 -6.64
CA GLY A 70 -13.94 -2.55 -6.63
C GLY A 70 -12.82 -1.68 -7.15
N THR A 71 -12.56 -0.58 -6.46
CA THR A 71 -11.50 0.34 -6.85
C THR A 71 -11.05 1.21 -5.69
N VAL A 72 -10.07 2.08 -5.93
CA VAL A 72 -9.56 2.96 -4.90
C VAL A 72 -8.92 4.21 -5.52
N ASP A 73 -9.11 5.34 -4.86
CA ASP A 73 -8.54 6.60 -5.34
C ASP A 73 -7.03 6.64 -5.13
N PHE A 74 -6.39 7.67 -5.67
CA PHE A 74 -4.95 7.82 -5.54
C PHE A 74 -4.58 8.32 -4.15
N ASP A 75 -5.50 9.01 -3.51
CA ASP A 75 -5.27 9.54 -2.16
C ASP A 75 -5.51 8.46 -1.11
N GLU A 76 -6.46 7.59 -1.37
CA GLU A 76 -6.80 6.51 -0.45
C GLU A 76 -5.61 5.58 -0.24
N PHE A 77 -4.65 5.65 -1.16
CA PHE A 77 -3.46 4.82 -1.09
C PHE A 77 -2.43 5.41 -0.13
N LEU A 78 -2.17 6.71 -0.28
CA LEU A 78 -1.21 7.41 0.57
C LEU A 78 -1.48 7.11 2.04
N VAL A 79 -2.75 7.18 2.44
CA VAL A 79 -3.13 6.92 3.82
C VAL A 79 -3.00 5.44 4.16
N MET A 80 -3.30 4.59 3.17
CA MET A 80 -3.21 3.14 3.37
C MET A 80 -1.82 2.74 3.84
N MET A 81 -0.82 3.55 3.50
CA MET A 81 0.56 3.28 3.89
C MET A 81 0.82 3.77 5.32
N VAL A 82 0.59 5.05 5.54
CA VAL A 82 0.80 5.65 6.86
C VAL A 82 -0.07 4.97 7.91
N ARG A 83 -1.23 4.48 7.49
CA ARG A 83 -2.16 3.82 8.40
C ARG A 83 -1.76 2.35 8.60
N CYS A 84 -1.01 1.81 7.64
CA CYS A 84 -0.57 0.42 7.71
C CYS A 84 0.52 0.25 8.76
N MET A 85 1.42 1.22 8.83
CA MET A 85 2.52 1.18 9.79
C MET A 85 2.00 0.92 11.20
N LYS A 86 0.90 1.58 11.55
CA LYS A 86 0.30 1.43 12.87
C LYS A 86 -0.77 0.34 12.85
N ASP A 87 -1.42 0.17 11.72
CA ASP A 87 -2.46 -0.83 11.57
C ASP A 87 -2.05 -1.90 10.56
N ASP A 88 -1.01 -2.66 10.90
CA ASP A 88 -0.51 -3.72 10.02
C ASP A 88 -1.62 -4.72 9.70
N SER A 89 -2.64 -4.76 10.55
CA SER A 89 -3.76 -5.68 10.36
C SER A 89 -5.07 -4.92 10.16
N LYS A 90 -5.44 -4.74 8.90
CA LYS A 90 -6.67 -4.03 8.56
C LYS A 90 -7.69 -4.96 7.92
N GLY A 91 -7.19 -6.05 7.35
CA GLY A 91 -8.07 -7.02 6.72
C GLY A 91 -9.07 -7.63 7.68
N ALA A 92 -8.55 -8.37 8.66
CA ALA A 92 -9.40 -9.01 9.65
C ALA A 92 -10.42 -9.94 9.00
N GLY A 93 -10.09 -11.23 8.93
CA GLY A 93 -10.99 -12.20 8.32
C GLY A 93 -10.39 -12.85 7.09
N ALA A 94 -9.06 -12.95 7.08
CA ALA A 94 -8.36 -13.57 5.95
C ALA A 94 -7.20 -14.44 6.44
N GLY A 95 -6.46 -15.02 5.49
CA GLY A 95 -5.33 -15.86 5.84
C GLY A 95 -4.23 -15.10 6.53
N VAL A 96 -3.96 -13.89 6.06
CA VAL A 96 -2.91 -13.06 6.63
C VAL A 96 -3.26 -11.58 6.53
N ARG A 97 -2.27 -10.72 6.73
CA ARG A 97 -2.47 -9.28 6.66
C ARG A 97 -1.32 -8.60 5.94
N ILE A 98 -1.61 -7.96 4.81
CA ILE A 98 -0.59 -7.28 4.03
C ILE A 98 -0.11 -6.02 4.75
N SER A 99 1.18 -5.71 4.61
CA SER A 99 1.76 -4.53 5.23
C SER A 99 1.94 -3.41 4.22
N ALA A 100 2.51 -2.29 4.68
CA ALA A 100 2.74 -1.15 3.82
C ALA A 100 4.11 -1.25 3.14
N ASP A 101 5.15 -1.38 3.95
CA ASP A 101 6.51 -1.48 3.42
C ASP A 101 6.61 -2.57 2.36
N ALA A 102 5.85 -3.64 2.55
CA ALA A 102 5.85 -4.75 1.60
C ALA A 102 5.37 -4.31 0.23
N MET A 103 4.49 -3.31 0.21
CA MET A 103 3.95 -2.78 -1.04
C MET A 103 4.95 -1.84 -1.70
N MET A 104 5.58 -0.98 -0.90
CA MET A 104 6.56 -0.03 -1.42
C MET A 104 7.77 -0.76 -1.99
N GLN A 105 8.37 -1.62 -1.17
CA GLN A 105 9.55 -2.37 -1.60
C GLN A 105 9.25 -3.17 -2.87
N ALA A 106 7.99 -3.55 -3.05
CA ALA A 106 7.57 -4.31 -4.22
C ALA A 106 7.34 -3.39 -5.42
N LEU A 107 6.60 -2.32 -5.20
CA LEU A 107 6.30 -1.36 -6.26
C LEU A 107 7.59 -0.83 -6.89
N LEU A 108 8.28 0.04 -6.16
CA LEU A 108 9.52 0.62 -6.65
C LEU A 108 10.73 -0.13 -6.08
N GLY A 109 10.95 0.03 -4.77
CA GLY A 109 12.07 -0.64 -4.14
C GLY A 109 13.36 -0.45 -4.89
N ALA A 110 13.77 0.80 -5.07
CA ALA A 110 15.00 1.12 -5.79
C ALA A 110 15.47 2.53 -5.48
N ARG A 111 14.52 3.46 -5.42
CA ARG A 111 14.84 4.86 -5.13
C ARG A 111 15.56 4.99 -3.80
N ALA A 112 14.81 4.90 -2.71
CA ALA A 112 15.38 5.01 -1.37
C ALA A 112 14.31 4.88 -0.30
N LYS A 113 14.46 3.90 0.58
CA LYS A 113 13.50 3.66 1.66
C LYS A 113 14.22 3.41 2.98
N GLU A 114 15.43 3.95 3.10
CA GLU A 114 16.21 3.78 4.32
C GLU A 114 16.54 5.12 4.95
N SER A 115 16.24 6.20 4.22
CA SER A 115 16.50 7.55 4.71
C SER A 115 15.96 7.74 6.12
N LEU A 116 14.83 7.10 6.40
CA LEU A 116 14.20 7.19 7.71
C LEU A 116 14.07 5.81 8.35
N ASP A 117 14.40 4.78 7.59
CA ASP A 117 14.32 3.41 8.09
C ASP A 117 12.87 2.97 8.27
N LEU A 118 12.11 2.98 7.18
CA LEU A 118 10.71 2.59 7.22
C LEU A 118 10.57 1.09 7.40
N ARG A 119 11.47 0.34 6.78
CA ARG A 119 11.44 -1.12 6.88
C ARG A 119 11.82 -1.58 8.28
N ALA A 120 12.32 -0.65 9.08
CA ALA A 120 12.72 -0.97 10.45
C ALA A 120 11.51 -1.19 11.34
N HIS A 121 10.32 -0.92 10.81
CA HIS A 121 9.08 -1.09 11.55
C HIS A 121 8.82 -2.57 11.82
N LEU A 122 9.55 -3.43 11.13
CA LEU A 122 9.39 -4.87 11.30
C LEU A 122 10.70 -5.51 11.75
N LYS A 123 11.32 -4.93 12.78
CA LYS A 123 12.58 -5.44 13.32
C LYS A 123 12.48 -6.93 13.60
N GLN A 124 13.04 -7.74 12.72
CA GLN A 124 13.01 -9.19 12.88
C GLN A 124 13.85 -9.88 11.80
N VAL A 125 14.14 -11.15 12.02
CA VAL A 125 14.94 -11.93 11.07
C VAL A 125 14.38 -11.80 9.66
N LYS A 126 15.20 -11.34 8.73
CA LYS A 126 14.79 -11.17 7.34
C LYS A 126 15.75 -11.88 6.40
N LYS A 127 15.48 -11.79 5.10
CA LYS A 127 16.32 -12.43 4.10
C LYS A 127 17.46 -11.50 3.69
N GLU A 128 18.31 -11.99 2.80
CA GLU A 128 19.44 -11.20 2.32
C GLU A 128 19.01 -10.23 1.23
N ASP A 129 17.84 -10.47 0.66
CA ASP A 129 17.30 -9.63 -0.40
C ASP A 129 18.29 -9.51 -1.56
C5 C9W B . -7.64 -7.35 3.55
C8 C9W B . -5.67 -6.56 4.25
C1 C9W B . -9.08 -7.26 3.15
C15 C9W B . -4.79 -10.93 3.21
C11 C9W B . -6.79 -8.44 3.60
C19 C9W B . -4.00 -10.88 0.75
C18 C9W B . -4.67 -11.69 1.87
C23 C9W B . -6.21 -11.68 1.80
C26 C9W B . -4.09 -13.01 1.98
C C9W B . -3.35 -3.21 -1.51
C01 C9W B . -5.80 -2.18 -0.67
C02 C9W B . -5.44 -2.12 -2.02
C03 C9W B . -4.21 -2.64 -2.44
N6 C9W B . -6.96 -6.23 3.94
C9 C9W B . -5.54 -7.92 4.06
C12 C9W B . -7.17 -9.82 3.28
O13 C9W B . -8.33 -10.19 3.37
N14 C9W B . -6.18 -10.67 2.86
N27 C9W B . -3.62 -14.06 2.08
S28 C9W B . -4.55 -5.30 4.80
O29 C9W B . -5.00 -5.01 6.15
O30 C9W B . -3.23 -5.86 4.57
N31 C9W B . -4.71 -3.88 3.91
C33 C9W B . -4.51 -3.95 2.43
C35 C9W B . -3.04 -3.68 2.08
O38 C9W B . -2.78 -3.85 0.67
C41 C9W B . -3.71 -3.26 -0.16
C42 C9W B . -4.95 -2.77 0.27
C43 C9W B . -5.36 -2.87 1.72
O45 C9W B . -5.18 -1.60 2.35
CL C9W B . -6.51 -1.40 -3.16
F C9W B . -3.85 -2.59 -3.73
H11 C9W B . -9.69 -7.93 3.76
H12 C9W B . -9.24 -7.53 2.10
H13 C9W B . -9.45 -6.23 3.29
H16 C9W B . -4.18 -10.02 3.30
H17 C9W B . -4.69 -11.53 4.12
H20 C9W B . -4.57 -9.96 0.52
H21 C9W B . -3.93 -11.47 -0.17
H22 C9W B . -2.98 -10.57 1.04
H24 C9W B . -6.73 -12.59 2.12
H25 C9W B . -6.65 -11.31 0.87
H C9W B . -2.39 -3.61 -1.84
H04 C9W B . -6.76 -1.78 -0.35
H7 C9W B . -7.35 -5.29 4.00
H10 C9W B . -4.63 -8.48 4.26
H1 C9W B . -5.44 -3.23 4.21
H33 C9W B . -4.80 -4.92 2.04
H51 C9W B . -2.39 -4.39 2.60
H52 C9W B . -2.71 -2.69 2.38
H44 C9W B . -6.42 -3.14 1.80
H45 C9W B . -4.23 -1.38 2.30
N GLY A 1 -8.38 10.06 14.14
CA GLY A 1 -9.25 9.81 13.00
C GLY A 1 -8.48 9.75 11.69
N ASP A 2 -8.68 10.75 10.85
CA ASP A 2 -8.00 10.82 9.56
C ASP A 2 -7.08 12.03 9.49
N ASP A 3 -6.58 12.46 10.64
CA ASP A 3 -5.69 13.62 10.71
C ASP A 3 -4.31 13.27 10.17
N ILE A 4 -3.72 12.21 10.70
CA ILE A 4 -2.40 11.77 10.27
C ILE A 4 -2.45 11.13 8.89
N TYR A 5 -3.62 10.61 8.53
CA TYR A 5 -3.80 9.97 7.23
C TYR A 5 -3.74 10.99 6.10
N LYS A 6 -4.57 12.02 6.20
CA LYS A 6 -4.62 13.07 5.20
C LYS A 6 -3.39 13.97 5.29
N ALA A 7 -2.91 14.20 6.51
CA ALA A 7 -1.74 15.03 6.73
C ALA A 7 -0.46 14.21 6.61
N ALA A 8 -0.60 12.95 6.25
CA ALA A 8 0.55 12.06 6.10
C ALA A 8 1.58 12.64 5.14
N VAL A 9 1.12 13.51 4.25
CA VAL A 9 2.01 14.15 3.28
C VAL A 9 3.23 14.75 3.96
N GLU A 10 3.02 15.34 5.13
CA GLU A 10 4.10 15.96 5.89
C GLU A 10 4.77 14.94 6.81
N GLN A 11 4.05 13.86 7.10
CA GLN A 11 4.57 12.82 7.98
C GLN A 11 5.54 11.91 7.22
N LEU A 12 5.34 11.81 5.92
CA LEU A 12 6.19 10.97 5.07
C LEU A 12 7.63 11.50 5.06
N THR A 13 8.58 10.61 4.79
CA THR A 13 9.98 10.98 4.73
C THR A 13 10.27 11.87 3.53
N GLU A 14 11.55 12.12 3.27
CA GLU A 14 11.95 12.95 2.15
C GLU A 14 11.80 12.20 0.83
N GLU A 15 12.09 10.90 0.85
CA GLU A 15 11.98 10.08 -0.35
C GLU A 15 10.59 9.45 -0.45
N GLN A 16 10.00 9.14 0.70
CA GLN A 16 8.67 8.54 0.73
C GLN A 16 7.64 9.47 0.09
N LYS A 17 7.67 10.74 0.49
CA LYS A 17 6.74 11.73 -0.04
C LYS A 17 6.88 11.86 -1.55
N ASN A 18 8.03 11.43 -2.07
CA ASN A 18 8.30 11.50 -3.50
C ASN A 18 8.04 10.15 -4.17
N GLU A 19 8.05 9.10 -3.36
CA GLU A 19 7.83 7.75 -3.88
C GLU A 19 6.33 7.45 -3.99
N PHE A 20 5.52 8.21 -3.26
CA PHE A 20 4.08 8.04 -3.27
C PHE A 20 3.52 8.24 -4.67
N LYS A 21 4.30 8.90 -5.52
CA LYS A 21 3.89 9.17 -6.90
C LYS A 21 4.16 7.96 -7.79
N ALA A 22 5.42 7.58 -7.89
CA ALA A 22 5.81 6.44 -8.71
C ALA A 22 5.21 5.14 -8.18
N ALA A 23 5.12 5.04 -6.85
CA ALA A 23 4.56 3.85 -6.21
C ALA A 23 3.18 3.53 -6.77
N PHE A 24 2.21 4.39 -6.49
CA PHE A 24 0.85 4.18 -6.97
C PHE A 24 0.79 4.24 -8.49
N ASP A 25 1.66 5.04 -9.09
CA ASP A 25 1.72 5.18 -10.54
C ASP A 25 1.93 3.82 -11.21
N ILE A 26 2.75 2.99 -10.59
CA ILE A 26 3.03 1.66 -11.12
C ILE A 26 1.82 0.74 -10.99
N PHE A 27 1.04 0.95 -9.94
CA PHE A 27 -0.14 0.14 -9.69
C PHE A 27 -1.18 0.34 -10.80
N VAL A 28 -1.39 1.60 -11.18
CA VAL A 28 -2.35 1.92 -12.23
C VAL A 28 -1.67 1.97 -13.59
N LEU A 29 -0.42 1.51 -13.65
CA LEU A 29 0.34 1.50 -14.89
C LEU A 29 -0.40 0.73 -15.97
N GLY A 30 -1.03 1.45 -16.90
CA GLY A 30 -1.76 0.79 -17.97
C GLY A 30 -3.25 0.83 -17.75
N ALA A 31 -3.71 1.72 -16.88
CA ALA A 31 -5.13 1.85 -16.59
C ALA A 31 -5.80 2.81 -17.56
N GLU A 32 -7.14 2.83 -17.54
CA GLU A 32 -7.90 3.71 -18.41
C GLU A 32 -8.61 4.80 -17.61
N ASP A 33 -8.87 4.51 -16.34
CA ASP A 33 -9.54 5.47 -15.46
C ASP A 33 -8.54 6.24 -14.62
N GLY A 34 -7.43 5.59 -14.30
CA GLY A 34 -6.39 6.23 -13.49
C GLY A 34 -6.40 5.73 -12.06
N CYS A 35 -7.22 4.72 -11.78
CA CYS A 35 -7.31 4.16 -10.44
C CYS A 35 -6.87 2.70 -10.42
N ILE A 36 -6.97 2.07 -9.26
CA ILE A 36 -6.58 0.67 -9.11
C ILE A 36 -7.81 -0.23 -9.04
N SER A 37 -7.69 -1.43 -9.61
CA SER A 37 -8.78 -2.39 -9.60
C SER A 37 -8.31 -3.75 -9.12
N THR A 38 -9.26 -4.61 -8.76
CA THR A 38 -8.94 -5.95 -8.28
C THR A 38 -8.00 -6.67 -9.24
N LYS A 39 -8.12 -6.36 -10.53
CA LYS A 39 -7.28 -6.98 -11.55
C LYS A 39 -5.82 -6.56 -11.37
N GLU A 40 -5.61 -5.30 -10.99
CA GLU A 40 -4.26 -4.78 -10.79
C GLU A 40 -3.70 -5.22 -9.45
N LEU A 41 -4.60 -5.51 -8.51
CA LEU A 41 -4.19 -5.95 -7.17
C LEU A 41 -3.28 -7.18 -7.25
N GLY A 42 -3.82 -8.27 -7.78
CA GLY A 42 -3.05 -9.49 -7.91
C GLY A 42 -1.70 -9.26 -8.56
N LYS A 43 -1.63 -8.27 -9.44
CA LYS A 43 -0.39 -7.94 -10.14
C LYS A 43 0.67 -7.45 -9.16
N VAL A 44 0.22 -6.75 -8.13
CA VAL A 44 1.13 -6.22 -7.12
C VAL A 44 1.31 -7.20 -5.96
N MET A 45 0.24 -7.93 -5.65
CA MET A 45 0.27 -8.91 -4.56
C MET A 45 1.42 -9.89 -4.75
N ARG A 46 1.64 -10.31 -6.00
CA ARG A 46 2.70 -11.25 -6.31
C ARG A 46 4.07 -10.64 -6.02
N MET A 47 4.20 -9.34 -6.24
CA MET A 47 5.45 -8.64 -6.00
C MET A 47 5.77 -8.59 -4.50
N LEU A 48 4.73 -8.73 -3.68
CA LEU A 48 4.90 -8.69 -2.23
C LEU A 48 4.52 -10.04 -1.61
N GLY A 49 4.74 -11.11 -2.37
CA GLY A 49 4.42 -12.44 -1.88
C GLY A 49 2.99 -12.55 -1.38
N GLN A 50 2.06 -12.73 -2.31
CA GLN A 50 0.64 -12.84 -1.95
C GLN A 50 -0.17 -13.35 -3.13
N ASN A 51 -0.98 -14.38 -2.89
CA ASN A 51 -1.81 -14.96 -3.94
C ASN A 51 -3.25 -15.15 -3.45
N PRO A 52 -3.93 -14.02 -3.18
CA PRO A 52 -5.31 -14.03 -2.71
C PRO A 52 -6.30 -14.47 -3.79
N THR A 53 -7.59 -14.28 -3.53
CA THR A 53 -8.62 -14.67 -4.48
C THR A 53 -9.19 -13.45 -5.20
N PRO A 54 -9.81 -13.69 -6.36
CA PRO A 54 -10.42 -12.62 -7.17
C PRO A 54 -11.65 -12.01 -6.51
N GLU A 55 -12.10 -12.63 -5.43
CA GLU A 55 -13.27 -12.14 -4.70
C GLU A 55 -12.85 -11.52 -3.37
N GLU A 56 -11.65 -11.85 -2.91
CA GLU A 56 -11.15 -11.32 -1.65
C GLU A 56 -10.56 -9.93 -1.84
N LEU A 57 -9.97 -9.69 -3.01
CA LEU A 57 -9.37 -8.40 -3.32
C LEU A 57 -10.40 -7.28 -3.20
N GLN A 58 -11.67 -7.63 -3.33
CA GLN A 58 -12.75 -6.66 -3.23
C GLN A 58 -12.92 -6.17 -1.79
N GLU A 59 -12.51 -7.00 -0.84
CA GLU A 59 -12.62 -6.67 0.57
C GLU A 59 -11.58 -5.61 0.96
N MET A 60 -10.31 -5.91 0.69
CA MET A 60 -9.23 -5.00 1.01
C MET A 60 -9.38 -3.68 0.25
N ILE A 61 -10.20 -3.70 -0.80
CA ILE A 61 -10.43 -2.52 -1.62
C ILE A 61 -11.70 -1.80 -1.19
N ASP A 62 -12.67 -2.56 -0.69
CA ASP A 62 -13.94 -2.00 -0.24
C ASP A 62 -13.72 -1.01 0.91
N GLU A 63 -12.78 -1.35 1.78
CA GLU A 63 -12.48 -0.49 2.93
C GLU A 63 -11.74 0.77 2.48
N VAL A 64 -11.28 0.78 1.24
CA VAL A 64 -10.56 1.91 0.69
C VAL A 64 -11.12 2.32 -0.67
N ASP A 65 -12.41 2.06 -0.87
CA ASP A 65 -13.07 2.40 -2.13
C ASP A 65 -13.76 3.76 -2.02
N GLU A 66 -13.72 4.52 -3.11
CA GLU A 66 -14.35 5.84 -3.14
C GLU A 66 -15.57 5.83 -4.06
N ASP A 67 -15.51 5.02 -5.10
CA ASP A 67 -16.62 4.93 -6.05
C ASP A 67 -17.57 3.80 -5.67
N GLY A 68 -17.03 2.75 -5.05
CA GLY A 68 -17.85 1.63 -4.65
C GLY A 68 -17.95 0.57 -5.74
N SER A 69 -16.98 0.55 -6.64
CA SER A 69 -16.98 -0.41 -7.74
C SER A 69 -15.64 -1.14 -7.81
N GLY A 70 -15.27 -1.79 -6.71
CA GLY A 70 -14.01 -2.51 -6.68
C GLY A 70 -12.84 -1.68 -7.17
N THR A 71 -12.56 -0.59 -6.46
CA THR A 71 -11.47 0.31 -6.84
C THR A 71 -11.04 1.18 -5.65
N VAL A 72 -10.03 2.00 -5.88
CA VAL A 72 -9.53 2.89 -4.83
C VAL A 72 -8.92 4.15 -5.42
N ASP A 73 -9.19 5.29 -4.78
CA ASP A 73 -8.66 6.57 -5.24
C ASP A 73 -7.15 6.64 -5.05
N PHE A 74 -6.52 7.61 -5.72
CA PHE A 74 -5.08 7.78 -5.61
C PHE A 74 -4.70 8.33 -4.24
N ASP A 75 -5.65 8.97 -3.58
CA ASP A 75 -5.42 9.54 -2.25
C ASP A 75 -5.64 8.49 -1.16
N GLU A 76 -6.58 7.57 -1.41
CA GLU A 76 -6.87 6.52 -0.45
C GLU A 76 -5.68 5.60 -0.25
N PHE A 77 -4.71 5.68 -1.16
CA PHE A 77 -3.52 4.86 -1.09
C PHE A 77 -2.49 5.48 -0.14
N LEU A 78 -2.27 6.77 -0.28
CA LEU A 78 -1.31 7.49 0.56
C LEU A 78 -1.57 7.19 2.04
N VAL A 79 -2.84 7.21 2.43
CA VAL A 79 -3.22 6.94 3.81
C VAL A 79 -3.07 5.46 4.15
N MET A 80 -3.32 4.61 3.16
CA MET A 80 -3.21 3.16 3.35
C MET A 80 -1.82 2.79 3.84
N MET A 81 -0.82 3.59 3.47
CA MET A 81 0.55 3.34 3.87
C MET A 81 0.78 3.73 5.33
N VAL A 82 0.53 5.00 5.64
CA VAL A 82 0.69 5.51 6.99
C VAL A 82 -0.15 4.72 7.98
N ARG A 83 -1.39 4.42 7.59
CA ARG A 83 -2.30 3.68 8.44
C ARG A 83 -1.85 2.23 8.60
N CYS A 84 -1.04 1.77 7.65
CA CYS A 84 -0.53 0.41 7.68
C CYS A 84 0.57 0.25 8.71
N MET A 85 1.47 1.23 8.77
CA MET A 85 2.57 1.20 9.71
C MET A 85 2.07 0.94 11.13
N LYS A 86 0.87 1.42 11.43
CA LYS A 86 0.27 1.24 12.74
C LYS A 86 -0.73 0.08 12.72
N ASP A 87 -1.52 0.01 11.66
CA ASP A 87 -2.52 -1.05 11.52
C ASP A 87 -2.13 -2.01 10.40
N ASP A 88 -0.98 -2.67 10.56
CA ASP A 88 -0.51 -3.61 9.56
C ASP A 88 -1.49 -4.76 9.39
N SER A 89 -2.38 -4.93 10.37
CA SER A 89 -3.37 -6.00 10.34
C SER A 89 -4.78 -5.44 10.35
N LYS A 90 -5.35 -5.25 9.17
CA LYS A 90 -6.70 -4.71 9.03
C LYS A 90 -7.64 -5.76 8.46
N GLY A 91 -7.09 -6.70 7.69
CA GLY A 91 -7.90 -7.73 7.09
C GLY A 91 -7.97 -8.98 7.95
N ALA A 92 -8.13 -8.79 9.26
CA ALA A 92 -8.21 -9.90 10.19
C ALA A 92 -9.22 -10.94 9.73
N GLY A 93 -8.76 -12.17 9.54
CA GLY A 93 -9.64 -13.23 9.10
C GLY A 93 -9.60 -13.43 7.59
N ALA A 94 -8.43 -13.80 7.08
CA ALA A 94 -8.26 -14.03 5.65
C ALA A 94 -6.88 -14.60 5.34
N GLY A 95 -6.39 -15.46 6.23
CA GLY A 95 -5.08 -16.06 6.03
C GLY A 95 -3.97 -15.25 6.67
N VAL A 96 -3.74 -14.05 6.14
CA VAL A 96 -2.70 -13.18 6.65
C VAL A 96 -3.12 -11.71 6.56
N ARG A 97 -2.14 -10.81 6.71
CA ARG A 97 -2.40 -9.38 6.64
C ARG A 97 -1.27 -8.66 5.92
N ILE A 98 -1.60 -8.02 4.80
CA ILE A 98 -0.62 -7.29 4.02
C ILE A 98 -0.17 -6.02 4.75
N SER A 99 1.09 -5.66 4.57
CA SER A 99 1.64 -4.46 5.21
C SER A 99 1.89 -3.36 4.18
N ALA A 100 2.45 -2.25 4.64
CA ALA A 100 2.74 -1.13 3.76
C ALA A 100 4.13 -1.27 3.12
N ASP A 101 5.13 -1.49 3.97
CA ASP A 101 6.50 -1.65 3.49
C ASP A 101 6.58 -2.71 2.39
N ALA A 102 5.74 -3.74 2.52
CA ALA A 102 5.71 -4.82 1.54
C ALA A 102 5.24 -4.32 0.17
N MET A 103 4.40 -3.29 0.19
CA MET A 103 3.88 -2.72 -1.05
C MET A 103 4.92 -1.84 -1.72
N MET A 104 5.57 -0.98 -0.94
CA MET A 104 6.60 -0.09 -1.46
C MET A 104 7.80 -0.87 -1.96
N GLN A 105 8.34 -1.73 -1.09
CA GLN A 105 9.50 -2.54 -1.45
C GLN A 105 9.27 -3.29 -2.75
N ALA A 106 7.99 -3.60 -3.03
CA ALA A 106 7.64 -4.32 -4.24
C ALA A 106 7.45 -3.36 -5.42
N LEU A 107 6.68 -2.30 -5.18
CA LEU A 107 6.41 -1.30 -6.22
C LEU A 107 7.72 -0.74 -6.77
N LEU A 108 8.36 0.12 -6.00
CA LEU A 108 9.62 0.72 -6.42
C LEU A 108 10.81 -0.10 -5.93
N GLY A 109 11.03 -0.10 -4.62
CA GLY A 109 12.13 -0.85 -4.05
C GLY A 109 13.44 -0.59 -4.76
N ALA A 110 13.59 0.62 -5.29
CA ALA A 110 14.81 0.99 -6.01
C ALA A 110 15.35 2.33 -5.52
N ARG A 111 14.48 3.33 -5.46
CA ARG A 111 14.86 4.66 -5.01
C ARG A 111 15.37 4.62 -3.57
N ALA A 112 14.44 4.50 -2.63
CA ALA A 112 14.79 4.45 -1.22
C ALA A 112 13.54 4.28 -0.35
N LYS A 113 13.65 3.46 0.69
CA LYS A 113 12.53 3.22 1.59
C LYS A 113 12.99 3.33 3.05
N GLU A 114 14.01 4.12 3.28
CA GLU A 114 14.54 4.32 4.64
C GLU A 114 15.22 5.68 4.76
N SER A 115 14.61 6.69 4.17
CA SER A 115 15.16 8.05 4.21
C SER A 115 15.35 8.51 5.66
N LEU A 116 14.28 8.42 6.43
CA LEU A 116 14.32 8.83 7.84
C LEU A 116 14.42 7.62 8.76
N ASP A 117 13.36 6.80 8.78
CA ASP A 117 13.33 5.62 9.61
C ASP A 117 12.04 4.83 9.40
N LEU A 118 11.93 4.18 8.25
CA LEU A 118 10.74 3.39 7.93
C LEU A 118 10.85 1.97 8.48
N ARG A 119 12.07 1.59 8.85
CA ARG A 119 12.30 0.26 9.40
C ARG A 119 12.06 0.24 10.91
N ALA A 120 11.48 1.31 11.42
CA ALA A 120 11.19 1.42 12.84
C ALA A 120 9.72 1.12 13.13
N HIS A 121 8.91 1.14 12.08
CA HIS A 121 7.48 0.87 12.22
C HIS A 121 7.19 -0.62 12.11
N LEU A 122 8.08 -1.34 11.43
CA LEU A 122 7.93 -2.78 11.25
C LEU A 122 8.96 -3.55 12.07
N LYS A 123 9.95 -2.83 12.59
CA LYS A 123 10.99 -3.45 13.40
C LYS A 123 11.79 -4.45 12.57
N GLN A 124 12.44 -3.97 11.52
CA GLN A 124 13.24 -4.83 10.65
C GLN A 124 14.27 -5.61 11.46
N VAL A 125 14.84 -6.63 10.84
CA VAL A 125 15.86 -7.46 11.50
C VAL A 125 16.96 -6.60 12.11
N LYS A 126 17.79 -7.22 12.93
CA LYS A 126 18.89 -6.51 13.59
C LYS A 126 19.73 -5.75 12.56
N LYS A 127 19.85 -4.44 12.77
CA LYS A 127 20.63 -3.61 11.86
C LYS A 127 21.20 -2.40 12.61
N GLU A 128 22.30 -1.86 12.11
CA GLU A 128 22.94 -0.71 12.72
C GLU A 128 22.01 0.50 12.72
N ASP A 129 21.72 1.02 13.91
CA ASP A 129 20.83 2.16 14.05
C ASP A 129 21.45 3.21 14.99
C5 C9W B . -7.70 -7.48 3.63
C8 C9W B . -5.72 -6.68 4.33
C1 C9W B . -9.14 -7.39 3.25
C15 C9W B . -4.81 -11.02 3.31
C11 C9W B . -6.82 -8.56 3.65
C19 C9W B . -3.97 -10.99 0.87
C18 C9W B . -4.66 -11.79 1.98
C23 C9W B . -6.19 -11.79 1.88
C26 C9W B . -4.07 -13.11 2.12
C C9W B . -3.32 -3.11 -1.33
C01 C9W B . -5.82 -2.17 -0.53
C02 C9W B . -5.43 -2.05 -1.86
C03 C9W B . -4.18 -2.54 -2.27
N6 C9W B . -7.02 -6.35 4.03
C9 C9W B . -5.58 -8.03 4.11
C12 C9W B . -7.19 -9.93 3.32
O13 C9W B . -8.37 -10.31 3.37
N14 C9W B . -6.19 -10.78 2.93
N27 C9W B . -3.60 -14.16 2.23
S28 C9W B . -4.62 -5.41 4.89
O29 C9W B . -5.04 -5.16 6.25
O30 C9W B . -3.29 -5.95 4.62
N31 C9W B . -4.80 -3.97 4.02
C33 C9W B . -4.55 -3.98 2.55
C35 C9W B . -3.09 -3.69 2.24
O38 C9W B . -2.80 -3.80 0.85
C41 C9W B . -3.71 -3.21 0.00
C42 C9W B . -4.98 -2.76 0.41
C43 C9W B . -5.42 -2.92 1.85
O45 C9W B . -5.29 -1.66 2.52
CL C9W B . -6.48 -1.33 -3.01
F C9W B . -3.79 -2.45 -3.55
H11 C9W B . -9.26 -7.55 2.18
H12 C9W B . -9.57 -6.41 3.49
H13 C9W B . -9.72 -8.15 3.78
H16 C9W B . -4.21 -10.11 3.41
H17 C9W B . -4.73 -11.62 4.22
H20 C9W B . -4.43 -10.00 0.74
H21 C9W B . -4.03 -11.51 -0.09
H22 C9W B . -2.90 -10.83 1.10
H24 C9W B . -6.72 -12.71 2.20
H25 C9W B . -6.62 -11.44 0.94
H C9W B . -2.35 -3.48 -1.65
H04 C9W B . -6.80 -1.80 -0.23
H7 C9W B . -7.41 -5.42 4.11
H10 C9W B . -4.66 -8.57 4.30
H1 C9W B . -5.57 -3.37 4.33
H33 C9W B . -4.82 -4.96 2.13
H51 C9W B . -2.44 -4.39 2.77
H52 C9W B . -2.79 -2.68 2.59
H44 C9W B . -6.47 -3.21 1.90
H45 C9W B . -4.46 -1.68 3.03
N GLY A 1 -9.62 11.81 13.82
CA GLY A 1 -10.07 11.24 12.57
C GLY A 1 -8.93 11.00 11.59
N ASP A 2 -9.12 11.42 10.35
CA ASP A 2 -8.11 11.25 9.32
C ASP A 2 -7.14 12.43 9.32
N ASP A 3 -6.58 12.74 10.48
CA ASP A 3 -5.64 13.85 10.62
C ASP A 3 -4.25 13.44 10.11
N ILE A 4 -3.71 12.39 10.69
CA ILE A 4 -2.39 11.90 10.28
C ILE A 4 -2.44 11.24 8.92
N TYR A 5 -3.62 10.77 8.54
CA TYR A 5 -3.80 10.11 7.24
C TYR A 5 -3.67 11.11 6.10
N LYS A 6 -4.48 12.17 6.16
CA LYS A 6 -4.47 13.20 5.13
C LYS A 6 -3.21 14.05 5.24
N ALA A 7 -2.76 14.29 6.47
CA ALA A 7 -1.56 15.09 6.70
C ALA A 7 -0.30 14.24 6.59
N ALA A 8 -0.49 12.97 6.25
CA ALA A 8 0.64 12.05 6.10
C ALA A 8 1.67 12.59 5.13
N VAL A 9 1.23 13.46 4.22
CA VAL A 9 2.11 14.06 3.22
C VAL A 9 3.36 14.64 3.89
N GLU A 10 3.17 15.25 5.05
CA GLU A 10 4.27 15.85 5.79
C GLU A 10 4.93 14.84 6.72
N GLN A 11 4.21 13.77 7.04
CA GLN A 11 4.71 12.74 7.92
C GLN A 11 5.63 11.78 7.16
N LEU A 12 5.41 11.68 5.85
CA LEU A 12 6.22 10.79 5.01
C LEU A 12 7.68 11.22 5.03
N THR A 13 8.57 10.26 4.76
CA THR A 13 10.00 10.54 4.74
C THR A 13 10.37 11.46 3.60
N GLU A 14 11.67 11.64 3.38
CA GLU A 14 12.16 12.50 2.32
C GLU A 14 12.01 11.83 0.95
N GLU A 15 12.20 10.51 0.92
CA GLU A 15 12.08 9.75 -0.31
C GLU A 15 10.67 9.19 -0.47
N GLN A 16 10.00 8.95 0.66
CA GLN A 16 8.65 8.41 0.63
C GLN A 16 7.67 9.41 -0.01
N LYS A 17 7.75 10.66 0.42
CA LYS A 17 6.88 11.70 -0.10
C LYS A 17 7.04 11.84 -1.61
N ASN A 18 8.18 11.37 -2.12
CA ASN A 18 8.46 11.45 -3.56
C ASN A 18 8.21 10.09 -4.22
N GLU A 19 8.17 9.03 -3.41
CA GLU A 19 7.94 7.68 -3.93
C GLU A 19 6.44 7.39 -4.01
N PHE A 20 5.65 8.15 -3.26
CA PHE A 20 4.20 7.96 -3.25
C PHE A 20 3.62 8.18 -4.64
N LYS A 21 4.38 8.85 -5.49
CA LYS A 21 3.94 9.13 -6.85
C LYS A 21 4.20 7.94 -7.77
N ALA A 22 5.47 7.56 -7.89
CA ALA A 22 5.85 6.43 -8.73
C ALA A 22 5.26 5.12 -8.19
N ALA A 23 5.21 5.00 -6.87
CA ALA A 23 4.67 3.80 -6.23
C ALA A 23 3.28 3.48 -6.77
N PHE A 24 2.30 4.33 -6.46
CA PHE A 24 0.94 4.13 -6.92
C PHE A 24 0.85 4.18 -8.44
N ASP A 25 1.70 5.01 -9.04
CA ASP A 25 1.71 5.17 -10.49
C ASP A 25 1.93 3.82 -11.17
N ILE A 26 2.82 3.01 -10.61
CA ILE A 26 3.12 1.69 -11.16
C ILE A 26 1.93 0.75 -11.00
N PHE A 27 1.09 1.03 -10.01
CA PHE A 27 -0.09 0.21 -9.76
C PHE A 27 -1.13 0.40 -10.86
N VAL A 28 -1.30 1.64 -11.30
CA VAL A 28 -2.26 1.96 -12.34
C VAL A 28 -1.58 2.12 -13.70
N LEU A 29 -0.34 1.66 -13.78
CA LEU A 29 0.43 1.76 -15.02
C LEU A 29 -0.31 1.11 -16.17
N GLY A 30 -0.90 1.92 -17.04
CA GLY A 30 -1.63 1.40 -18.18
C GLY A 30 -3.13 1.40 -17.95
N ALA A 31 -3.58 2.16 -16.97
CA ALA A 31 -5.00 2.25 -16.65
C ALA A 31 -5.66 3.43 -17.38
N GLU A 32 -6.96 3.34 -17.59
CA GLU A 32 -7.71 4.39 -18.27
C GLU A 32 -8.46 5.26 -17.28
N ASP A 33 -8.84 4.67 -16.15
CA ASP A 33 -9.57 5.40 -15.11
C ASP A 33 -8.61 6.15 -14.19
N GLY A 34 -7.39 5.63 -14.08
CA GLY A 34 -6.40 6.27 -13.24
C GLY A 34 -6.45 5.78 -11.80
N CYS A 35 -7.21 4.72 -11.58
CA CYS A 35 -7.35 4.14 -10.24
C CYS A 35 -7.02 2.66 -10.24
N ILE A 36 -6.76 2.11 -9.06
CA ILE A 36 -6.43 0.70 -8.93
C ILE A 36 -7.68 -0.15 -8.80
N SER A 37 -7.65 -1.35 -9.38
CA SER A 37 -8.79 -2.26 -9.34
C SER A 37 -8.33 -3.67 -8.96
N THR A 38 -9.31 -4.53 -8.66
CA THR A 38 -9.02 -5.90 -8.28
C THR A 38 -8.07 -6.56 -9.28
N LYS A 39 -8.20 -6.18 -10.55
CA LYS A 39 -7.36 -6.73 -11.61
C LYS A 39 -5.91 -6.28 -11.43
N GLU A 40 -5.73 -5.04 -11.03
CA GLU A 40 -4.39 -4.48 -10.84
C GLU A 40 -3.80 -4.96 -9.51
N LEU A 41 -4.67 -5.31 -8.57
CA LEU A 41 -4.23 -5.78 -7.26
C LEU A 41 -3.29 -6.96 -7.39
N GLY A 42 -3.80 -8.08 -7.90
CA GLY A 42 -2.98 -9.26 -8.07
C GLY A 42 -1.66 -8.96 -8.76
N LYS A 43 -1.69 -8.04 -9.72
CA LYS A 43 -0.48 -7.66 -10.45
C LYS A 43 0.62 -7.23 -9.49
N VAL A 44 0.22 -6.61 -8.38
CA VAL A 44 1.18 -6.14 -7.38
C VAL A 44 1.33 -7.16 -6.25
N MET A 45 0.23 -7.83 -5.92
CA MET A 45 0.24 -8.83 -4.85
C MET A 45 1.35 -9.86 -5.09
N ARG A 46 1.66 -10.10 -6.35
CA ARG A 46 2.71 -11.06 -6.71
C ARG A 46 4.08 -10.52 -6.36
N MET A 47 4.26 -9.21 -6.48
CA MET A 47 5.53 -8.58 -6.17
C MET A 47 5.81 -8.61 -4.67
N LEU A 48 4.76 -8.84 -3.89
CA LEU A 48 4.90 -8.89 -2.44
C LEU A 48 4.53 -10.27 -1.91
N GLY A 49 4.67 -11.28 -2.76
CA GLY A 49 4.35 -12.64 -2.36
C GLY A 49 2.95 -12.77 -1.80
N GLN A 50 1.97 -12.86 -2.69
CA GLN A 50 0.57 -12.98 -2.28
C GLN A 50 -0.32 -13.32 -3.47
N ASN A 51 -0.96 -14.49 -3.42
CA ASN A 51 -1.83 -14.93 -4.49
C ASN A 51 -3.24 -15.22 -3.96
N PRO A 52 -3.92 -14.18 -3.48
CA PRO A 52 -5.28 -14.30 -2.94
C PRO A 52 -6.31 -14.61 -4.02
N THR A 53 -7.59 -14.52 -3.66
CA THR A 53 -8.67 -14.79 -4.60
C THR A 53 -9.14 -13.51 -5.28
N PRO A 54 -9.74 -13.65 -6.47
CA PRO A 54 -10.25 -12.52 -7.24
C PRO A 54 -11.47 -11.87 -6.60
N GLU A 55 -12.06 -12.57 -5.64
CA GLU A 55 -13.24 -12.06 -4.94
C GLU A 55 -12.86 -11.47 -3.60
N GLU A 56 -11.71 -11.88 -3.08
CA GLU A 56 -11.23 -11.39 -1.79
C GLU A 56 -10.63 -9.99 -1.93
N LEU A 57 -10.05 -9.72 -3.09
CA LEU A 57 -9.44 -8.41 -3.35
C LEU A 57 -10.46 -7.29 -3.15
N GLN A 58 -11.73 -7.61 -3.36
CA GLN A 58 -12.79 -6.62 -3.20
C GLN A 58 -12.94 -6.22 -1.73
N GLU A 59 -12.46 -7.07 -0.84
CA GLU A 59 -12.54 -6.80 0.60
C GLU A 59 -11.51 -5.75 1.01
N MET A 60 -10.25 -6.04 0.75
CA MET A 60 -9.16 -5.12 1.09
C MET A 60 -9.31 -3.80 0.34
N ILE A 61 -10.12 -3.81 -0.72
CA ILE A 61 -10.34 -2.62 -1.53
C ILE A 61 -11.63 -1.91 -1.10
N ASP A 62 -12.59 -2.67 -0.61
CA ASP A 62 -13.86 -2.11 -0.17
C ASP A 62 -13.66 -1.14 0.98
N GLU A 63 -12.73 -1.47 1.88
CA GLU A 63 -12.44 -0.63 3.03
C GLU A 63 -11.68 0.62 2.61
N VAL A 64 -11.25 0.66 1.35
CA VAL A 64 -10.52 1.79 0.81
C VAL A 64 -11.06 2.21 -0.55
N ASP A 65 -12.35 1.95 -0.77
CA ASP A 65 -12.99 2.30 -2.03
C ASP A 65 -13.69 3.64 -1.93
N GLU A 66 -13.60 4.44 -2.99
CA GLU A 66 -14.22 5.76 -3.02
C GLU A 66 -15.40 5.78 -3.99
N ASP A 67 -15.31 4.97 -5.03
CA ASP A 67 -16.37 4.90 -6.03
C ASP A 67 -17.38 3.80 -5.69
N GLY A 68 -16.90 2.75 -5.05
CA GLY A 68 -17.76 1.65 -4.68
C GLY A 68 -17.88 0.60 -5.77
N SER A 69 -16.88 0.54 -6.64
CA SER A 69 -16.88 -0.43 -7.73
C SER A 69 -15.54 -1.17 -7.80
N GLY A 70 -15.18 -1.81 -6.69
CA GLY A 70 -13.93 -2.56 -6.64
C GLY A 70 -12.75 -1.73 -7.11
N THR A 71 -12.47 -0.65 -6.38
CA THR A 71 -11.35 0.22 -6.73
C THR A 71 -10.94 1.08 -5.53
N VAL A 72 -9.92 1.92 -5.74
CA VAL A 72 -9.43 2.79 -4.68
C VAL A 72 -8.82 4.06 -5.25
N ASP A 73 -9.12 5.19 -4.61
CA ASP A 73 -8.60 6.48 -5.07
C ASP A 73 -7.10 6.56 -4.87
N PHE A 74 -6.47 7.52 -5.54
CA PHE A 74 -5.02 7.71 -5.43
C PHE A 74 -4.63 8.23 -4.06
N ASP A 75 -5.58 8.87 -3.39
CA ASP A 75 -5.34 9.42 -2.06
C ASP A 75 -5.53 8.36 -0.98
N GLU A 76 -6.48 7.46 -1.21
CA GLU A 76 -6.77 6.39 -0.27
C GLU A 76 -5.55 5.49 -0.06
N PHE A 77 -4.62 5.56 -1.01
CA PHE A 77 -3.40 4.75 -0.94
C PHE A 77 -2.39 5.38 0.02
N LEU A 78 -2.16 6.69 -0.14
CA LEU A 78 -1.23 7.40 0.71
C LEU A 78 -1.53 7.16 2.18
N VAL A 79 -2.80 7.22 2.53
CA VAL A 79 -3.22 7.01 3.92
C VAL A 79 -3.12 5.53 4.31
N MET A 80 -3.36 4.66 3.33
CA MET A 80 -3.30 3.22 3.57
C MET A 80 -1.93 2.82 4.14
N MET A 81 -0.89 3.55 3.74
CA MET A 81 0.46 3.28 4.22
C MET A 81 0.63 3.73 5.67
N VAL A 82 0.44 5.02 5.91
CA VAL A 82 0.57 5.58 7.25
C VAL A 82 -0.33 4.85 8.23
N ARG A 83 -1.57 4.58 7.81
CA ARG A 83 -2.54 3.90 8.65
C ARG A 83 -2.12 2.44 8.90
N CYS A 84 -1.29 1.92 7.99
CA CYS A 84 -0.81 0.54 8.11
C CYS A 84 0.31 0.44 9.12
N MET A 85 1.23 1.41 9.07
CA MET A 85 2.37 1.42 9.99
C MET A 85 1.89 1.34 11.44
N LYS A 86 0.77 1.98 11.73
CA LYS A 86 0.21 1.97 13.08
C LYS A 86 -0.82 0.86 13.24
N ASP A 87 -1.78 0.81 12.33
CA ASP A 87 -2.82 -0.20 12.36
C ASP A 87 -2.38 -1.45 11.60
N ASP A 88 -1.22 -1.99 11.95
CA ASP A 88 -0.70 -3.18 11.31
C ASP A 88 -1.76 -4.27 11.22
N SER A 89 -1.72 -5.05 10.14
CA SER A 89 -2.69 -6.12 9.93
C SER A 89 -4.11 -5.62 10.21
N LYS A 90 -4.72 -5.01 9.20
CA LYS A 90 -6.08 -4.49 9.33
C LYS A 90 -7.10 -5.56 8.95
N GLY A 91 -6.78 -6.34 7.92
CA GLY A 91 -7.69 -7.39 7.48
C GLY A 91 -8.13 -8.30 8.61
N ALA A 92 -7.23 -9.20 9.02
CA ALA A 92 -7.53 -10.13 10.10
C ALA A 92 -8.70 -11.03 9.73
N GLY A 93 -8.38 -12.29 9.41
CA GLY A 93 -9.42 -13.24 9.04
C GLY A 93 -9.47 -13.49 7.55
N ALA A 94 -8.33 -13.85 6.97
CA ALA A 94 -8.24 -14.12 5.54
C ALA A 94 -6.86 -14.65 5.16
N GLY A 95 -6.43 -15.71 5.84
CA GLY A 95 -5.13 -16.28 5.56
C GLY A 95 -4.01 -15.55 6.26
N VAL A 96 -3.73 -14.32 5.82
CA VAL A 96 -2.67 -13.52 6.40
C VAL A 96 -3.05 -12.04 6.41
N ARG A 97 -2.05 -11.18 6.63
CA ARG A 97 -2.28 -9.74 6.65
C ARG A 97 -1.15 -9.01 5.95
N ILE A 98 -1.50 -8.23 4.92
CA ILE A 98 -0.52 -7.48 4.16
C ILE A 98 -0.06 -6.24 4.93
N SER A 99 1.19 -5.86 4.73
CA SER A 99 1.77 -4.70 5.41
C SER A 99 2.00 -3.56 4.42
N ALA A 100 2.60 -2.47 4.92
CA ALA A 100 2.87 -1.31 4.09
C ALA A 100 4.23 -1.45 3.41
N ASP A 101 5.27 -1.69 4.20
CA ASP A 101 6.62 -1.85 3.66
C ASP A 101 6.65 -2.88 2.55
N ALA A 102 5.85 -3.93 2.69
CA ALA A 102 5.77 -4.99 1.69
C ALA A 102 5.31 -4.44 0.35
N MET A 103 4.46 -3.41 0.39
CA MET A 103 3.95 -2.80 -0.83
C MET A 103 5.01 -1.92 -1.49
N MET A 104 5.51 -0.94 -0.74
CA MET A 104 6.53 -0.04 -1.25
C MET A 104 7.68 -0.81 -1.87
N GLN A 105 8.34 -1.65 -1.08
CA GLN A 105 9.46 -2.45 -1.55
C GLN A 105 9.08 -3.20 -2.82
N ALA A 106 7.81 -3.54 -2.95
CA ALA A 106 7.32 -4.27 -4.11
C ALA A 106 7.20 -3.35 -5.33
N LEU A 107 6.48 -2.24 -5.15
CA LEU A 107 6.28 -1.28 -6.23
C LEU A 107 7.63 -0.81 -6.78
N LEU A 108 8.31 0.05 -6.03
CA LEU A 108 9.60 0.58 -6.44
C LEU A 108 10.73 -0.25 -5.85
N GLY A 109 10.91 -0.18 -4.54
CA GLY A 109 11.96 -0.93 -3.88
C GLY A 109 13.30 -0.78 -4.57
N ALA A 110 13.61 0.45 -4.99
CA ALA A 110 14.87 0.72 -5.66
C ALA A 110 15.31 2.16 -5.44
N ARG A 111 14.36 3.09 -5.54
CA ARG A 111 14.64 4.51 -5.35
C ARG A 111 15.30 4.75 -4.00
N ALA A 112 14.50 4.70 -2.94
CA ALA A 112 15.01 4.92 -1.59
C ALA A 112 13.90 4.80 -0.56
N LYS A 113 14.22 4.19 0.58
CA LYS A 113 13.24 4.01 1.65
C LYS A 113 13.94 3.66 2.96
N GLU A 114 15.18 4.13 3.12
CA GLU A 114 15.94 3.87 4.33
C GLU A 114 16.37 5.17 4.99
N SER A 115 16.09 6.29 4.33
CA SER A 115 16.44 7.60 4.86
C SER A 115 15.94 7.76 6.29
N LEU A 116 14.74 7.23 6.56
CA LEU A 116 14.16 7.31 7.89
C LEU A 116 14.00 5.93 8.50
N ASP A 117 14.25 4.90 7.70
CA ASP A 117 14.14 3.53 8.17
C ASP A 117 12.68 3.16 8.44
N LEU A 118 11.90 3.03 7.37
CA LEU A 118 10.49 2.69 7.49
C LEU A 118 10.32 1.23 7.93
N ARG A 119 11.38 0.45 7.79
CA ARG A 119 11.35 -0.96 8.16
C ARG A 119 11.67 -1.13 9.65
N ALA A 120 11.70 -0.01 10.37
CA ALA A 120 11.98 -0.04 11.80
C ALA A 120 10.72 0.15 12.62
N HIS A 121 9.62 0.45 11.95
CA HIS A 121 8.34 0.67 12.62
C HIS A 121 7.47 -0.59 12.55
N LEU A 122 7.82 -1.48 11.64
CA LEU A 122 7.08 -2.72 11.46
C LEU A 122 8.01 -3.94 11.50
N LYS A 123 8.77 -4.06 12.58
CA LYS A 123 9.70 -5.16 12.75
C LYS A 123 8.97 -6.50 12.67
N GLN A 124 9.02 -7.13 11.50
CA GLN A 124 8.36 -8.42 11.30
C GLN A 124 8.79 -9.42 12.38
N VAL A 125 7.92 -10.40 12.63
CA VAL A 125 8.21 -11.42 13.63
C VAL A 125 9.59 -12.05 13.40
N LYS A 126 10.30 -12.30 14.49
CA LYS A 126 11.63 -12.90 14.41
C LYS A 126 11.53 -14.40 14.08
N LYS A 127 12.68 -15.06 14.02
CA LYS A 127 12.72 -16.49 13.72
C LYS A 127 13.61 -17.22 14.73
N GLU A 128 13.01 -18.13 15.49
CA GLU A 128 13.74 -18.91 16.47
C GLU A 128 13.71 -20.40 16.14
N ASP A 129 14.58 -21.17 16.79
CA ASP A 129 14.64 -22.61 16.56
C ASP A 129 13.34 -23.28 16.98
C5 C9W B . -7.60 -7.44 3.76
C8 C9W B . -5.58 -6.71 4.43
C1 C9W B . -9.04 -7.31 3.41
C15 C9W B . -4.85 -11.09 3.25
C11 C9W B . -6.76 -8.54 3.77
C19 C9W B . -4.08 -10.88 0.79
C18 C9W B . -4.76 -11.75 1.85
C23 C9W B . -6.31 -11.67 1.81
C26 C9W B . -4.23 -13.09 1.85
C C9W B . -3.24 -3.14 -1.24
C01 C9W B . -5.75 -2.26 -0.39
C02 C9W B . -5.38 -2.15 -1.73
C03 C9W B . -4.13 -2.59 -2.16
N6 C9W B . -6.88 -6.35 4.17
C9 C9W B . -5.49 -8.07 4.21
C12 C9W B . -7.18 -9.91 3.43
O13 C9W B . -8.35 -10.28 3.56
N14 C9W B . -6.23 -10.76 2.93
N27 C9W B . -3.80 -14.18 1.86
S28 C9W B . -4.44 -5.48 4.98
O29 C9W B . -4.83 -5.23 6.37
O30 C9W B . -3.14 -6.06 4.70
N31 C9W B . -4.59 -4.03 4.14
C33 C9W B . -4.37 -4.04 2.66
C35 C9W B . -2.93 -3.70 2.33
O38 C9W B . -2.66 -3.82 0.93
C41 C9W B . -3.60 -3.25 0.11
C42 C9W B . -4.87 -2.84 0.54
C43 C9W B . -5.27 -2.99 1.98
O45 C9W B . -5.17 -1.74 2.65
CL C9W B . -6.48 -1.45 -2.86
F C9W B . -3.76 -2.49 -3.44
H11 C9W B . -9.39 -6.29 3.59
H12 C9W B . -9.67 -7.98 4.01
H13 C9W B . -9.19 -7.55 2.35
H16 C9W B . -4.20 -10.22 3.39
H17 C9W B . -4.76 -11.77 4.09
H20 C9W B . -4.39 -11.15 -0.22
H21 C9W B . -2.99 -10.99 0.84
H22 C9W B . -4.32 -9.82 0.93
H24 C9W B . -6.86 -12.60 2.05
H25 C9W B . -6.75 -11.22 0.90
H C9W B . -2.27 -3.48 -1.57
H04 C9W B . -6.73 -1.92 -0.07
H7 C9W B . -7.25 -5.40 4.25
H10 C9W B . -4.60 -8.65 4.37
H1 C9W B . -5.32 -3.41 4.46
H33 C9W B . -4.61 -5.03 2.25
H51 C9W B . -2.24 -4.39 2.84
H52 C9W B . -2.64 -2.69 2.67
H44 C9W B . -6.32 -3.32 2.05
H45 C9W B . -5.96 -1.21 2.41
N GLY A 1 -11.50 13.13 11.43
CA GLY A 1 -11.38 11.69 11.34
C GLY A 1 -10.04 11.25 10.79
N ASP A 2 -9.62 11.86 9.69
CA ASP A 2 -8.35 11.52 9.06
C ASP A 2 -7.33 12.64 9.26
N ASP A 3 -6.71 12.67 10.43
CA ASP A 3 -5.72 13.68 10.75
C ASP A 3 -4.33 13.25 10.29
N ILE A 4 -3.84 12.16 10.84
CA ILE A 4 -2.51 11.64 10.49
C ILE A 4 -2.53 11.05 9.08
N TYR A 5 -3.70 10.64 8.63
CA TYR A 5 -3.84 10.06 7.30
C TYR A 5 -3.58 11.10 6.21
N LYS A 6 -4.31 12.21 6.29
CA LYS A 6 -4.15 13.29 5.32
C LYS A 6 -2.86 14.07 5.57
N ALA A 7 -2.49 14.20 6.84
CA ALA A 7 -1.28 14.92 7.21
C ALA A 7 -0.04 14.05 7.01
N ALA A 8 -0.27 12.81 6.58
CA ALA A 8 0.83 11.88 6.35
C ALA A 8 1.87 12.47 5.40
N VAL A 9 1.43 13.41 4.56
CA VAL A 9 2.32 14.06 3.61
C VAL A 9 3.58 14.57 4.29
N GLU A 10 3.42 15.09 5.50
CA GLU A 10 4.55 15.61 6.27
C GLU A 10 5.15 14.53 7.16
N GLN A 11 4.38 13.47 7.39
CA GLN A 11 4.85 12.36 8.23
C GLN A 11 5.76 11.44 7.44
N LEU A 12 5.56 11.37 6.13
CA LEU A 12 6.37 10.52 5.27
C LEU A 12 7.84 10.92 5.33
N THR A 13 8.69 10.11 4.72
CA THR A 13 10.12 10.37 4.70
C THR A 13 10.48 11.34 3.58
N GLU A 14 11.78 11.51 3.35
CA GLU A 14 12.26 12.41 2.31
C GLU A 14 12.08 11.79 0.92
N GLU A 15 12.24 10.47 0.84
CA GLU A 15 12.09 9.76 -0.42
C GLU A 15 10.69 9.17 -0.54
N GLN A 16 10.12 8.75 0.58
CA GLN A 16 8.78 8.17 0.58
C GLN A 16 7.76 9.16 0.04
N LYS A 17 7.79 10.38 0.55
CA LYS A 17 6.86 11.42 0.11
C LYS A 17 6.96 11.63 -1.39
N ASN A 18 8.09 11.25 -1.97
CA ASN A 18 8.31 11.40 -3.40
C ASN A 18 8.05 10.08 -4.13
N GLU A 19 8.05 8.99 -3.39
CA GLU A 19 7.82 7.67 -3.96
C GLU A 19 6.32 7.38 -4.08
N PHE A 20 5.52 8.15 -3.34
CA PHE A 20 4.07 7.98 -3.36
C PHE A 20 3.51 8.25 -4.75
N LYS A 21 4.31 8.89 -5.59
CA LYS A 21 3.89 9.21 -6.95
C LYS A 21 4.13 8.03 -7.88
N ALA A 22 5.39 7.57 -7.92
CA ALA A 22 5.76 6.45 -8.77
C ALA A 22 5.16 5.14 -8.25
N ALA A 23 5.11 5.00 -6.93
CA ALA A 23 4.56 3.81 -6.30
C ALA A 23 3.16 3.51 -6.83
N PHE A 24 2.21 4.39 -6.49
CA PHE A 24 0.83 4.20 -6.93
C PHE A 24 0.72 4.27 -8.44
N ASP A 25 1.65 4.99 -9.07
CA ASP A 25 1.67 5.12 -10.53
C ASP A 25 1.81 3.77 -11.20
N ILE A 26 2.73 2.95 -10.69
CA ILE A 26 2.96 1.62 -11.24
C ILE A 26 1.74 0.74 -11.09
N PHE A 27 1.01 0.93 -9.99
CA PHE A 27 -0.20 0.15 -9.72
C PHE A 27 -1.25 0.39 -10.79
N VAL A 28 -1.61 1.65 -10.98
CA VAL A 28 -2.62 2.03 -11.98
C VAL A 28 -1.99 2.14 -13.37
N LEU A 29 -0.70 1.85 -13.45
CA LEU A 29 0.02 1.93 -14.73
C LEU A 29 -0.67 1.08 -15.78
N GLY A 30 -1.39 0.06 -15.35
CA GLY A 30 -2.09 -0.82 -16.27
C GLY A 30 -3.58 -0.58 -16.27
N ALA A 31 -3.99 0.60 -15.81
CA ALA A 31 -5.41 0.94 -15.76
C ALA A 31 -5.80 1.86 -16.92
N GLU A 32 -7.08 1.84 -17.28
CA GLU A 32 -7.56 2.66 -18.38
C GLU A 32 -8.20 3.95 -17.86
N ASP A 33 -8.68 3.91 -16.62
CA ASP A 33 -9.29 5.07 -16.00
C ASP A 33 -8.27 5.89 -15.23
N GLY A 34 -7.40 5.20 -14.49
CA GLY A 34 -6.37 5.88 -13.72
C GLY A 34 -6.32 5.40 -12.28
N CYS A 35 -7.35 4.66 -11.87
CA CYS A 35 -7.40 4.14 -10.50
C CYS A 35 -6.97 2.68 -10.47
N ILE A 36 -7.08 2.07 -9.28
CA ILE A 36 -6.69 0.67 -9.11
C ILE A 36 -7.92 -0.23 -9.09
N SER A 37 -7.75 -1.48 -9.53
CA SER A 37 -8.84 -2.44 -9.56
C SER A 37 -8.37 -3.80 -9.06
N THR A 38 -9.32 -4.67 -8.71
CA THR A 38 -9.01 -6.00 -8.23
C THR A 38 -8.06 -6.72 -9.18
N LYS A 39 -8.14 -6.38 -10.46
CA LYS A 39 -7.29 -6.99 -11.47
C LYS A 39 -5.83 -6.57 -11.28
N GLU A 40 -5.63 -5.30 -10.97
CA GLU A 40 -4.29 -4.76 -10.78
C GLU A 40 -3.72 -5.21 -9.44
N LEU A 41 -4.61 -5.50 -8.49
CA LEU A 41 -4.21 -5.94 -7.16
C LEU A 41 -3.28 -7.16 -7.25
N GLY A 42 -3.81 -8.25 -7.80
CA GLY A 42 -3.03 -9.47 -7.92
C GLY A 42 -1.70 -9.22 -8.61
N LYS A 43 -1.65 -8.19 -9.45
CA LYS A 43 -0.42 -7.85 -10.17
C LYS A 43 0.65 -7.34 -9.21
N VAL A 44 0.21 -6.63 -8.18
CA VAL A 44 1.13 -6.08 -7.18
C VAL A 44 1.30 -7.04 -6.00
N MET A 45 0.27 -7.84 -5.75
CA MET A 45 0.31 -8.80 -4.64
C MET A 45 1.46 -9.78 -4.82
N ARG A 46 1.70 -10.20 -6.06
CA ARG A 46 2.77 -11.14 -6.36
C ARG A 46 4.14 -10.52 -6.05
N MET A 47 4.24 -9.22 -6.27
CA MET A 47 5.49 -8.50 -6.02
C MET A 47 5.81 -8.47 -4.53
N LEU A 48 4.79 -8.68 -3.71
CA LEU A 48 4.96 -8.68 -2.26
C LEU A 48 4.57 -10.02 -1.66
N GLY A 49 4.76 -11.09 -2.42
CA GLY A 49 4.43 -12.42 -1.96
C GLY A 49 2.99 -12.52 -1.48
N GLN A 50 2.06 -12.69 -2.42
CA GLN A 50 0.66 -12.80 -2.09
C GLN A 50 -0.14 -13.32 -3.28
N ASN A 51 -0.90 -14.38 -3.06
CA ASN A 51 -1.72 -14.98 -4.11
C ASN A 51 -3.14 -15.23 -3.63
N PRO A 52 -3.84 -14.15 -3.26
CA PRO A 52 -5.23 -14.23 -2.78
C PRO A 52 -6.21 -14.61 -3.88
N THR A 53 -7.49 -14.47 -3.59
CA THR A 53 -8.53 -14.80 -4.56
C THR A 53 -9.07 -13.56 -5.24
N PRO A 54 -9.68 -13.75 -6.42
CA PRO A 54 -10.26 -12.65 -7.20
C PRO A 54 -11.49 -12.04 -6.54
N GLU A 55 -11.97 -12.69 -5.48
CA GLU A 55 -13.14 -12.21 -4.76
C GLU A 55 -12.74 -11.61 -3.42
N GLU A 56 -11.54 -11.93 -2.95
CA GLU A 56 -11.05 -11.42 -1.68
C GLU A 56 -10.49 -10.01 -1.84
N LEU A 57 -9.90 -9.74 -3.01
CA LEU A 57 -9.33 -8.44 -3.30
C LEU A 57 -10.37 -7.34 -3.17
N GLN A 58 -11.64 -7.72 -3.29
CA GLN A 58 -12.73 -6.77 -3.19
C GLN A 58 -12.92 -6.30 -1.75
N GLU A 59 -12.44 -7.11 -0.80
CA GLU A 59 -12.54 -6.76 0.62
C GLU A 59 -11.52 -5.70 1.00
N MET A 60 -10.25 -5.96 0.68
CA MET A 60 -9.18 -5.02 1.00
C MET A 60 -9.36 -3.71 0.23
N ILE A 61 -10.22 -3.75 -0.79
CA ILE A 61 -10.48 -2.57 -1.60
C ILE A 61 -11.77 -1.87 -1.18
N ASP A 62 -12.73 -2.67 -0.71
CA ASP A 62 -14.01 -2.13 -0.26
C ASP A 62 -13.82 -1.15 0.90
N GLU A 63 -12.86 -1.45 1.77
CA GLU A 63 -12.58 -0.61 2.91
C GLU A 63 -11.83 0.65 2.49
N VAL A 64 -11.44 0.71 1.22
CA VAL A 64 -10.72 1.86 0.68
C VAL A 64 -11.26 2.25 -0.69
N ASP A 65 -12.54 1.99 -0.91
CA ASP A 65 -13.18 2.33 -2.17
C ASP A 65 -13.93 3.65 -2.07
N GLU A 66 -13.72 4.53 -3.05
CA GLU A 66 -14.38 5.82 -3.07
C GLU A 66 -15.62 5.79 -3.95
N ASP A 67 -15.54 5.05 -5.04
CA ASP A 67 -16.66 4.93 -5.97
C ASP A 67 -17.55 3.75 -5.60
N GLY A 68 -16.96 2.76 -4.94
CA GLY A 68 -17.72 1.58 -4.54
C GLY A 68 -17.83 0.56 -5.66
N SER A 69 -16.86 0.57 -6.57
CA SER A 69 -16.86 -0.36 -7.69
C SER A 69 -15.54 -1.12 -7.76
N GLY A 70 -15.18 -1.78 -6.66
CA GLY A 70 -13.94 -2.54 -6.61
C GLY A 70 -12.75 -1.73 -7.07
N THR A 71 -12.54 -0.56 -6.47
CA THR A 71 -11.44 0.30 -6.83
C THR A 71 -11.03 1.18 -5.66
N VAL A 72 -10.05 2.05 -5.88
CA VAL A 72 -9.56 2.95 -4.84
C VAL A 72 -8.92 4.19 -5.44
N ASP A 73 -9.12 5.34 -4.80
CA ASP A 73 -8.57 6.60 -5.27
C ASP A 73 -7.06 6.63 -5.07
N PHE A 74 -6.42 7.65 -5.64
CA PHE A 74 -4.97 7.80 -5.53
C PHE A 74 -4.59 8.29 -4.14
N ASP A 75 -5.49 9.03 -3.51
CA ASP A 75 -5.23 9.56 -2.17
C ASP A 75 -5.48 8.49 -1.11
N GLU A 76 -6.46 7.64 -1.35
CA GLU A 76 -6.79 6.56 -0.42
C GLU A 76 -5.59 5.65 -0.19
N PHE A 77 -4.66 5.67 -1.14
CA PHE A 77 -3.47 4.83 -1.04
C PHE A 77 -2.46 5.44 -0.08
N LEU A 78 -2.16 6.72 -0.27
CA LEU A 78 -1.20 7.42 0.58
C LEU A 78 -1.51 7.17 2.06
N VAL A 79 -2.78 7.28 2.42
CA VAL A 79 -3.20 7.06 3.80
C VAL A 79 -3.15 5.58 4.16
N MET A 80 -3.44 4.73 3.19
CA MET A 80 -3.42 3.29 3.41
C MET A 80 -2.07 2.83 3.95
N MET A 81 -1.03 3.59 3.65
CA MET A 81 0.31 3.26 4.11
C MET A 81 0.54 3.79 5.53
N VAL A 82 0.36 5.10 5.71
CA VAL A 82 0.55 5.71 7.01
C VAL A 82 -0.41 5.12 8.05
N ARG A 83 -1.56 4.65 7.57
CA ARG A 83 -2.56 4.06 8.46
C ARG A 83 -2.25 2.59 8.73
N CYS A 84 -1.46 1.99 7.84
CA CYS A 84 -1.08 0.59 7.99
C CYS A 84 -0.06 0.41 9.10
N MET A 85 0.94 1.27 9.12
CA MET A 85 1.99 1.22 10.13
C MET A 85 1.40 1.17 11.53
N LYS A 86 0.44 2.06 11.79
CA LYS A 86 -0.22 2.13 13.09
C LYS A 86 -1.30 1.05 13.20
N ASP A 87 -2.19 1.02 12.21
CA ASP A 87 -3.28 0.05 12.20
C ASP A 87 -2.84 -1.24 11.51
N ASP A 88 -1.68 -1.76 11.90
CA ASP A 88 -1.15 -2.98 11.32
C ASP A 88 -2.21 -4.08 11.32
N SER A 89 -2.24 -4.87 10.24
CA SER A 89 -3.21 -5.95 10.13
C SER A 89 -4.64 -5.41 10.19
N LYS A 90 -5.12 -4.88 9.07
CA LYS A 90 -6.47 -4.34 9.01
C LYS A 90 -7.46 -5.38 8.48
N GLY A 91 -6.96 -6.28 7.64
CA GLY A 91 -7.80 -7.32 7.08
C GLY A 91 -8.03 -8.47 8.03
N ALA A 92 -8.56 -8.15 9.22
CA ALA A 92 -8.82 -9.17 10.23
C ALA A 92 -9.92 -10.12 9.78
N GLY A 93 -9.59 -11.41 9.69
CA GLY A 93 -10.56 -12.40 9.26
C GLY A 93 -10.23 -12.99 7.90
N ALA A 94 -8.94 -13.06 7.60
CA ALA A 94 -8.49 -13.60 6.31
C ALA A 94 -7.24 -14.46 6.49
N GLY A 95 -6.76 -15.01 5.38
CA GLY A 95 -5.56 -15.85 5.43
C GLY A 95 -4.41 -15.16 6.13
N VAL A 96 -4.12 -13.93 5.74
CA VAL A 96 -3.04 -13.17 6.34
C VAL A 96 -3.33 -11.68 6.32
N ARG A 97 -2.30 -10.87 6.54
CA ARG A 97 -2.45 -9.42 6.55
C ARG A 97 -1.28 -8.74 5.84
N ILE A 98 -1.58 -8.05 4.75
CA ILE A 98 -0.55 -7.35 3.98
C ILE A 98 -0.03 -6.14 4.74
N SER A 99 1.28 -5.88 4.61
CA SER A 99 1.90 -4.75 5.29
C SER A 99 2.12 -3.59 4.33
N ALA A 100 2.53 -2.45 4.85
CA ALA A 100 2.77 -1.26 4.04
C ALA A 100 4.12 -1.35 3.33
N ASP A 101 5.19 -1.53 4.10
CA ASP A 101 6.53 -1.63 3.55
C ASP A 101 6.58 -2.68 2.45
N ALA A 102 5.85 -3.77 2.64
CA ALA A 102 5.80 -4.85 1.66
C ALA A 102 5.31 -4.35 0.30
N MET A 103 4.46 -3.33 0.33
CA MET A 103 3.92 -2.76 -0.90
C MET A 103 4.94 -1.83 -1.56
N MET A 104 5.43 -0.87 -0.80
CA MET A 104 6.41 0.07 -1.31
C MET A 104 7.59 -0.65 -1.95
N GLN A 105 8.27 -1.48 -1.17
CA GLN A 105 9.42 -2.24 -1.66
C GLN A 105 9.04 -3.05 -2.89
N ALA A 106 7.75 -3.41 -3.00
CA ALA A 106 7.26 -4.18 -4.12
C ALA A 106 7.10 -3.32 -5.36
N LEU A 107 6.46 -2.16 -5.19
CA LEU A 107 6.25 -1.23 -6.30
C LEU A 107 7.57 -0.72 -6.84
N LEU A 108 8.23 0.13 -6.06
CA LEU A 108 9.52 0.69 -6.46
C LEU A 108 10.68 -0.14 -5.93
N GLY A 109 10.85 -0.13 -4.62
CA GLY A 109 11.93 -0.89 -4.00
C GLY A 109 13.27 -0.63 -4.66
N ALA A 110 13.58 0.65 -4.88
CA ALA A 110 14.84 1.03 -5.49
C ALA A 110 15.27 2.43 -5.04
N ARG A 111 14.32 3.35 -5.01
CA ARG A 111 14.61 4.72 -4.61
C ARG A 111 15.33 4.74 -3.26
N ALA A 112 14.58 4.50 -2.19
CA ALA A 112 15.14 4.50 -0.85
C ALA A 112 14.09 4.15 0.20
N LYS A 113 14.41 3.21 1.08
CA LYS A 113 13.49 2.79 2.12
C LYS A 113 14.19 2.70 3.47
N GLU A 114 15.37 3.30 3.55
CA GLU A 114 16.15 3.29 4.78
C GLU A 114 16.39 4.70 5.29
N SER A 115 16.10 5.69 4.44
CA SER A 115 16.29 7.09 4.80
C SER A 115 15.67 7.39 6.16
N LEU A 116 14.51 6.81 6.42
CA LEU A 116 13.82 7.02 7.69
C LEU A 116 13.62 5.70 8.42
N ASP A 117 13.98 4.60 7.76
CA ASP A 117 13.84 3.28 8.35
C ASP A 117 12.39 2.84 8.39
N LEU A 118 11.77 2.71 7.22
CA LEU A 118 10.37 2.31 7.12
C LEU A 118 10.25 0.79 7.17
N ARG A 119 11.28 0.09 6.71
CA ARG A 119 11.28 -1.36 6.70
C ARG A 119 11.53 -1.92 8.09
N ALA A 120 12.02 -1.06 8.98
CA ALA A 120 12.29 -1.46 10.36
C ALA A 120 11.08 -1.23 11.25
N HIS A 121 9.94 -0.96 10.63
CA HIS A 121 8.70 -0.73 11.37
C HIS A 121 8.33 -1.95 12.20
N LEU A 122 8.81 -3.12 11.79
CA LEU A 122 8.53 -4.36 12.50
C LEU A 122 9.80 -4.90 13.16
N LYS A 123 10.92 -4.27 12.88
CA LYS A 123 12.21 -4.68 13.45
C LYS A 123 12.51 -6.13 13.06
N GLN A 124 12.94 -6.33 11.82
CA GLN A 124 13.27 -7.66 11.33
C GLN A 124 14.64 -7.66 10.64
N VAL A 125 15.29 -8.82 10.64
CA VAL A 125 16.60 -8.96 10.01
C VAL A 125 16.50 -8.88 8.49
N LYS A 126 17.55 -8.36 7.87
CA LYS A 126 17.59 -8.24 6.42
C LYS A 126 18.87 -8.81 5.84
N LYS A 127 19.10 -8.59 4.55
CA LYS A 127 20.29 -9.08 3.89
C LYS A 127 21.28 -7.95 3.61
N GLU A 128 22.55 -8.29 3.50
CA GLU A 128 23.59 -7.30 3.23
C GLU A 128 24.29 -7.57 1.90
N ASP A 129 25.13 -6.65 1.48
CA ASP A 129 25.87 -6.79 0.22
C ASP A 129 27.33 -6.41 0.40
C5 C9W B . -7.58 -7.45 3.63
C8 C9W B . -5.60 -6.62 4.31
C1 C9W B . -9.03 -7.38 3.27
C15 C9W B . -4.66 -10.96 3.10
C11 C9W B . -6.69 -8.52 3.63
C19 C9W B . -3.92 -10.73 0.64
C18 C9W B . -4.55 -11.62 1.70
C23 C9W B . -6.10 -11.62 1.67
C26 C9W B . -3.95 -12.94 1.71
C C9W B . -3.36 -3.15 -1.42
C01 C9W B . -5.82 -2.16 -0.56
C02 C9W B . -5.46 -2.08 -1.90
C03 C9W B . -4.23 -2.58 -2.34
N6 C9W B . -6.91 -6.32 4.04
C9 C9W B . -5.45 -7.98 4.09
C12 C9W B . -7.04 -9.90 3.29
O13 C9W B . -8.20 -10.31 3.43
N14 C9W B . -6.05 -10.70 2.80
N27 C9W B . -3.47 -14.00 1.72
S28 C9W B . -4.51 -5.35 4.87
O29 C9W B . -4.94 -5.09 6.23
O30 C9W B . -3.18 -5.88 4.62
N31 C9W B . -4.69 -3.93 3.99
C33 C9W B . -4.49 -3.96 2.51
C35 C9W B . -3.03 -3.68 2.16
O38 C9W B . -2.78 -3.82 0.76
C41 C9W B . -3.71 -3.22 -0.06
C42 C9W B . -4.95 -2.76 0.38
C43 C9W B . -5.36 -2.89 1.83
O45 C9W B . -5.20 -1.62 2.48
CL C9W B . -6.54 -1.36 -3.03
F C9W B . -3.88 -2.50 -3.63
H11 C9W B . -9.44 -6.39 3.52
H12 C9W B . -9.61 -8.13 3.82
H13 C9W B . -9.16 -7.55 2.20
H16 C9W B . -4.06 -10.05 3.25
H17 C9W B . -4.54 -11.64 3.95
H20 C9W B . -2.91 -10.41 0.93
H21 C9W B . -4.51 -9.82 0.49
H22 C9W B . -3.84 -11.24 -0.32
H24 C9W B . -6.59 -12.56 1.93
H25 C9W B . -6.56 -11.20 0.77
H C9W B . -2.40 -3.53 -1.75
H04 C9W B . -6.79 -1.78 -0.23
H7 C9W B . -7.31 -5.40 4.13
H10 C9W B . -4.53 -8.52 4.25
H1 C9W B . -5.44 -3.29 4.31
H33 C9W B . -4.77 -4.94 2.11
H51 C9W B . -2.37 -4.39 2.67
H52 C9W B . -2.71 -2.67 2.49
H44 C9W B . -6.41 -3.17 1.91
H45 C9W B . -4.26 -1.36 2.39
N GLY A 1 -11.04 12.60 11.41
CA GLY A 1 -10.78 11.17 11.42
C GLY A 1 -9.51 10.82 10.66
N ASP A 2 -9.24 11.55 9.59
CA ASP A 2 -8.05 11.30 8.78
C ASP A 2 -7.02 12.41 8.97
N ASP A 3 -6.81 12.80 10.22
CA ASP A 3 -5.85 13.85 10.54
C ASP A 3 -4.45 13.47 10.06
N ILE A 4 -3.92 12.38 10.62
CA ILE A 4 -2.59 11.91 10.26
C ILE A 4 -2.60 11.26 8.88
N TYR A 5 -3.75 10.75 8.47
CA TYR A 5 -3.89 10.10 7.18
C TYR A 5 -3.74 11.10 6.05
N LYS A 6 -4.55 12.17 6.10
CA LYS A 6 -4.51 13.20 5.07
C LYS A 6 -3.25 14.06 5.21
N ALA A 7 -2.83 14.29 6.45
CA ALA A 7 -1.63 15.08 6.71
C ALA A 7 -0.38 14.22 6.62
N ALA A 8 -0.56 12.95 6.27
CA ALA A 8 0.57 12.03 6.15
C ALA A 8 1.63 12.58 5.20
N VAL A 9 1.21 13.45 4.29
CA VAL A 9 2.13 14.05 3.33
C VAL A 9 3.36 14.62 4.01
N GLU A 10 3.15 15.22 5.18
CA GLU A 10 4.24 15.81 5.95
C GLU A 10 4.86 14.78 6.90
N GLN A 11 4.12 13.72 7.19
CA GLN A 11 4.58 12.66 8.07
C GLN A 11 5.53 11.71 7.34
N LEU A 12 5.36 11.61 6.03
CA LEU A 12 6.20 10.75 5.22
C LEU A 12 7.66 11.16 5.30
N THR A 13 8.56 10.26 4.92
CA THR A 13 9.98 10.52 4.96
C THR A 13 10.39 11.48 3.84
N GLU A 14 11.71 11.66 3.67
CA GLU A 14 12.22 12.53 2.64
C GLU A 14 12.08 11.91 1.25
N GLU A 15 12.24 10.59 1.19
CA GLU A 15 12.13 9.87 -0.07
C GLU A 15 10.72 9.31 -0.26
N GLN A 16 10.14 8.81 0.83
CA GLN A 16 8.79 8.25 0.79
C GLN A 16 7.81 9.24 0.17
N LYS A 17 7.86 10.48 0.64
CA LYS A 17 6.98 11.52 0.13
C LYS A 17 7.12 11.68 -1.38
N ASN A 18 8.26 11.25 -1.91
CA ASN A 18 8.53 11.34 -3.34
C ASN A 18 8.25 10.01 -4.02
N GLU A 19 8.23 8.94 -3.23
CA GLU A 19 7.99 7.61 -3.77
C GLU A 19 6.49 7.34 -3.90
N PHE A 20 5.69 8.10 -3.16
CA PHE A 20 4.24 7.94 -3.19
C PHE A 20 3.69 8.18 -4.59
N LYS A 21 4.49 8.84 -5.43
CA LYS A 21 4.09 9.13 -6.79
C LYS A 21 4.34 7.93 -7.70
N ALA A 22 5.61 7.52 -7.79
CA ALA A 22 5.98 6.38 -8.62
C ALA A 22 5.34 5.09 -8.10
N ALA A 23 5.25 4.97 -6.79
CA ALA A 23 4.67 3.80 -6.15
C ALA A 23 3.28 3.49 -6.74
N PHE A 24 2.32 4.36 -6.46
CA PHE A 24 0.97 4.18 -6.96
C PHE A 24 0.94 4.24 -8.48
N ASP A 25 1.79 5.08 -9.05
CA ASP A 25 1.85 5.23 -10.51
C ASP A 25 2.06 3.88 -11.18
N ILE A 26 2.87 3.04 -10.55
CA ILE A 26 3.15 1.70 -11.09
C ILE A 26 1.94 0.79 -10.98
N PHE A 27 1.08 1.10 -10.01
CA PHE A 27 -0.13 0.29 -9.79
C PHE A 27 -1.15 0.52 -10.91
N VAL A 28 -1.34 1.78 -11.28
CA VAL A 28 -2.27 2.13 -12.34
C VAL A 28 -1.57 2.27 -13.68
N LEU A 29 -0.34 1.75 -13.76
CA LEU A 29 0.44 1.80 -14.98
C LEU A 29 -0.33 1.22 -16.16
N GLY A 30 -0.79 2.08 -17.04
CA GLY A 30 -1.55 1.63 -18.20
C GLY A 30 -3.04 1.61 -17.96
N ALA A 31 -3.48 2.39 -16.98
CA ALA A 31 -4.90 2.47 -16.64
C ALA A 31 -5.57 3.65 -17.34
N GLU A 32 -6.81 3.45 -17.78
CA GLU A 32 -7.55 4.50 -18.46
C GLU A 32 -8.35 5.34 -17.47
N ASP A 33 -8.71 4.73 -16.34
CA ASP A 33 -9.48 5.41 -15.31
C ASP A 33 -8.56 6.21 -14.40
N GLY A 34 -7.33 5.73 -14.23
CA GLY A 34 -6.37 6.41 -13.38
C GLY A 34 -6.40 5.89 -11.95
N CYS A 35 -7.18 4.84 -11.72
CA CYS A 35 -7.29 4.25 -10.39
C CYS A 35 -6.86 2.78 -10.41
N ILE A 36 -6.92 2.15 -9.25
CA ILE A 36 -6.54 0.73 -9.13
C ILE A 36 -7.78 -0.15 -9.07
N SER A 37 -7.68 -1.34 -9.66
CA SER A 37 -8.79 -2.28 -9.67
C SER A 37 -8.33 -3.66 -9.21
N THR A 38 -9.29 -4.51 -8.84
CA THR A 38 -8.99 -5.86 -8.37
C THR A 38 -8.06 -6.58 -9.34
N LYS A 39 -8.18 -6.25 -10.63
CA LYS A 39 -7.36 -6.87 -11.65
C LYS A 39 -5.90 -6.44 -11.51
N GLU A 40 -5.68 -5.18 -11.17
CA GLU A 40 -4.34 -4.65 -11.00
C GLU A 40 -3.75 -5.10 -9.66
N LEU A 41 -4.62 -5.33 -8.69
CA LEU A 41 -4.19 -5.75 -7.36
C LEU A 41 -3.28 -6.97 -7.45
N GLY A 42 -3.79 -8.06 -8.01
CA GLY A 42 -3.01 -9.27 -8.15
C GLY A 42 -1.66 -9.02 -8.78
N LYS A 43 -1.64 -8.17 -9.81
CA LYS A 43 -0.40 -7.84 -10.49
C LYS A 43 0.67 -7.35 -9.51
N VAL A 44 0.22 -6.69 -8.44
CA VAL A 44 1.13 -6.18 -7.43
C VAL A 44 1.32 -7.20 -6.30
N MET A 45 0.30 -8.00 -6.04
CA MET A 45 0.37 -9.01 -5.00
C MET A 45 1.51 -9.99 -5.25
N ARG A 46 1.68 -10.38 -6.52
CA ARG A 46 2.72 -11.31 -6.90
C ARG A 46 4.10 -10.71 -6.62
N MET A 47 4.17 -9.39 -6.53
CA MET A 47 5.42 -8.70 -6.26
C MET A 47 5.73 -8.67 -4.76
N LEU A 48 4.69 -8.87 -3.95
CA LEU A 48 4.85 -8.87 -2.50
C LEU A 48 4.49 -10.23 -1.91
N GLY A 49 4.71 -11.29 -2.71
CA GLY A 49 4.40 -12.62 -2.25
C GLY A 49 3.01 -12.74 -1.68
N GLN A 50 2.01 -12.89 -2.56
CA GLN A 50 0.63 -13.02 -2.14
C GLN A 50 -0.25 -13.49 -3.29
N ASN A 51 -0.90 -14.64 -3.10
CA ASN A 51 -1.77 -15.20 -4.13
C ASN A 51 -3.19 -15.36 -3.61
N PRO A 52 -3.85 -14.21 -3.33
CA PRO A 52 -5.22 -14.19 -2.82
C PRO A 52 -6.23 -14.64 -3.88
N THR A 53 -7.51 -14.45 -3.58
CA THR A 53 -8.58 -14.82 -4.50
C THR A 53 -9.18 -13.59 -5.18
N PRO A 54 -9.88 -13.83 -6.29
CA PRO A 54 -10.52 -12.76 -7.07
C PRO A 54 -11.69 -12.12 -6.33
N GLU A 55 -12.05 -12.71 -5.19
CA GLU A 55 -13.16 -12.21 -4.39
C GLU A 55 -12.65 -11.50 -3.12
N GLU A 56 -11.39 -11.76 -2.78
CA GLU A 56 -10.79 -11.17 -1.59
C GLU A 56 -10.31 -9.75 -1.91
N LEU A 57 -9.85 -9.53 -3.13
CA LEU A 57 -9.36 -8.22 -3.55
C LEU A 57 -10.43 -7.15 -3.35
N GLN A 58 -11.70 -7.57 -3.41
CA GLN A 58 -12.81 -6.65 -3.24
C GLN A 58 -12.98 -6.26 -1.77
N GLU A 59 -12.36 -7.04 -0.89
CA GLU A 59 -12.44 -6.77 0.54
C GLU A 59 -11.42 -5.73 0.96
N MET A 60 -10.15 -5.97 0.63
CA MET A 60 -9.08 -5.05 0.98
C MET A 60 -9.22 -3.74 0.20
N ILE A 61 -10.08 -3.74 -0.80
CA ILE A 61 -10.31 -2.56 -1.62
C ILE A 61 -11.59 -1.83 -1.21
N ASP A 62 -12.56 -2.61 -0.71
CA ASP A 62 -13.83 -2.04 -0.28
C ASP A 62 -13.63 -1.07 0.88
N GLU A 63 -12.69 -1.40 1.77
CA GLU A 63 -12.41 -0.56 2.93
C GLU A 63 -11.66 0.70 2.50
N VAL A 64 -11.16 0.70 1.27
CA VAL A 64 -10.42 1.84 0.75
C VAL A 64 -10.98 2.29 -0.60
N ASP A 65 -12.27 2.04 -0.81
CA ASP A 65 -12.92 2.42 -2.05
C ASP A 65 -13.61 3.77 -1.92
N GLU A 66 -13.74 4.49 -3.04
CA GLU A 66 -14.37 5.80 -3.04
C GLU A 66 -15.74 5.74 -3.70
N ASP A 67 -15.84 4.96 -4.78
CA ASP A 67 -17.09 4.82 -5.51
C ASP A 67 -17.81 3.54 -5.09
N GLY A 68 -17.06 2.58 -4.58
CA GLY A 68 -17.64 1.32 -4.16
C GLY A 68 -17.75 0.32 -5.29
N SER A 69 -16.91 0.48 -6.31
CA SER A 69 -16.91 -0.41 -7.46
C SER A 69 -15.57 -1.13 -7.60
N GLY A 70 -15.14 -1.78 -6.52
CA GLY A 70 -13.87 -2.50 -6.55
C GLY A 70 -12.74 -1.63 -7.07
N THR A 71 -12.44 -0.55 -6.35
CA THR A 71 -11.38 0.36 -6.75
C THR A 71 -10.91 1.20 -5.57
N VAL A 72 -9.92 2.05 -5.81
CA VAL A 72 -9.38 2.92 -4.77
C VAL A 72 -8.77 4.18 -5.37
N ASP A 73 -9.08 5.32 -4.77
CA ASP A 73 -8.55 6.60 -5.24
C ASP A 73 -7.04 6.69 -5.03
N PHE A 74 -6.42 7.67 -5.66
CA PHE A 74 -4.98 7.85 -5.55
C PHE A 74 -4.61 8.38 -4.16
N ASP A 75 -5.56 9.03 -3.51
CA ASP A 75 -5.34 9.58 -2.18
C ASP A 75 -5.54 8.51 -1.11
N GLU A 76 -6.50 7.62 -1.35
CA GLU A 76 -6.79 6.54 -0.40
C GLU A 76 -5.59 5.63 -0.22
N PHE A 77 -4.65 5.71 -1.15
CA PHE A 77 -3.44 4.88 -1.10
C PHE A 77 -2.43 5.47 -0.13
N LEU A 78 -2.19 6.78 -0.25
CA LEU A 78 -1.23 7.46 0.61
C LEU A 78 -1.55 7.21 2.08
N VAL A 79 -2.84 7.24 2.42
CA VAL A 79 -3.28 7.02 3.79
C VAL A 79 -3.19 5.54 4.16
N MET A 80 -3.41 4.67 3.17
CA MET A 80 -3.35 3.23 3.39
C MET A 80 -2.00 2.82 4.00
N MET A 81 -0.94 3.54 3.62
CA MET A 81 0.38 3.26 4.13
C MET A 81 0.52 3.69 5.59
N VAL A 82 0.33 4.98 5.84
CA VAL A 82 0.43 5.52 7.19
C VAL A 82 -0.50 4.78 8.14
N ARG A 83 -1.73 4.55 7.69
CA ARG A 83 -2.72 3.85 8.50
C ARG A 83 -2.31 2.39 8.74
N CYS A 84 -1.56 1.84 7.80
CA CYS A 84 -1.10 0.47 7.90
C CYS A 84 -0.05 0.32 9.01
N MET A 85 0.96 1.18 8.98
CA MET A 85 2.02 1.15 9.97
C MET A 85 1.44 1.13 11.38
N LYS A 86 0.37 1.90 11.59
CA LYS A 86 -0.29 1.97 12.89
C LYS A 86 -1.18 0.76 13.12
N ASP A 87 -2.03 0.46 12.14
CA ASP A 87 -2.93 -0.67 12.24
C ASP A 87 -2.20 -1.98 11.97
N ASP A 88 -1.91 -2.72 13.04
CA ASP A 88 -1.21 -3.99 12.92
C ASP A 88 -1.88 -4.89 11.88
N SER A 89 -3.19 -4.74 11.72
CA SER A 89 -3.95 -5.53 10.76
C SER A 89 -5.18 -4.78 10.29
N LYS A 90 -5.28 -4.58 8.97
CA LYS A 90 -6.41 -3.88 8.38
C LYS A 90 -7.42 -4.87 7.81
N GLY A 91 -6.94 -6.04 7.39
CA GLY A 91 -7.82 -7.05 6.84
C GLY A 91 -8.76 -7.63 7.87
N ALA A 92 -8.20 -8.37 8.83
CA ALA A 92 -9.00 -8.98 9.87
C ALA A 92 -10.08 -9.88 9.28
N GLY A 93 -9.78 -11.17 9.17
CA GLY A 93 -10.73 -12.11 8.61
C GLY A 93 -10.22 -12.79 7.36
N ALA A 94 -8.91 -12.96 7.28
CA ALA A 94 -8.29 -13.59 6.11
C ALA A 94 -7.15 -14.53 6.54
N GLY A 95 -6.49 -15.12 5.56
CA GLY A 95 -5.39 -16.03 5.85
C GLY A 95 -4.21 -15.32 6.49
N VAL A 96 -3.91 -14.12 6.00
CA VAL A 96 -2.80 -13.33 6.52
C VAL A 96 -3.11 -11.85 6.48
N ARG A 97 -2.08 -11.03 6.64
CA ARG A 97 -2.24 -9.58 6.63
C ARG A 97 -1.09 -8.90 5.88
N ILE A 98 -1.40 -8.21 4.80
CA ILE A 98 -0.40 -7.53 4.00
C ILE A 98 0.17 -6.32 4.76
N SER A 99 1.46 -6.07 4.56
CA SER A 99 2.12 -4.95 5.22
C SER A 99 2.39 -3.82 4.24
N ALA A 100 2.65 -2.63 4.76
CA ALA A 100 2.93 -1.47 3.92
C ALA A 100 4.28 -1.61 3.23
N ASP A 101 5.33 -1.86 4.01
CA ASP A 101 6.66 -2.01 3.46
C ASP A 101 6.68 -3.07 2.36
N ALA A 102 5.81 -4.05 2.47
CA ALA A 102 5.72 -5.12 1.48
C ALA A 102 5.14 -4.60 0.16
N MET A 103 4.28 -3.60 0.26
CA MET A 103 3.65 -3.02 -0.92
C MET A 103 4.58 -2.01 -1.59
N MET A 104 5.41 -1.35 -0.78
CA MET A 104 6.34 -0.36 -1.28
C MET A 104 7.54 -1.03 -1.95
N GLN A 105 8.23 -1.88 -1.21
CA GLN A 105 9.39 -2.58 -1.74
C GLN A 105 9.05 -3.29 -3.05
N ALA A 106 7.80 -3.70 -3.19
CA ALA A 106 7.35 -4.39 -4.39
C ALA A 106 7.08 -3.39 -5.52
N LEU A 107 6.34 -2.33 -5.20
CA LEU A 107 6.01 -1.30 -6.17
C LEU A 107 7.28 -0.72 -6.81
N LEU A 108 8.17 -0.23 -5.97
CA LEU A 108 9.43 0.34 -6.46
C LEU A 108 10.64 -0.37 -5.83
N GLY A 109 10.81 -0.18 -4.53
CA GLY A 109 11.93 -0.81 -3.85
C GLY A 109 13.24 -0.63 -4.58
N ALA A 110 13.44 0.55 -5.14
CA ALA A 110 14.67 0.86 -5.86
C ALA A 110 15.02 2.34 -5.75
N ARG A 111 14.43 3.02 -4.77
CA ARG A 111 14.69 4.43 -4.56
C ARG A 111 15.40 4.66 -3.23
N ALA A 112 14.66 4.48 -2.13
CA ALA A 112 15.22 4.67 -0.80
C ALA A 112 14.18 4.42 0.28
N LYS A 113 14.50 3.53 1.22
CA LYS A 113 13.58 3.21 2.30
C LYS A 113 14.33 3.06 3.63
N GLU A 114 15.50 3.68 3.70
CA GLU A 114 16.32 3.61 4.91
C GLU A 114 16.53 5.00 5.50
N SER A 115 16.17 6.03 4.73
CA SER A 115 16.32 7.41 5.18
C SER A 115 15.72 7.60 6.56
N LEU A 116 14.53 7.06 6.76
CA LEU A 116 13.85 7.17 8.06
C LEU A 116 13.73 5.81 8.73
N ASP A 117 14.17 4.77 8.02
CA ASP A 117 14.11 3.41 8.55
C ASP A 117 12.66 2.91 8.63
N LEU A 118 12.06 2.71 7.46
CA LEU A 118 10.69 2.23 7.39
C LEU A 118 10.62 0.73 7.65
N ARG A 119 11.68 0.02 7.27
CA ARG A 119 11.73 -1.43 7.47
C ARG A 119 11.90 -1.77 8.94
N ALA A 120 12.17 -0.75 9.76
CA ALA A 120 12.36 -0.94 11.18
C ALA A 120 11.04 -1.28 11.87
N HIS A 121 9.94 -1.14 11.13
CA HIS A 121 8.62 -1.44 11.66
C HIS A 121 8.45 -2.92 11.91
N LEU A 122 9.38 -3.72 11.39
CA LEU A 122 9.34 -5.17 11.57
C LEU A 122 10.63 -5.68 12.18
N LYS A 123 11.12 -4.98 13.19
CA LYS A 123 12.36 -5.37 13.87
C LYS A 123 12.29 -6.83 14.31
N GLN A 124 12.95 -7.69 13.56
CA GLN A 124 12.97 -9.12 13.88
C GLN A 124 13.90 -9.87 12.94
N VAL A 125 13.85 -11.20 12.99
CA VAL A 125 14.69 -12.03 12.14
C VAL A 125 14.49 -11.70 10.67
N LYS A 126 15.60 -11.61 9.94
CA LYS A 126 15.54 -11.29 8.51
C LYS A 126 16.69 -11.97 7.76
N LYS A 127 16.83 -11.64 6.49
CA LYS A 127 17.88 -12.22 5.66
C LYS A 127 18.65 -11.12 4.91
N GLU A 128 19.94 -11.35 4.69
CA GLU A 128 20.78 -10.38 3.98
C GLU A 128 20.64 -10.54 2.47
N ASP A 129 21.22 -9.60 1.73
CA ASP A 129 21.16 -9.63 0.28
C ASP A 129 22.02 -8.52 -0.32
C5 C9W B . -7.47 -7.40 3.68
C8 C9W B . -5.44 -6.68 4.33
C1 C9W B . -8.91 -7.25 3.32
C15 C9W B . -4.77 -11.10 3.28
C11 C9W B . -6.65 -8.52 3.70
C19 C9W B . -3.97 -11.01 0.83
C18 C9W B . -4.68 -11.81 1.92
C23 C9W B . -6.23 -11.72 1.86
C26 C9W B . -4.17 -13.17 1.98
C C9W B . -3.04 -3.06 -1.34
C01 C9W B . -5.57 -2.21 -0.51
C02 C9W B . -5.18 -2.07 -1.86
C03 C9W B . -3.92 -2.50 -2.27
N6 C9W B . -6.73 -6.31 4.06
C9 C9W B . -5.37 -8.04 4.13
C12 C9W B . -7.07 -9.88 3.40
O13 C9W B . -8.26 -10.22 3.52
N14 C9W B . -6.13 -10.76 2.94
N27 C9W B . -3.75 -14.26 2.04
S28 C9W B . -4.27 -5.46 4.86
O29 C9W B . -4.63 -5.21 6.23
O30 C9W B . -2.99 -6.05 4.52
N31 C9W B . -4.44 -4.01 4.01
C33 C9W B . -4.21 -4.00 2.54
C35 C9W B . -2.76 -3.65 2.23
O38 C9W B . -2.48 -3.75 0.82
C41 C9W B . -3.41 -3.18 -0.01
C42 C9W B . -4.69 -2.78 0.42
C43 C9W B . -5.12 -2.96 1.85
O45 C9W B . -5.03 -1.70 2.53
CL C9W B . -6.28 -1.39 -2.99
F C9W B . -3.54 -2.39 -3.56
H11 C9W B . -9.53 -7.91 3.94
H12 C9W B . -9.09 -7.52 2.27
H13 C9W B . -9.24 -6.22 3.48
H16 C9W B . -4.11 -10.24 3.41
H17 C9W B . -4.69 -11.75 4.17
H20 C9W B . -4.29 -9.95 0.83
H21 C9W B . -4.18 -11.41 -0.17
H22 C9W B . -2.88 -11.01 0.98
H24 C9W B . -6.78 -12.63 2.14
H25 C9W B . -6.64 -11.31 0.93
H C9W B . -2.06 -3.40 -1.68
H04 C9W B . -6.56 -1.88 -0.21
H7 C9W B . -7.08 -5.36 4.12
H10 C9W B . -4.47 -8.64 4.31
H1 C9W B . -5.20 -3.40 4.33
H33 C9W B . -4.45 -4.99 2.11
H51 C9W B . -2.09 -4.34 2.73
H52 C9W B . -2.50 -2.64 2.58
H44 C9W B . -6.16 -3.30 1.91
H45 C9W B . -4.09 -1.41 2.49
N GLY A 1 -11.79 9.74 11.71
CA GLY A 1 -10.54 10.35 12.14
C GLY A 1 -9.41 10.11 11.18
N ASP A 2 -9.26 10.99 10.20
CA ASP A 2 -8.20 10.86 9.20
C ASP A 2 -7.20 12.00 9.33
N ASP A 3 -6.71 12.23 10.55
CA ASP A 3 -5.75 13.30 10.80
C ASP A 3 -4.37 12.92 10.27
N ILE A 4 -3.82 11.82 10.80
CA ILE A 4 -2.51 11.35 10.38
C ILE A 4 -2.54 10.78 8.97
N TYR A 5 -3.72 10.34 8.54
CA TYR A 5 -3.90 9.77 7.22
C TYR A 5 -3.74 10.84 6.14
N LYS A 6 -4.49 11.92 6.28
CA LYS A 6 -4.43 13.02 5.32
C LYS A 6 -3.16 13.85 5.52
N ALA A 7 -2.73 13.98 6.77
CA ALA A 7 -1.54 14.74 7.10
C ALA A 7 -0.28 13.90 6.93
N ALA A 8 -0.46 12.67 6.45
CA ALA A 8 0.65 11.76 6.24
C ALA A 8 1.71 12.39 5.34
N VAL A 9 1.30 13.36 4.53
CA VAL A 9 2.21 14.04 3.62
C VAL A 9 3.45 14.53 4.37
N GLU A 10 3.26 14.99 5.60
CA GLU A 10 4.36 15.49 6.41
C GLU A 10 4.95 14.37 7.26
N GLN A 11 4.18 13.30 7.45
CA GLN A 11 4.63 12.17 8.24
C GLN A 11 5.55 11.27 7.44
N LEU A 12 5.39 11.29 6.12
CA LEU A 12 6.22 10.48 5.23
C LEU A 12 7.68 10.94 5.25
N THR A 13 8.59 10.03 4.97
CA THR A 13 10.01 10.35 4.95
C THR A 13 10.34 11.32 3.82
N GLU A 14 11.63 11.55 3.60
CA GLU A 14 12.07 12.46 2.55
C GLU A 14 11.92 11.82 1.18
N GLU A 15 12.13 10.51 1.11
CA GLU A 15 12.01 9.78 -0.15
C GLU A 15 10.61 9.19 -0.31
N GLN A 16 9.98 8.89 0.82
CA GLN A 16 8.64 8.32 0.80
C GLN A 16 7.63 9.30 0.20
N LYS A 17 7.67 10.54 0.67
CA LYS A 17 6.77 11.58 0.18
C LYS A 17 6.91 11.75 -1.33
N ASN A 18 8.05 11.34 -1.86
CA ASN A 18 8.30 11.44 -3.30
C ASN A 18 8.06 10.11 -3.99
N GLU A 19 8.06 9.03 -3.23
CA GLU A 19 7.84 7.70 -3.77
C GLU A 19 6.34 7.42 -3.91
N PHE A 20 5.53 8.17 -3.17
CA PHE A 20 4.09 8.00 -3.21
C PHE A 20 3.55 8.22 -4.62
N LYS A 21 4.35 8.89 -5.45
CA LYS A 21 3.95 9.17 -6.83
C LYS A 21 4.22 7.98 -7.72
N ALA A 22 5.49 7.57 -7.82
CA ALA A 22 5.88 6.44 -8.64
C ALA A 22 5.26 5.15 -8.12
N ALA A 23 5.19 5.03 -6.80
CA ALA A 23 4.61 3.84 -6.18
C ALA A 23 3.24 3.52 -6.76
N PHE A 24 2.27 4.38 -6.50
CA PHE A 24 0.91 4.20 -7.00
C PHE A 24 0.88 4.25 -8.52
N ASP A 25 1.72 5.11 -9.09
CA ASP A 25 1.79 5.26 -10.55
C ASP A 25 2.04 3.92 -11.22
N ILE A 26 2.80 3.05 -10.56
CA ILE A 26 3.11 1.74 -11.09
C ILE A 26 1.90 0.81 -10.99
N PHE A 27 1.04 1.07 -10.02
CA PHE A 27 -0.16 0.26 -9.81
C PHE A 27 -1.15 0.45 -10.95
N VAL A 28 -1.42 1.71 -11.29
CA VAL A 28 -2.35 2.03 -12.37
C VAL A 28 -1.62 2.17 -13.71
N LEU A 29 -0.37 1.70 -13.74
CA LEU A 29 0.43 1.77 -14.95
C LEU A 29 -0.29 1.13 -16.13
N GLY A 30 -0.84 1.96 -17.01
CA GLY A 30 -1.55 1.44 -18.17
C GLY A 30 -3.05 1.35 -17.94
N ALA A 31 -3.54 2.15 -16.99
CA ALA A 31 -4.96 2.14 -16.67
C ALA A 31 -5.68 3.31 -17.36
N GLU A 32 -6.86 3.03 -17.90
CA GLU A 32 -7.64 4.06 -18.58
C GLU A 32 -8.47 4.87 -17.59
N ASP A 33 -8.77 4.27 -16.45
CA ASP A 33 -9.56 4.93 -15.41
C ASP A 33 -8.67 5.80 -14.53
N GLY A 34 -7.39 5.45 -14.46
CA GLY A 34 -6.46 6.21 -13.65
C GLY A 34 -6.43 5.75 -12.21
N CYS A 35 -7.25 4.76 -11.89
CA CYS A 35 -7.33 4.22 -10.53
C CYS A 35 -6.91 2.76 -10.51
N ILE A 36 -6.97 2.15 -9.31
CA ILE A 36 -6.60 0.75 -9.16
C ILE A 36 -7.83 -0.14 -9.06
N SER A 37 -7.74 -1.33 -9.63
CA SER A 37 -8.86 -2.28 -9.62
C SER A 37 -8.40 -3.65 -9.13
N THR A 38 -9.36 -4.51 -8.83
CA THR A 38 -9.06 -5.86 -8.36
C THR A 38 -8.07 -6.57 -9.30
N LYS A 39 -8.11 -6.19 -10.57
CA LYS A 39 -7.22 -6.79 -11.56
C LYS A 39 -5.78 -6.37 -11.31
N GLU A 40 -5.57 -5.08 -11.10
CA GLU A 40 -4.23 -4.54 -10.85
C GLU A 40 -3.69 -5.06 -9.52
N LEU A 41 -4.59 -5.36 -8.59
CA LEU A 41 -4.20 -5.86 -7.27
C LEU A 41 -3.31 -7.08 -7.40
N GLY A 42 -3.86 -8.15 -7.99
CA GLY A 42 -3.10 -9.37 -8.16
C GLY A 42 -1.73 -9.13 -8.78
N LYS A 43 -1.69 -8.24 -9.76
CA LYS A 43 -0.44 -7.91 -10.44
C LYS A 43 0.62 -7.46 -9.44
N VAL A 44 0.17 -6.83 -8.36
CA VAL A 44 1.08 -6.35 -7.32
C VAL A 44 1.26 -7.39 -6.22
N MET A 45 0.19 -8.12 -5.93
CA MET A 45 0.22 -9.14 -4.89
C MET A 45 1.41 -10.08 -5.09
N ARG A 46 1.75 -10.34 -6.34
CA ARG A 46 2.87 -11.23 -6.67
C ARG A 46 4.18 -10.61 -6.22
N MET A 47 4.29 -9.29 -6.33
CA MET A 47 5.51 -8.59 -5.94
C MET A 47 5.75 -8.71 -4.44
N LEU A 48 4.68 -9.01 -3.71
CA LEU A 48 4.78 -9.16 -2.26
C LEU A 48 4.53 -10.61 -1.84
N GLY A 49 4.69 -11.53 -2.79
CA GLY A 49 4.47 -12.93 -2.51
C GLY A 49 3.13 -13.19 -1.86
N GLN A 50 2.06 -12.97 -2.63
CA GLN A 50 0.70 -13.18 -2.12
C GLN A 50 -0.19 -13.77 -3.22
N ASN A 51 -0.99 -14.77 -2.84
CA ASN A 51 -1.88 -15.43 -3.79
C ASN A 51 -3.31 -15.43 -3.26
N PRO A 52 -3.92 -14.23 -3.17
CA PRO A 52 -5.28 -14.07 -2.67
C PRO A 52 -6.31 -14.61 -3.65
N THR A 53 -7.58 -14.29 -3.41
CA THR A 53 -8.67 -14.74 -4.28
C THR A 53 -9.29 -13.58 -5.05
N PRO A 54 -9.98 -13.91 -6.14
CA PRO A 54 -10.65 -12.91 -6.99
C PRO A 54 -11.84 -12.25 -6.29
N GLU A 55 -12.20 -12.80 -5.14
CA GLU A 55 -13.34 -12.27 -4.38
C GLU A 55 -12.86 -11.56 -3.12
N GLU A 56 -11.62 -11.85 -2.71
CA GLU A 56 -11.05 -11.23 -1.52
C GLU A 56 -10.49 -9.85 -1.83
N LEU A 57 -10.02 -9.67 -3.07
CA LEU A 57 -9.46 -8.40 -3.50
C LEU A 57 -10.47 -7.26 -3.30
N GLN A 58 -11.76 -7.59 -3.42
CA GLN A 58 -12.82 -6.61 -3.26
C GLN A 58 -12.95 -6.19 -1.80
N GLU A 59 -12.45 -7.03 -0.90
CA GLU A 59 -12.52 -6.75 0.53
C GLU A 59 -11.49 -5.69 0.92
N MET A 60 -10.24 -5.92 0.54
CA MET A 60 -9.16 -4.99 0.85
C MET A 60 -9.31 -3.69 0.06
N ILE A 61 -10.20 -3.71 -0.92
CA ILE A 61 -10.44 -2.54 -1.76
C ILE A 61 -11.72 -1.82 -1.33
N ASP A 62 -12.69 -2.58 -0.86
CA ASP A 62 -13.96 -2.01 -0.42
C ASP A 62 -13.75 -1.03 0.74
N GLU A 63 -12.86 -1.39 1.65
CA GLU A 63 -12.56 -0.56 2.80
C GLU A 63 -11.80 0.71 2.38
N VAL A 64 -11.34 0.71 1.13
CA VAL A 64 -10.60 1.85 0.61
C VAL A 64 -11.16 2.29 -0.74
N ASP A 65 -12.44 2.03 -0.96
CA ASP A 65 -13.09 2.41 -2.20
C ASP A 65 -13.83 3.73 -2.07
N GLU A 66 -13.88 4.50 -3.15
CA GLU A 66 -14.55 5.79 -3.14
C GLU A 66 -15.77 5.79 -4.07
N ASP A 67 -15.68 5.00 -5.14
CA ASP A 67 -16.76 4.90 -6.10
C ASP A 67 -17.71 3.75 -5.74
N GLY A 68 -17.16 2.71 -5.15
CA GLY A 68 -17.96 1.56 -4.76
C GLY A 68 -18.03 0.51 -5.85
N SER A 69 -17.04 0.51 -6.74
CA SER A 69 -17.00 -0.44 -7.84
C SER A 69 -15.65 -1.15 -7.88
N GLY A 70 -15.28 -1.77 -6.76
CA GLY A 70 -14.02 -2.48 -6.69
C GLY A 70 -12.86 -1.66 -7.19
N THR A 71 -12.58 -0.55 -6.49
CA THR A 71 -11.48 0.34 -6.87
C THR A 71 -11.05 1.20 -5.69
N VAL A 72 -10.05 2.06 -5.92
CA VAL A 72 -9.55 2.94 -4.88
C VAL A 72 -8.94 4.20 -5.47
N ASP A 73 -9.18 5.33 -4.83
CA ASP A 73 -8.66 6.61 -5.30
C ASP A 73 -7.16 6.69 -5.07
N PHE A 74 -6.52 7.66 -5.72
CA PHE A 74 -5.08 7.86 -5.58
C PHE A 74 -4.73 8.40 -4.19
N ASP A 75 -5.69 9.05 -3.56
CA ASP A 75 -5.49 9.61 -2.23
C ASP A 75 -5.71 8.56 -1.15
N GLU A 76 -6.62 7.63 -1.43
CA GLU A 76 -6.93 6.56 -0.48
C GLU A 76 -5.74 5.62 -0.31
N PHE A 77 -4.77 5.74 -1.19
CA PHE A 77 -3.57 4.91 -1.13
C PHE A 77 -2.53 5.49 -0.18
N LEU A 78 -2.25 6.78 -0.34
CA LEU A 78 -1.28 7.47 0.50
C LEU A 78 -1.54 7.18 1.98
N VAL A 79 -2.82 7.14 2.35
CA VAL A 79 -3.20 6.86 3.73
C VAL A 79 -3.07 5.38 4.06
N MET A 80 -3.36 4.53 3.08
CA MET A 80 -3.27 3.09 3.25
C MET A 80 -1.87 2.69 3.73
N MET A 81 -0.88 3.51 3.38
CA MET A 81 0.50 3.23 3.77
C MET A 81 0.77 3.75 5.19
N VAL A 82 0.53 5.04 5.41
CA VAL A 82 0.75 5.65 6.71
C VAL A 82 -0.09 4.96 7.79
N ARG A 83 -1.25 4.46 7.38
CA ARG A 83 -2.16 3.79 8.32
C ARG A 83 -1.71 2.35 8.56
N CYS A 84 -0.96 1.80 7.61
CA CYS A 84 -0.47 0.43 7.74
C CYS A 84 0.65 0.34 8.77
N MET A 85 1.49 1.37 8.82
CA MET A 85 2.59 1.41 9.77
C MET A 85 2.10 1.17 11.19
N LYS A 86 0.99 1.82 11.56
CA LYS A 86 0.42 1.67 12.88
C LYS A 86 -0.60 0.52 12.91
N ASP A 87 -1.24 0.29 11.77
CA ASP A 87 -2.24 -0.78 11.67
C ASP A 87 -1.76 -1.86 10.72
N ASP A 88 -0.71 -2.58 11.11
CA ASP A 88 -0.16 -3.66 10.30
C ASP A 88 -1.25 -4.62 9.86
N SER A 89 -2.30 -4.73 10.67
CA SER A 89 -3.41 -5.62 10.38
C SER A 89 -4.71 -4.85 10.21
N LYS A 90 -5.11 -4.62 8.96
CA LYS A 90 -6.33 -3.88 8.67
C LYS A 90 -7.38 -4.80 8.02
N GLY A 91 -6.91 -5.89 7.43
CA GLY A 91 -7.82 -6.82 6.79
C GLY A 91 -8.80 -7.43 7.77
N ALA A 92 -8.28 -8.16 8.76
CA ALA A 92 -9.14 -8.79 9.76
C ALA A 92 -10.18 -9.69 9.11
N GLY A 93 -9.83 -10.97 8.96
CA GLY A 93 -10.76 -11.91 8.34
C GLY A 93 -10.16 -12.61 7.14
N ALA A 94 -8.84 -12.77 7.14
CA ALA A 94 -8.15 -13.43 6.04
C ALA A 94 -7.02 -14.31 6.54
N GLY A 95 -6.30 -14.93 5.60
CA GLY A 95 -5.20 -15.80 5.98
C GLY A 95 -4.05 -15.04 6.61
N VAL A 96 -3.78 -13.85 6.10
CA VAL A 96 -2.70 -13.02 6.61
C VAL A 96 -3.05 -11.54 6.54
N ARG A 97 -2.05 -10.68 6.69
CA ARG A 97 -2.25 -9.24 6.65
C ARG A 97 -1.11 -8.55 5.92
N ILE A 98 -1.42 -7.90 4.81
CA ILE A 98 -0.42 -7.19 4.02
C ILE A 98 0.07 -5.95 4.74
N SER A 99 1.36 -5.65 4.59
CA SER A 99 1.95 -4.48 5.23
C SER A 99 2.27 -3.41 4.20
N ALA A 100 2.45 -2.17 4.68
CA ALA A 100 2.76 -1.05 3.80
C ALA A 100 4.11 -1.25 3.12
N ASP A 101 5.16 -1.35 3.93
CA ASP A 101 6.52 -1.54 3.41
C ASP A 101 6.56 -2.70 2.43
N ALA A 102 5.84 -3.77 2.76
CA ALA A 102 5.79 -4.96 1.90
C ALA A 102 5.27 -4.61 0.51
N MET A 103 4.42 -3.59 0.44
CA MET A 103 3.84 -3.16 -0.82
C MET A 103 4.77 -2.17 -1.53
N MET A 104 5.40 -1.29 -0.76
CA MET A 104 6.31 -0.30 -1.31
C MET A 104 7.51 -0.97 -1.97
N GLN A 105 8.26 -1.74 -1.18
CA GLN A 105 9.45 -2.43 -1.69
C GLN A 105 9.10 -3.21 -2.95
N ALA A 106 7.86 -3.68 -3.04
CA ALA A 106 7.42 -4.45 -4.19
C ALA A 106 7.12 -3.54 -5.38
N LEU A 107 6.53 -2.38 -5.10
CA LEU A 107 6.18 -1.43 -6.13
C LEU A 107 7.44 -0.85 -6.79
N LEU A 108 8.23 -0.12 -6.00
CA LEU A 108 9.46 0.47 -6.50
C LEU A 108 10.68 -0.26 -5.96
N GLY A 109 10.90 -0.14 -4.65
CA GLY A 109 12.03 -0.80 -4.04
C GLY A 109 13.33 -0.53 -4.75
N ALA A 110 13.68 0.75 -4.88
CA ALA A 110 14.91 1.14 -5.56
C ALA A 110 15.32 2.56 -5.17
N ARG A 111 14.36 3.47 -5.18
CA ARG A 111 14.62 4.86 -4.84
C ARG A 111 15.35 4.96 -3.50
N ALA A 112 14.61 4.79 -2.41
CA ALA A 112 15.18 4.86 -1.07
C ALA A 112 14.10 4.67 0.00
N LYS A 113 14.39 3.82 0.97
CA LYS A 113 13.45 3.55 2.05
C LYS A 113 14.18 3.40 3.39
N GLU A 114 15.38 3.97 3.46
CA GLU A 114 16.18 3.90 4.68
C GLU A 114 16.50 5.30 5.20
N SER A 115 16.16 6.31 4.40
CA SER A 115 16.43 7.69 4.77
C SER A 115 15.91 7.98 6.19
N LEU A 116 14.79 7.37 6.53
CA LEU A 116 14.19 7.56 7.85
C LEU A 116 14.08 6.23 8.59
N ASP A 117 14.34 5.13 7.88
CA ASP A 117 14.28 3.80 8.47
C ASP A 117 12.83 3.39 8.74
N LEU A 118 12.09 3.16 7.67
CA LEU A 118 10.68 2.76 7.78
C LEU A 118 10.56 1.32 8.23
N ARG A 119 11.66 0.57 8.11
CA ARG A 119 11.68 -0.83 8.51
C ARG A 119 11.97 -0.96 10.00
N ALA A 120 11.94 0.15 10.72
CA ALA A 120 12.20 0.15 12.15
C ALA A 120 10.90 0.23 12.95
N HIS A 121 9.83 0.60 12.28
CA HIS A 121 8.52 0.71 12.93
C HIS A 121 7.79 -0.63 12.89
N LEU A 122 8.09 -1.44 11.88
CA LEU A 122 7.45 -2.74 11.74
C LEU A 122 8.48 -3.87 11.88
N LYS A 123 9.75 -3.52 11.74
CA LYS A 123 10.83 -4.50 11.84
C LYS A 123 10.66 -5.61 10.82
N GLN A 124 10.80 -5.26 9.54
CA GLN A 124 10.66 -6.23 8.46
C GLN A 124 11.98 -6.96 8.22
N VAL A 125 12.01 -7.78 7.17
CA VAL A 125 13.21 -8.52 6.81
C VAL A 125 14.24 -7.63 6.14
N LYS A 126 15.52 -7.97 6.31
CA LYS A 126 16.61 -7.20 5.71
C LYS A 126 16.39 -7.04 4.21
N LYS A 127 17.25 -6.24 3.57
CA LYS A 127 17.16 -6.00 2.14
C LYS A 127 18.50 -5.54 1.58
N GLU A 128 18.73 -5.80 0.30
CA GLU A 128 19.96 -5.41 -0.35
C GLU A 128 20.13 -3.89 -0.36
N ASP A 129 19.03 -3.19 -0.11
CA ASP A 129 19.05 -1.73 -0.09
C ASP A 129 18.06 -1.19 0.95
C5 C9W B . -7.51 -7.19 3.64
C8 C9W B . -5.49 -6.43 4.27
C1 C9W B . -8.96 -7.07 3.28
C15 C9W B . -4.77 -10.86 3.32
C11 C9W B . -6.68 -8.29 3.69
C19 C9W B . -3.99 -10.81 0.86
C18 C9W B . -4.68 -11.61 1.96
C23 C9W B . -6.22 -11.53 1.91
C26 C9W B . -4.14 -12.95 2.06
C C9W B . -3.18 -3.13 -1.59
C01 C9W B . -5.68 -2.22 -0.77
C02 C9W B . -5.33 -2.17 -2.11
C03 C9W B . -4.07 -2.63 -2.53
N6 C9W B . -6.79 -6.07 3.99
C9 C9W B . -5.41 -7.80 4.11
C12 C9W B . -7.10 -9.67 3.41
O13 C9W B . -8.27 -10.02 3.56
N14 C9W B . -6.15 -10.55 2.98
N27 C9W B . -3.72 -14.03 2.14
S28 C9W B . -4.34 -5.19 4.75
O29 C9W B . -4.73 -4.85 6.11
O30 C9W B . -3.05 -5.77 4.48
N31 C9W B . -4.49 -3.77 3.84
C33 C9W B . -4.29 -3.85 2.36
C35 C9W B . -2.84 -3.52 2.01
O38 C9W B . -2.58 -3.70 0.61
C41 C9W B . -3.53 -3.18 -0.23
C42 C9W B . -4.80 -2.74 0.18
C43 C9W B . -5.20 -2.85 1.64
O45 C9W B . -5.09 -1.54 2.24
CL C9W B . -6.43 -1.53 -3.27
F C9W B . -3.72 -2.59 -3.82
H11 C9W B . -9.30 -6.04 3.42
H12 C9W B . -9.58 -7.71 3.92
H13 C9W B . -9.12 -7.35 2.23
H16 C9W B . -4.12 -9.98 3.42
H17 C9W B . -4.68 -11.49 4.22
H20 C9W B . -4.25 -9.75 0.90
H21 C9W B . -4.26 -11.18 -0.13
H22 C9W B . -2.89 -10.88 0.95
H24 C9W B . -6.76 -12.44 2.22
H25 C9W B . -6.64 -11.15 0.98
H C9W B . -2.21 -3.49 -1.92
H04 C9W B . -6.67 -1.87 -0.46
H7 C9W B . -7.16 -5.13 4.03
H10 C9W B . -4.50 -8.37 4.29
H1 C9W B . -5.23 -3.13 4.14
H33 C9W B . -4.53 -4.85 1.99
H51 C9W B . -2.15 -4.19 2.54
H52 C9W B . -2.57 -2.49 2.29
H44 C9W B . -6.24 -3.17 1.72
H45 C9W B . -5.92 -1.39 2.74
N GLY A 1 -12.44 10.90 10.81
CA GLY A 1 -11.25 11.40 11.47
C GLY A 1 -9.97 10.94 10.79
N ASP A 2 -9.50 11.73 9.83
CA ASP A 2 -8.28 11.40 9.11
C ASP A 2 -7.24 12.51 9.25
N ASP A 3 -6.71 12.67 10.45
CA ASP A 3 -5.71 13.70 10.70
C ASP A 3 -4.33 13.24 10.25
N ILE A 4 -3.87 12.13 10.79
CA ILE A 4 -2.57 11.59 10.44
C ILE A 4 -2.57 11.00 9.03
N TYR A 5 -3.75 10.61 8.57
CA TYR A 5 -3.90 10.02 7.24
C TYR A 5 -3.64 11.07 6.16
N LYS A 6 -4.33 12.21 6.26
CA LYS A 6 -4.17 13.28 5.30
C LYS A 6 -2.87 14.05 5.54
N ALA A 7 -2.48 14.17 6.80
CA ALA A 7 -1.26 14.86 7.16
C ALA A 7 -0.04 13.96 6.96
N ALA A 8 -0.28 12.73 6.52
CA ALA A 8 0.80 11.78 6.29
C ALA A 8 1.85 12.35 5.35
N VAL A 9 1.43 13.30 4.51
CA VAL A 9 2.34 13.93 3.55
C VAL A 9 3.61 14.41 4.24
N GLU A 10 3.46 14.94 5.45
CA GLU A 10 4.61 15.43 6.21
C GLU A 10 5.19 14.33 7.09
N GLN A 11 4.40 13.29 7.34
CA GLN A 11 4.83 12.18 8.17
C GLN A 11 5.73 11.22 7.37
N LEU A 12 5.52 11.19 6.05
CA LEU A 12 6.31 10.32 5.19
C LEU A 12 7.79 10.69 5.24
N THR A 13 8.63 9.77 4.79
CA THR A 13 10.07 9.99 4.79
C THR A 13 10.47 10.95 3.68
N GLU A 14 11.78 11.09 3.47
CA GLU A 14 12.30 11.99 2.44
C GLU A 14 12.09 11.39 1.04
N GLU A 15 12.22 10.08 0.95
CA GLU A 15 12.05 9.38 -0.32
C GLU A 15 10.61 8.90 -0.49
N GLN A 16 10.03 8.44 0.60
CA GLN A 16 8.65 7.95 0.57
C GLN A 16 7.70 8.99 0.00
N LYS A 17 7.80 10.21 0.51
CA LYS A 17 6.95 11.31 0.04
C LYS A 17 7.07 11.48 -1.47
N ASN A 18 8.20 11.04 -2.02
CA ASN A 18 8.44 11.15 -3.45
C ASN A 18 8.12 9.83 -4.16
N GLU A 19 8.05 8.76 -3.39
CA GLU A 19 7.76 7.44 -3.94
C GLU A 19 6.25 7.23 -4.06
N PHE A 20 5.48 8.01 -3.32
CA PHE A 20 4.04 7.91 -3.35
C PHE A 20 3.49 8.22 -4.74
N LYS A 21 4.33 8.84 -5.57
CA LYS A 21 3.93 9.18 -6.94
C LYS A 21 4.14 8.00 -7.87
N ALA A 22 5.37 7.49 -7.92
CA ALA A 22 5.69 6.36 -8.79
C ALA A 22 5.04 5.08 -8.28
N ALA A 23 5.05 4.91 -6.96
CA ALA A 23 4.46 3.72 -6.35
C ALA A 23 3.05 3.49 -6.87
N PHE A 24 2.14 4.39 -6.50
CA PHE A 24 0.74 4.28 -6.92
C PHE A 24 0.63 4.36 -8.45
N ASP A 25 1.61 4.99 -9.07
CA ASP A 25 1.62 5.12 -10.53
C ASP A 25 1.84 3.78 -11.20
N ILE A 26 2.60 2.91 -10.53
CA ILE A 26 2.90 1.59 -11.06
C ILE A 26 1.70 0.65 -10.89
N PHE A 27 0.95 0.84 -9.81
CA PHE A 27 -0.21 0.02 -9.54
C PHE A 27 -1.27 0.20 -10.61
N VAL A 28 -1.46 1.43 -11.05
CA VAL A 28 -2.44 1.75 -12.08
C VAL A 28 -1.81 1.79 -13.46
N LEU A 29 -0.54 1.37 -13.53
CA LEU A 29 0.19 1.37 -14.80
C LEU A 29 -0.57 0.56 -15.85
N GLY A 30 -1.20 1.26 -16.78
CA GLY A 30 -1.95 0.60 -17.84
C GLY A 30 -3.45 0.65 -17.61
N ALA A 31 -3.88 1.57 -16.75
CA ALA A 31 -5.30 1.73 -16.46
C ALA A 31 -5.93 2.81 -17.32
N GLU A 32 -7.21 2.66 -17.61
CA GLU A 32 -7.94 3.63 -18.43
C GLU A 32 -8.65 4.65 -17.56
N ASP A 33 -8.94 4.26 -16.33
CA ASP A 33 -9.63 5.15 -15.39
C ASP A 33 -8.62 5.95 -14.55
N GLY A 34 -7.44 5.38 -14.36
CA GLY A 34 -6.41 6.04 -13.59
C GLY A 34 -6.37 5.56 -12.15
N CYS A 35 -7.29 4.67 -11.80
CA CYS A 35 -7.35 4.14 -10.44
C CYS A 35 -6.89 2.69 -10.41
N ILE A 36 -7.06 2.05 -9.25
CA ILE A 36 -6.66 0.66 -9.08
C ILE A 36 -7.88 -0.26 -9.01
N SER A 37 -7.72 -1.48 -9.53
CA SER A 37 -8.81 -2.44 -9.53
C SER A 37 -8.32 -3.81 -9.06
N THR A 38 -9.26 -4.69 -8.71
CA THR A 38 -8.92 -6.03 -8.25
C THR A 38 -7.97 -6.73 -9.22
N LYS A 39 -8.10 -6.39 -10.50
CA LYS A 39 -7.26 -6.98 -11.53
C LYS A 39 -5.80 -6.54 -11.37
N GLU A 40 -5.62 -5.29 -10.96
CA GLU A 40 -4.28 -4.74 -10.77
C GLU A 40 -3.70 -5.19 -9.43
N LEU A 41 -4.57 -5.53 -8.49
CA LEU A 41 -4.14 -5.98 -7.17
C LEU A 41 -3.23 -7.18 -7.27
N GLY A 42 -3.75 -8.28 -7.83
CA GLY A 42 -2.95 -9.48 -7.97
C GLY A 42 -1.61 -9.21 -8.64
N LYS A 43 -1.56 -8.20 -9.49
CA LYS A 43 -0.34 -7.84 -10.18
C LYS A 43 0.72 -7.34 -9.20
N VAL A 44 0.28 -6.66 -8.15
CA VAL A 44 1.19 -6.14 -7.14
C VAL A 44 1.39 -7.13 -6.01
N MET A 45 0.32 -7.85 -5.67
CA MET A 45 0.38 -8.85 -4.60
C MET A 45 1.54 -9.81 -4.82
N ARG A 46 1.76 -10.19 -6.07
CA ARG A 46 2.84 -11.11 -6.42
C ARG A 46 4.19 -10.52 -6.05
N MET A 47 4.31 -9.19 -6.15
CA MET A 47 5.55 -8.51 -5.83
C MET A 47 5.82 -8.55 -4.32
N LEU A 48 4.76 -8.58 -3.53
CA LEU A 48 4.88 -8.63 -2.09
C LEU A 48 4.54 -10.02 -1.55
N GLY A 49 4.83 -11.05 -2.35
CA GLY A 49 4.55 -12.40 -1.94
C GLY A 49 3.13 -12.58 -1.44
N GLN A 50 2.18 -12.62 -2.36
CA GLN A 50 0.77 -12.79 -2.01
C GLN A 50 -0.03 -13.30 -3.21
N ASN A 51 -0.87 -14.30 -2.96
CA ASN A 51 -1.69 -14.87 -4.01
C ASN A 51 -3.13 -15.07 -3.53
N PRO A 52 -3.82 -13.96 -3.26
CA PRO A 52 -5.20 -13.98 -2.79
C PRO A 52 -6.17 -14.43 -3.88
N THR A 53 -7.47 -14.26 -3.61
CA THR A 53 -8.51 -14.65 -4.57
C THR A 53 -9.10 -13.43 -5.26
N PRO A 54 -9.73 -13.66 -6.42
CA PRO A 54 -10.36 -12.60 -7.20
C PRO A 54 -11.61 -12.03 -6.53
N GLU A 55 -12.03 -12.68 -5.44
CA GLU A 55 -13.21 -12.24 -4.70
C GLU A 55 -12.81 -11.64 -3.36
N GLU A 56 -11.59 -11.93 -2.92
CA GLU A 56 -11.09 -11.41 -1.65
C GLU A 56 -10.53 -10.01 -1.82
N LEU A 57 -9.92 -9.76 -2.98
CA LEU A 57 -9.33 -8.46 -3.27
C LEU A 57 -10.37 -7.35 -3.16
N GLN A 58 -11.64 -7.71 -3.31
CA GLN A 58 -12.73 -6.75 -3.22
C GLN A 58 -12.92 -6.28 -1.78
N GLU A 59 -12.44 -7.08 -0.84
CA GLU A 59 -12.55 -6.74 0.59
C GLU A 59 -11.55 -5.67 0.97
N MET A 60 -10.27 -5.94 0.69
CA MET A 60 -9.21 -4.98 1.01
C MET A 60 -9.38 -3.69 0.23
N ILE A 61 -10.22 -3.73 -0.80
CA ILE A 61 -10.48 -2.55 -1.63
C ILE A 61 -11.77 -1.86 -1.22
N ASP A 62 -12.73 -2.66 -0.75
CA ASP A 62 -14.02 -2.13 -0.32
C ASP A 62 -13.85 -1.16 0.85
N GLU A 63 -12.83 -1.41 1.67
CA GLU A 63 -12.56 -0.58 2.83
C GLU A 63 -11.81 0.69 2.42
N VAL A 64 -11.42 0.76 1.16
CA VAL A 64 -10.70 1.91 0.63
C VAL A 64 -11.25 2.35 -0.72
N ASP A 65 -12.52 2.04 -0.96
CA ASP A 65 -13.17 2.40 -2.21
C ASP A 65 -13.95 3.71 -2.07
N GLU A 66 -13.88 4.54 -3.09
CA GLU A 66 -14.58 5.83 -3.09
C GLU A 66 -15.83 5.77 -3.96
N ASP A 67 -15.73 5.06 -5.08
CA ASP A 67 -16.85 4.92 -6.01
C ASP A 67 -17.71 3.72 -5.64
N GLY A 68 -17.11 2.75 -4.96
CA GLY A 68 -17.84 1.56 -4.57
C GLY A 68 -17.91 0.53 -5.68
N SER A 69 -16.94 0.56 -6.58
CA SER A 69 -16.89 -0.37 -7.70
C SER A 69 -15.58 -1.13 -7.72
N GLY A 70 -15.24 -1.76 -6.60
CA GLY A 70 -14.00 -2.52 -6.51
C GLY A 70 -12.80 -1.73 -7.00
N THR A 71 -12.57 -0.56 -6.39
CA THR A 71 -11.45 0.28 -6.77
C THR A 71 -11.03 1.18 -5.60
N VAL A 72 -10.04 2.03 -5.85
CA VAL A 72 -9.53 2.94 -4.83
C VAL A 72 -8.89 4.17 -5.45
N ASP A 73 -9.13 5.33 -4.84
CA ASP A 73 -8.57 6.58 -5.34
C ASP A 73 -7.05 6.63 -5.13
N PHE A 74 -6.41 7.65 -5.69
CA PHE A 74 -4.97 7.80 -5.57
C PHE A 74 -4.59 8.29 -4.17
N ASP A 75 -5.47 9.09 -3.57
CA ASP A 75 -5.22 9.62 -2.24
C ASP A 75 -5.49 8.56 -1.18
N GLU A 76 -6.47 7.70 -1.43
CA GLU A 76 -6.83 6.64 -0.50
C GLU A 76 -5.64 5.70 -0.27
N PHE A 77 -4.68 5.73 -1.19
CA PHE A 77 -3.50 4.88 -1.09
C PHE A 77 -2.49 5.47 -0.12
N LEU A 78 -2.19 6.76 -0.30
CA LEU A 78 -1.23 7.43 0.56
C LEU A 78 -1.53 7.19 2.03
N VAL A 79 -2.81 7.27 2.38
CA VAL A 79 -3.24 7.06 3.76
C VAL A 79 -3.18 5.58 4.13
N MET A 80 -3.46 4.72 3.15
CA MET A 80 -3.43 3.27 3.36
C MET A 80 -2.08 2.83 3.92
N MET A 81 -1.03 3.58 3.58
CA MET A 81 0.31 3.25 4.05
C MET A 81 0.52 3.77 5.47
N VAL A 82 0.36 5.07 5.66
CA VAL A 82 0.54 5.68 6.98
C VAL A 82 -0.41 5.06 8.00
N ARG A 83 -1.56 4.60 7.53
CA ARG A 83 -2.54 3.99 8.41
C ARG A 83 -2.19 2.52 8.68
N CYS A 84 -1.43 1.93 7.77
CA CYS A 84 -1.02 0.54 7.91
C CYS A 84 0.02 0.38 9.02
N MET A 85 0.96 1.31 9.08
CA MET A 85 2.01 1.28 10.08
C MET A 85 1.42 1.21 11.49
N LYS A 86 0.49 2.12 11.78
CA LYS A 86 -0.15 2.16 13.09
C LYS A 86 -1.23 1.08 13.20
N ASP A 87 -2.12 1.03 12.22
CA ASP A 87 -3.20 0.05 12.21
C ASP A 87 -2.74 -1.24 11.53
N ASP A 88 -1.59 -1.75 11.96
CA ASP A 88 -1.04 -2.98 11.40
C ASP A 88 -2.09 -4.09 11.38
N SER A 89 -2.10 -4.86 10.30
CA SER A 89 -3.06 -5.96 10.16
C SER A 89 -4.50 -5.44 10.22
N LYS A 90 -4.96 -4.88 9.10
CA LYS A 90 -6.32 -4.34 9.02
C LYS A 90 -7.30 -5.40 8.51
N GLY A 91 -6.79 -6.32 7.69
CA GLY A 91 -7.63 -7.37 7.16
C GLY A 91 -7.85 -8.50 8.14
N ALA A 92 -8.33 -8.17 9.32
CA ALA A 92 -8.59 -9.17 10.35
C ALA A 92 -9.69 -10.14 9.92
N GLY A 93 -9.35 -11.43 9.89
CA GLY A 93 -10.31 -12.44 9.49
C GLY A 93 -10.00 -13.03 8.14
N ALA A 94 -8.73 -13.04 7.77
CA ALA A 94 -8.29 -13.59 6.49
C ALA A 94 -7.04 -14.45 6.65
N GLY A 95 -6.57 -15.00 5.54
CA GLY A 95 -5.38 -15.83 5.59
C GLY A 95 -4.20 -15.14 6.24
N VAL A 96 -3.93 -13.90 5.82
CA VAL A 96 -2.83 -13.13 6.37
C VAL A 96 -3.15 -11.63 6.36
N ARG A 97 -2.12 -10.82 6.53
CA ARG A 97 -2.29 -9.36 6.54
C ARG A 97 -1.13 -8.68 5.82
N ILE A 98 -1.45 -8.00 4.72
CA ILE A 98 -0.43 -7.30 3.95
C ILE A 98 0.07 -6.06 4.69
N SER A 99 1.37 -5.79 4.55
CA SER A 99 1.98 -4.64 5.22
C SER A 99 2.13 -3.48 4.25
N ALA A 100 2.60 -2.35 4.76
CA ALA A 100 2.79 -1.16 3.95
C ALA A 100 4.12 -1.21 3.20
N ASP A 101 5.21 -1.38 3.95
CA ASP A 101 6.54 -1.44 3.36
C ASP A 101 6.59 -2.49 2.25
N ALA A 102 5.90 -3.61 2.47
CA ALA A 102 5.87 -4.69 1.49
C ALA A 102 5.32 -4.20 0.15
N MET A 103 4.49 -3.16 0.21
CA MET A 103 3.88 -2.60 -1.00
C MET A 103 4.84 -1.61 -1.66
N MET A 104 5.48 -0.78 -0.84
CA MET A 104 6.42 0.22 -1.34
C MET A 104 7.69 -0.44 -1.86
N GLN A 105 8.35 -1.20 -1.01
CA GLN A 105 9.58 -1.90 -1.39
C GLN A 105 9.39 -2.67 -2.69
N ALA A 106 8.16 -3.12 -2.93
CA ALA A 106 7.85 -3.88 -4.14
C ALA A 106 7.50 -2.95 -5.29
N LEU A 107 6.59 -2.01 -5.02
CA LEU A 107 6.16 -1.06 -6.04
C LEU A 107 7.35 -0.39 -6.70
N LEU A 108 8.29 0.07 -5.88
CA LEU A 108 9.49 0.74 -6.38
C LEU A 108 10.75 -0.02 -5.96
N GLY A 109 11.03 -0.01 -4.66
CA GLY A 109 12.21 -0.69 -4.15
C GLY A 109 13.48 0.08 -4.39
N ALA A 110 13.76 0.36 -5.66
CA ALA A 110 14.97 1.10 -6.03
C ALA A 110 15.07 2.40 -5.24
N ARG A 111 13.93 2.91 -4.80
CA ARG A 111 13.89 4.15 -4.04
C ARG A 111 14.02 3.88 -2.54
N ALA A 112 15.22 3.51 -2.12
CA ALA A 112 15.47 3.22 -0.71
C ALA A 112 14.65 4.13 0.19
N LYS A 113 13.96 3.54 1.16
CA LYS A 113 13.12 4.30 2.09
C LYS A 113 13.72 4.28 3.48
N GLU A 114 15.05 4.18 3.55
CA GLU A 114 15.74 4.15 4.84
C GLU A 114 15.90 5.56 5.40
N SER A 115 15.46 6.55 4.63
CA SER A 115 15.56 7.94 5.06
C SER A 115 15.02 8.12 6.47
N LEU A 116 13.99 7.35 6.80
CA LEU A 116 13.37 7.43 8.12
C LEU A 116 13.33 6.05 8.79
N ASP A 117 13.80 5.04 8.06
CA ASP A 117 13.81 3.68 8.58
C ASP A 117 12.40 3.10 8.62
N LEU A 118 11.71 3.12 7.48
CA LEU A 118 10.36 2.59 7.39
C LEU A 118 10.36 1.07 7.46
N ARG A 119 11.45 0.47 7.00
CA ARG A 119 11.58 -0.98 7.00
C ARG A 119 11.86 -1.51 8.41
N ALA A 120 12.05 -0.59 9.35
CA ALA A 120 12.33 -0.95 10.73
C ALA A 120 11.05 -1.31 11.46
N HIS A 121 9.92 -1.22 10.77
CA HIS A 121 8.62 -1.54 11.35
C HIS A 121 8.50 -3.03 11.60
N LEU A 122 9.41 -3.80 11.01
CA LEU A 122 9.40 -5.26 11.18
C LEU A 122 10.68 -5.74 11.82
N LYS A 123 11.09 -5.08 12.90
CA LYS A 123 12.30 -5.44 13.62
C LYS A 123 12.30 -6.93 13.97
N GLN A 124 13.05 -7.71 13.20
CA GLN A 124 13.13 -9.15 13.43
C GLN A 124 14.50 -9.69 13.02
N VAL A 125 14.62 -11.01 12.99
CA VAL A 125 15.88 -11.66 12.62
C VAL A 125 16.24 -11.34 11.18
N LYS A 126 17.55 -11.29 10.90
CA LYS A 126 18.03 -10.99 9.56
C LYS A 126 18.87 -12.15 9.02
N LYS A 127 19.49 -11.93 7.87
CA LYS A 127 20.33 -12.95 7.24
C LYS A 127 21.67 -13.06 7.96
N GLU A 128 22.35 -14.20 7.77
CA GLU A 128 23.64 -14.42 8.40
C GLU A 128 24.77 -14.35 7.37
N ASP A 129 24.46 -13.77 6.21
CA ASP A 129 25.45 -13.65 5.15
C ASP A 129 25.87 -12.18 4.98
C5 C9W B . -7.52 -7.43 3.73
C8 C9W B . -5.52 -6.61 4.37
C1 C9W B . -8.96 -7.36 3.38
C15 C9W B . -4.63 -10.98 3.20
C11 C9W B . -6.63 -8.51 3.74
C19 C9W B . -3.94 -10.77 0.71
C18 C9W B . -4.56 -11.65 1.80
C23 C9W B . -6.11 -11.64 1.80
C26 C9W B . -3.97 -12.98 1.81
C C9W B . -3.41 -3.16 -1.43
C01 C9W B . -5.84 -2.14 -0.50
C02 C9W B . -5.51 -2.07 -1.86
C03 C9W B . -4.30 -2.58 -2.33
N6 C9W B . -6.82 -6.31 4.10
C9 C9W B . -5.38 -7.97 4.17
C12 C9W B . -7.00 -9.89 3.42
O13 C9W B . -8.15 -10.30 3.60
N14 C9W B . -6.03 -10.71 2.92
N27 C9W B . -3.49 -14.04 1.83
S28 C9W B . -4.41 -5.34 4.88
O29 C9W B . -4.81 -5.08 6.25
O30 C9W B . -3.09 -5.88 4.60
N31 C9W B . -4.62 -3.92 4.00
C33 C9W B . -4.46 -3.96 2.53
C35 C9W B . -3.01 -3.69 2.14
O38 C9W B . -2.80 -3.84 0.73
C41 C9W B . -3.73 -3.24 -0.07
C42 C9W B . -4.96 -2.75 0.40
C43 C9W B . -5.33 -2.88 1.86
O45 C9W B . -5.14 -1.61 2.51
CL C9W B . -6.62 -1.33 -2.96
F C9W B . -3.98 -2.52 -3.62
H11 C9W B . -9.52 -8.12 3.92
H12 C9W B . -9.13 -7.52 2.31
H13 C9W B . -9.36 -6.38 3.64
H16 C9W B . -4.02 -10.07 3.31
H17 C9W B . -4.48 -11.64 4.05
H20 C9W B . -4.41 -9.78 0.68
H21 C9W B . -4.06 -11.22 -0.28
H22 C9W B . -2.86 -10.63 0.89
H24 C9W B . -6.60 -12.58 2.08
H25 C9W B . -6.59 -11.24 0.91
H C9W B . -2.47 -3.56 -1.80
H04 C9W B . -6.79 -1.75 -0.16
H7 C9W B . -7.23 -5.37 4.17
H10 C9W B . -4.46 -8.52 4.33
H1 C9W B . -5.37 -3.29 4.35
H33 C9W B . -4.77 -4.93 2.13
H51 C9W B . -2.34 -4.42 2.63
H52 C9W B . -2.66 -2.70 2.46
H44 C9W B . -6.38 -3.14 1.97
H45 C9W B . -5.81 -0.99 2.15
N GLY A 1 -9.60 11.34 13.45
CA GLY A 1 -10.01 10.59 12.28
C GLY A 1 -8.88 10.39 11.29
N ASP A 2 -8.93 11.10 10.18
CA ASP A 2 -7.91 10.99 9.15
C ASP A 2 -6.88 12.11 9.29
N ASP A 3 -6.57 12.47 10.53
CA ASP A 3 -5.60 13.52 10.81
C ASP A 3 -4.23 13.15 10.24
N ILE A 4 -3.61 12.13 10.80
CA ILE A 4 -2.30 11.68 10.36
C ILE A 4 -2.37 11.08 8.95
N TYR A 5 -3.55 10.59 8.59
CA TYR A 5 -3.75 9.99 7.28
C TYR A 5 -3.60 11.04 6.17
N LYS A 6 -4.49 12.03 6.19
CA LYS A 6 -4.46 13.09 5.20
C LYS A 6 -3.22 13.95 5.35
N ALA A 7 -2.78 14.15 6.60
CA ALA A 7 -1.59 14.93 6.87
C ALA A 7 -0.33 14.11 6.73
N ALA A 8 -0.49 12.85 6.32
CA ALA A 8 0.64 11.95 6.14
C ALA A 8 1.67 12.56 5.20
N VAL A 9 1.22 13.46 4.32
CA VAL A 9 2.10 14.10 3.37
C VAL A 9 3.32 14.70 4.06
N GLU A 10 3.13 15.18 5.27
CA GLU A 10 4.22 15.77 6.06
C GLU A 10 4.88 14.73 6.96
N GLN A 11 4.16 13.63 7.20
CA GLN A 11 4.68 12.57 8.05
C GLN A 11 5.61 11.65 7.27
N LEU A 12 5.40 11.57 5.96
CA LEU A 12 6.22 10.74 5.09
C LEU A 12 7.68 11.21 5.11
N THR A 13 8.59 10.30 4.80
CA THR A 13 10.01 10.62 4.78
C THR A 13 10.35 11.56 3.63
N GLU A 14 11.63 11.79 3.42
CA GLU A 14 12.09 12.67 2.34
C GLU A 14 11.94 11.99 0.98
N GLU A 15 12.14 10.68 0.96
CA GLU A 15 12.04 9.91 -0.28
C GLU A 15 10.64 9.33 -0.44
N GLN A 16 10.02 8.99 0.68
CA GLN A 16 8.67 8.42 0.66
C GLN A 16 7.68 9.40 0.06
N LYS A 17 7.73 10.65 0.49
CA LYS A 17 6.84 11.68 -0.01
C LYS A 17 6.98 11.84 -1.52
N ASN A 18 8.11 11.39 -2.06
CA ASN A 18 8.37 11.47 -3.49
C ASN A 18 8.10 10.13 -4.17
N GLU A 19 8.12 9.07 -3.37
CA GLU A 19 7.89 7.72 -3.89
C GLU A 19 6.39 7.43 -4.00
N PHE A 20 5.59 8.20 -3.27
CA PHE A 20 4.15 8.03 -3.28
C PHE A 20 3.58 8.24 -4.67
N LYS A 21 4.36 8.89 -5.54
CA LYS A 21 3.94 9.16 -6.90
C LYS A 21 4.21 7.96 -7.80
N ALA A 22 5.49 7.58 -7.90
CA ALA A 22 5.88 6.44 -8.73
C ALA A 22 5.29 5.15 -8.19
N ALA A 23 5.19 5.04 -6.87
CA ALA A 23 4.64 3.85 -6.24
C ALA A 23 3.26 3.52 -6.77
N PHE A 24 2.29 4.39 -6.47
CA PHE A 24 0.91 4.19 -6.92
C PHE A 24 0.83 4.27 -8.44
N ASP A 25 1.78 4.98 -9.04
CA ASP A 25 1.81 5.13 -10.50
C ASP A 25 1.95 3.77 -11.18
N ILE A 26 2.86 2.95 -10.68
CA ILE A 26 3.09 1.62 -11.24
C ILE A 26 1.86 0.74 -11.09
N PHE A 27 1.15 0.92 -9.98
CA PHE A 27 -0.06 0.14 -9.71
C PHE A 27 -1.12 0.40 -10.77
N VAL A 28 -1.47 1.67 -10.96
CA VAL A 28 -2.47 2.05 -11.94
C VAL A 28 -1.86 2.16 -13.34
N LEU A 29 -0.57 1.87 -13.44
CA LEU A 29 0.14 1.94 -14.71
C LEU A 29 -0.55 1.09 -15.76
N GLY A 30 -1.27 0.06 -15.31
CA GLY A 30 -1.98 -0.81 -16.22
C GLY A 30 -3.48 -0.58 -16.22
N ALA A 31 -3.88 0.63 -15.80
CA ALA A 31 -5.29 0.98 -15.75
C ALA A 31 -5.69 1.83 -16.95
N GLU A 32 -6.99 1.93 -17.20
CA GLU A 32 -7.50 2.72 -18.32
C GLU A 32 -8.02 4.07 -17.84
N ASP A 33 -8.46 4.11 -16.58
CA ASP A 33 -8.99 5.35 -16.01
C ASP A 33 -7.91 6.08 -15.21
N GLY A 34 -7.22 5.34 -14.35
CA GLY A 34 -6.16 5.94 -13.54
C GLY A 34 -6.17 5.43 -12.12
N CYS A 35 -7.20 4.66 -11.77
CA CYS A 35 -7.32 4.11 -10.42
C CYS A 35 -6.93 2.64 -10.41
N ILE A 36 -6.94 2.04 -9.22
CA ILE A 36 -6.59 0.64 -9.07
C ILE A 36 -7.84 -0.24 -8.97
N SER A 37 -7.74 -1.46 -9.49
CA SER A 37 -8.87 -2.39 -9.46
C SER A 37 -8.43 -3.76 -8.98
N THR A 38 -9.40 -4.62 -8.67
CA THR A 38 -9.11 -5.96 -8.20
C THR A 38 -8.12 -6.67 -9.12
N LYS A 39 -8.20 -6.37 -10.41
CA LYS A 39 -7.31 -6.98 -11.39
C LYS A 39 -5.87 -6.54 -11.17
N GLU A 40 -5.67 -5.25 -10.92
CA GLU A 40 -4.34 -4.72 -10.68
C GLU A 40 -3.76 -5.23 -9.37
N LEU A 41 -4.63 -5.40 -8.37
CA LEU A 41 -4.22 -5.90 -7.07
C LEU A 41 -3.33 -7.13 -7.21
N GLY A 42 -3.90 -8.21 -7.73
CA GLY A 42 -3.14 -9.44 -7.91
C GLY A 42 -1.85 -9.21 -8.64
N LYS A 43 -1.80 -8.17 -9.47
CA LYS A 43 -0.61 -7.85 -10.23
C LYS A 43 0.53 -7.40 -9.32
N VAL A 44 0.17 -6.71 -8.24
CA VAL A 44 1.15 -6.23 -7.27
C VAL A 44 1.33 -7.21 -6.12
N MET A 45 0.24 -7.88 -5.76
CA MET A 45 0.27 -8.86 -4.67
C MET A 45 1.39 -9.88 -4.88
N ARG A 46 1.57 -10.29 -6.14
CA ARG A 46 2.61 -11.27 -6.47
C ARG A 46 4.00 -10.71 -6.15
N MET A 47 4.16 -9.41 -6.33
CA MET A 47 5.44 -8.76 -6.06
C MET A 47 5.75 -8.76 -4.56
N LEU A 48 4.70 -8.68 -3.75
CA LEU A 48 4.85 -8.68 -2.30
C LEU A 48 4.49 -10.03 -1.71
N GLY A 49 4.77 -11.09 -2.46
CA GLY A 49 4.47 -12.43 -1.98
C GLY A 49 3.03 -12.57 -1.51
N GLN A 50 2.10 -12.65 -2.46
CA GLN A 50 0.69 -12.78 -2.14
C GLN A 50 -0.11 -13.26 -3.35
N ASN A 51 -0.94 -14.27 -3.14
CA ASN A 51 -1.76 -14.82 -4.22
C ASN A 51 -3.20 -15.03 -3.75
N PRO A 52 -3.89 -13.93 -3.43
CA PRO A 52 -5.27 -13.97 -2.98
C PRO A 52 -6.24 -14.37 -4.09
N THR A 53 -7.54 -14.21 -3.83
CA THR A 53 -8.56 -14.56 -4.80
C THR A 53 -9.15 -13.32 -5.45
N PRO A 54 -9.79 -13.51 -6.62
CA PRO A 54 -10.42 -12.41 -7.37
C PRO A 54 -11.66 -11.86 -6.66
N GLU A 55 -12.08 -12.54 -5.61
CA GLU A 55 -13.25 -12.13 -4.85
C GLU A 55 -12.86 -11.57 -3.49
N GLU A 56 -11.64 -11.90 -3.06
CA GLU A 56 -11.14 -11.43 -1.77
C GLU A 56 -10.56 -10.02 -1.89
N LEU A 57 -9.98 -9.73 -3.04
CA LEU A 57 -9.39 -8.40 -3.28
C LEU A 57 -10.43 -7.31 -3.13
N GLN A 58 -11.71 -7.68 -3.27
CA GLN A 58 -12.80 -6.72 -3.13
C GLN A 58 -12.96 -6.27 -1.69
N GLU A 59 -12.50 -7.10 -0.76
CA GLU A 59 -12.59 -6.77 0.67
C GLU A 59 -11.56 -5.72 1.05
N MET A 60 -10.30 -5.98 0.72
CA MET A 60 -9.22 -5.06 1.04
C MET A 60 -9.38 -3.75 0.27
N ILE A 61 -10.25 -3.76 -0.73
CA ILE A 61 -10.50 -2.58 -1.55
C ILE A 61 -11.79 -1.88 -1.12
N ASP A 62 -12.74 -2.66 -0.64
CA ASP A 62 -14.02 -2.12 -0.19
C ASP A 62 -13.83 -1.17 0.99
N GLU A 63 -12.79 -1.42 1.79
CA GLU A 63 -12.50 -0.59 2.95
C GLU A 63 -11.72 0.65 2.54
N VAL A 64 -11.34 0.72 1.27
CA VAL A 64 -10.59 1.86 0.76
C VAL A 64 -11.12 2.31 -0.60
N ASP A 65 -12.41 2.03 -0.83
CA ASP A 65 -13.05 2.41 -2.10
C ASP A 65 -13.73 3.77 -1.97
N GLU A 66 -13.73 4.52 -3.06
CA GLU A 66 -14.36 5.85 -3.07
C GLU A 66 -15.59 5.85 -3.96
N ASP A 67 -15.58 5.01 -5.00
CA ASP A 67 -16.69 4.92 -5.93
C ASP A 67 -17.63 3.78 -5.54
N GLY A 68 -17.08 2.74 -4.93
CA GLY A 68 -17.88 1.60 -4.52
C GLY A 68 -17.98 0.55 -5.61
N SER A 69 -17.01 0.54 -6.53
CA SER A 69 -17.00 -0.42 -7.62
C SER A 69 -15.66 -1.14 -7.69
N GLY A 70 -15.28 -1.76 -6.57
CA GLY A 70 -14.02 -2.49 -6.53
C GLY A 70 -12.85 -1.66 -7.05
N THR A 71 -12.56 -0.56 -6.35
CA THR A 71 -11.47 0.32 -6.75
C THR A 71 -11.00 1.17 -5.58
N VAL A 72 -10.00 2.01 -5.83
CA VAL A 72 -9.46 2.89 -4.80
C VAL A 72 -8.80 4.12 -5.40
N ASP A 73 -9.09 5.28 -4.82
CA ASP A 73 -8.53 6.53 -5.31
C ASP A 73 -7.01 6.56 -5.12
N PHE A 74 -6.36 7.56 -5.69
CA PHE A 74 -4.92 7.70 -5.60
C PHE A 74 -4.52 8.19 -4.20
N ASP A 75 -5.40 8.96 -3.58
CA ASP A 75 -5.14 9.50 -2.24
C ASP A 75 -5.37 8.42 -1.18
N GLU A 76 -6.38 7.60 -1.39
CA GLU A 76 -6.71 6.53 -0.45
C GLU A 76 -5.51 5.62 -0.22
N PHE A 77 -4.60 5.59 -1.19
CA PHE A 77 -3.41 4.76 -1.10
C PHE A 77 -2.40 5.37 -0.13
N LEU A 78 -2.13 6.66 -0.29
CA LEU A 78 -1.19 7.36 0.56
C LEU A 78 -1.46 7.07 2.03
N VAL A 79 -2.70 7.25 2.45
CA VAL A 79 -3.10 7.00 3.82
C VAL A 79 -3.04 5.51 4.16
N MET A 80 -3.34 4.68 3.16
CA MET A 80 -3.32 3.23 3.34
C MET A 80 -1.96 2.77 3.86
N MET A 81 -0.91 3.52 3.53
CA MET A 81 0.43 3.19 3.95
C MET A 81 0.69 3.69 5.37
N VAL A 82 0.52 4.99 5.58
CA VAL A 82 0.73 5.60 6.89
C VAL A 82 -0.17 4.96 7.94
N ARG A 83 -1.34 4.51 7.52
CA ARG A 83 -2.29 3.88 8.42
C ARG A 83 -1.89 2.43 8.71
N CYS A 84 -1.18 1.82 7.76
CA CYS A 84 -0.74 0.44 7.91
C CYS A 84 0.30 0.32 9.02
N MET A 85 1.26 1.24 9.03
CA MET A 85 2.31 1.24 10.03
C MET A 85 1.73 1.11 11.43
N LYS A 86 0.69 1.89 11.70
CA LYS A 86 0.04 1.86 13.01
C LYS A 86 -0.82 0.61 13.17
N ASP A 87 -1.77 0.45 12.26
CA ASP A 87 -2.66 -0.71 12.29
C ASP A 87 -1.90 -1.99 11.97
N ASP A 88 -1.57 -2.77 12.99
CA ASP A 88 -0.84 -4.01 12.81
C ASP A 88 -1.48 -4.85 11.69
N SER A 89 -2.79 -4.74 11.55
CA SER A 89 -3.51 -5.48 10.52
C SER A 89 -4.94 -4.95 10.37
N LYS A 90 -5.35 -4.74 9.13
CA LYS A 90 -6.69 -4.23 8.84
C LYS A 90 -7.60 -5.36 8.35
N GLY A 91 -7.02 -6.29 7.60
CA GLY A 91 -7.79 -7.41 7.08
C GLY A 91 -8.57 -8.13 8.16
N ALA A 92 -7.86 -8.87 9.00
CA ALA A 92 -8.48 -9.62 10.08
C ALA A 92 -9.64 -10.46 9.57
N GLY A 93 -9.50 -10.97 8.34
CA GLY A 93 -10.54 -11.80 7.76
C GLY A 93 -10.04 -12.62 6.59
N ALA A 94 -8.75 -12.95 6.61
CA ALA A 94 -8.15 -13.74 5.54
C ALA A 94 -7.03 -14.63 6.07
N GLY A 95 -6.35 -15.33 5.17
CA GLY A 95 -5.27 -16.21 5.58
C GLY A 95 -4.13 -15.46 6.25
N VAL A 96 -3.77 -14.30 5.69
CA VAL A 96 -2.69 -13.49 6.23
C VAL A 96 -3.07 -12.01 6.24
N ARG A 97 -2.08 -11.15 6.41
CA ARG A 97 -2.30 -9.71 6.44
C ARG A 97 -1.16 -8.96 5.76
N ILE A 98 -1.49 -8.23 4.70
CA ILE A 98 -0.49 -7.47 3.95
C ILE A 98 -0.02 -6.26 4.75
N SER A 99 1.25 -5.91 4.59
CA SER A 99 1.83 -4.77 5.30
C SER A 99 2.06 -3.61 4.35
N ALA A 100 2.64 -2.53 4.87
CA ALA A 100 2.92 -1.35 4.07
C ALA A 100 4.28 -1.46 3.37
N ASP A 101 5.33 -1.64 4.16
CA ASP A 101 6.68 -1.77 3.62
C ASP A 101 6.72 -2.84 2.54
N ALA A 102 5.86 -3.84 2.66
CA ALA A 102 5.80 -4.93 1.70
C ALA A 102 5.34 -4.44 0.33
N MET A 103 4.49 -3.42 0.33
CA MET A 103 3.98 -2.85 -0.91
C MET A 103 5.02 -1.95 -1.57
N MET A 104 5.51 -0.98 -0.81
CA MET A 104 6.52 -0.05 -1.32
C MET A 104 7.70 -0.81 -1.92
N GLN A 105 8.28 -1.70 -1.13
CA GLN A 105 9.43 -2.48 -1.59
C GLN A 105 9.07 -3.29 -2.83
N ALA A 106 7.78 -3.55 -3.03
CA ALA A 106 7.31 -4.30 -4.19
C ALA A 106 7.16 -3.39 -5.41
N LEU A 107 6.53 -2.25 -5.22
CA LEU A 107 6.33 -1.29 -6.30
C LEU A 107 7.65 -0.77 -6.83
N LEU A 108 8.28 0.12 -6.06
CA LEU A 108 9.56 0.69 -6.45
C LEU A 108 10.72 -0.16 -5.94
N GLY A 109 10.89 -0.20 -4.63
CA GLY A 109 11.96 -0.99 -4.04
C GLY A 109 13.31 -0.69 -4.67
N ALA A 110 13.64 0.60 -4.76
CA ALA A 110 14.92 1.01 -5.34
C ALA A 110 15.27 2.44 -4.93
N ARG A 111 14.26 3.31 -4.90
CA ARG A 111 14.47 4.70 -4.52
C ARG A 111 15.05 4.80 -3.12
N ALA A 112 14.22 4.51 -2.12
CA ALA A 112 14.66 4.57 -0.73
C ALA A 112 13.54 4.16 0.22
N LYS A 113 13.89 3.35 1.22
CA LYS A 113 12.91 2.88 2.19
C LYS A 113 13.24 3.41 3.59
N GLU A 114 14.51 3.47 3.91
CA GLU A 114 14.95 3.96 5.21
C GLU A 114 15.41 5.42 5.11
N SER A 115 14.72 6.19 4.28
CA SER A 115 15.06 7.60 4.09
C SER A 115 15.14 8.32 5.44
N LEU A 116 13.98 8.46 6.09
CA LEU A 116 13.92 9.12 7.39
C LEU A 116 14.06 8.13 8.53
N ASP A 117 13.06 7.27 8.68
CA ASP A 117 13.07 6.25 9.73
C ASP A 117 11.83 5.37 9.65
N LEU A 118 11.55 4.87 8.46
CA LEU A 118 10.39 4.01 8.25
C LEU A 118 10.50 2.74 9.09
N ARG A 119 11.70 2.43 9.54
CA ARG A 119 11.94 1.24 10.35
C ARG A 119 11.65 1.54 11.83
N ALA A 120 11.07 2.70 12.09
CA ALA A 120 10.75 3.10 13.46
C ALA A 120 9.26 2.92 13.75
N HIS A 121 8.49 2.62 12.70
CA HIS A 121 7.06 2.44 12.84
C HIS A 121 6.71 0.95 12.94
N LEU A 122 7.56 0.11 12.37
CA LEU A 122 7.35 -1.34 12.40
C LEU A 122 8.39 -2.02 13.26
N LYS A 123 8.77 -1.36 14.35
CA LYS A 123 9.76 -1.91 15.28
C LYS A 123 9.33 -3.29 15.78
N GLN A 124 9.90 -4.33 15.18
CA GLN A 124 9.57 -5.70 15.56
C GLN A 124 10.47 -6.69 14.83
N VAL A 125 10.35 -7.97 15.19
CA VAL A 125 11.14 -9.02 14.58
C VAL A 125 10.95 -9.02 13.06
N LYS A 126 11.91 -8.44 12.35
CA LYS A 126 11.85 -8.38 10.89
C LYS A 126 13.23 -8.15 10.29
N LYS A 127 13.29 -8.07 8.97
CA LYS A 127 14.56 -7.85 8.28
C LYS A 127 15.06 -6.42 8.51
N GLU A 128 15.88 -6.23 9.53
CA GLU A 128 16.43 -4.93 9.85
C GLU A 128 17.80 -5.05 10.50
N ASP A 129 18.38 -3.91 10.89
CA ASP A 129 19.69 -3.89 11.51
C ASP A 129 19.59 -4.29 12.99
C5 C9W B . -7.59 -7.46 3.61
C8 C9W B . -5.58 -6.73 4.31
C1 C9W B . -9.03 -7.34 3.27
C15 C9W B . -4.78 -11.07 3.08
C11 C9W B . -6.73 -8.57 3.59
C19 C9W B . -3.98 -10.90 0.64
C18 C9W B . -4.67 -11.75 1.71
C23 C9W B . -6.22 -11.71 1.64
C26 C9W B . -4.11 -13.10 1.75
C C9W B . -3.31 -3.18 -1.36
C01 C9W B . -5.77 -2.23 -0.46
C02 C9W B . -5.42 -2.12 -1.81
C03 C9W B . -4.20 -2.60 -2.27
N6 C9W B . -6.88 -6.37 4.05
C9 C9W B . -5.47 -8.09 4.04
C12 C9W B . -7.14 -9.92 3.21
O13 C9W B . -8.32 -10.28 3.29
N14 C9W B . -6.17 -10.77 2.75
N27 C9W B . -3.67 -14.17 1.79
S28 C9W B . -4.45 -5.51 4.88
O29 C9W B . -4.87 -5.27 6.26
O30 C9W B . -3.14 -6.09 4.62
N31 C9W B . -4.57 -4.06 4.04
C33 C9W B . -4.39 -4.07 2.56
C35 C9W B . -2.94 -3.77 2.21
O38 C9W B . -2.71 -3.88 0.80
C41 C9W B . -3.65 -3.28 0.00
C42 C9W B . -4.88 -2.83 0.45
C43 C9W B . -5.28 -2.99 1.90
O45 C9W B . -5.12 -1.74 2.58
CL C9W B . -6.52 -1.39 -2.90
F C9W B . -3.85 -2.51 -3.55
H11 C9W B . -9.64 -8.01 3.89
H12 C9W B . -9.22 -7.59 2.22
H13 C9W B . -9.38 -6.31 3.44
H16 C9W B . -4.16 -10.18 3.23
H17 C9W B . -4.70 -11.73 3.96
H20 C9W B . -4.43 -9.90 0.57
H21 C9W B . -4.06 -11.36 -0.35
H22 C9W B . -2.92 -10.77 0.87
H24 C9W B . -6.75 -12.63 1.89
H25 C9W B . -6.65 -11.29 0.71
H C9W B . -2.35 -3.55 -1.72
H04 C9W B . -6.73 -1.86 -0.12
H7 C9W B . -7.26 -5.44 4.16
H10 C9W B . -4.57 -8.66 4.19
H1 C9W B . -5.30 -3.41 4.38
H33 C9W B . -4.67 -5.04 2.15
H51 C9W B . -2.27 -4.48 2.69
H52 C9W B . -2.62 -2.77 2.54
H44 C9W B . -6.33 -3.28 1.99
H45 C9W B . -5.52 -1.04 2.00
N GLY A 1 -10.96 10.32 13.70
CA GLY A 1 -10.41 8.98 13.64
C GLY A 1 -9.15 8.90 12.79
N ASP A 2 -9.07 9.75 11.78
CA ASP A 2 -7.92 9.78 10.89
C ASP A 2 -7.22 11.13 10.93
N ASP A 3 -6.13 11.21 11.70
CA ASP A 3 -5.38 12.45 11.84
C ASP A 3 -4.00 12.32 11.19
N ILE A 4 -3.30 11.25 11.51
CA ILE A 4 -1.97 11.01 10.97
C ILE A 4 -2.06 10.50 9.54
N TYR A 5 -3.16 9.85 9.21
CA TYR A 5 -3.36 9.31 7.86
C TYR A 5 -3.63 10.43 6.86
N LYS A 6 -4.63 11.25 7.15
CA LYS A 6 -4.99 12.36 6.28
C LYS A 6 -3.85 13.38 6.19
N ALA A 7 -3.09 13.49 7.27
CA ALA A 7 -1.96 14.42 7.31
C ALA A 7 -0.64 13.70 7.01
N ALA A 8 -0.74 12.42 6.69
CA ALA A 8 0.44 11.62 6.38
C ALA A 8 1.30 12.31 5.32
N VAL A 9 0.67 13.15 4.50
CA VAL A 9 1.38 13.86 3.44
C VAL A 9 2.63 14.54 3.99
N GLU A 10 2.53 15.05 5.21
CA GLU A 10 3.67 15.72 5.84
C GLU A 10 4.43 14.77 6.76
N GLN A 11 3.80 13.66 7.09
CA GLN A 11 4.42 12.66 7.96
C GLN A 11 5.40 11.78 7.17
N LEU A 12 5.10 11.59 5.89
CA LEU A 12 5.96 10.77 5.03
C LEU A 12 7.42 11.20 5.14
N THR A 13 8.33 10.31 4.76
CA THR A 13 9.75 10.60 4.82
C THR A 13 10.16 11.58 3.73
N GLU A 14 11.47 11.77 3.56
CA GLU A 14 11.98 12.69 2.56
C GLU A 14 11.87 12.07 1.16
N GLU A 15 12.04 10.76 1.08
CA GLU A 15 11.96 10.06 -0.19
C GLU A 15 10.55 9.49 -0.41
N GLN A 16 9.96 8.98 0.66
CA GLN A 16 8.62 8.40 0.59
C GLN A 16 7.63 9.40 -0.01
N LYS A 17 7.67 10.64 0.47
CA LYS A 17 6.79 11.68 -0.02
C LYS A 17 6.93 11.86 -1.53
N ASN A 18 8.07 11.42 -2.07
CA ASN A 18 8.33 11.53 -3.50
C ASN A 18 8.11 10.19 -4.19
N GLU A 19 8.11 9.11 -3.41
CA GLU A 19 7.90 7.78 -3.96
C GLU A 19 6.42 7.45 -4.05
N PHE A 20 5.61 8.20 -3.32
CA PHE A 20 4.16 7.99 -3.33
C PHE A 20 3.58 8.26 -4.72
N LYS A 21 4.35 8.91 -5.56
CA LYS A 21 3.92 9.24 -6.92
C LYS A 21 4.20 8.08 -7.87
N ALA A 22 5.45 7.62 -7.89
CA ALA A 22 5.84 6.51 -8.75
C ALA A 22 5.29 5.19 -8.23
N ALA A 23 5.23 5.06 -6.91
CA ALA A 23 4.72 3.85 -6.28
C ALA A 23 3.33 3.50 -6.82
N PHE A 24 2.34 4.33 -6.49
CA PHE A 24 0.98 4.11 -6.93
C PHE A 24 0.88 4.17 -8.45
N ASP A 25 1.78 4.92 -9.07
CA ASP A 25 1.81 5.06 -10.52
C ASP A 25 1.99 3.71 -11.19
N ILE A 26 2.93 2.91 -10.69
CA ILE A 26 3.20 1.60 -11.24
C ILE A 26 1.99 0.68 -11.08
N PHE A 27 1.25 0.86 -9.99
CA PHE A 27 0.08 0.04 -9.71
C PHE A 27 -0.98 0.23 -10.80
N VAL A 28 -1.39 1.48 -11.01
CA VAL A 28 -2.40 1.80 -12.01
C VAL A 28 -1.76 1.92 -13.40
N LEU A 29 -0.46 1.68 -13.47
CA LEU A 29 0.26 1.77 -14.74
C LEU A 29 -0.37 0.87 -15.79
N GLY A 30 -1.05 -0.18 -15.34
CA GLY A 30 -1.70 -1.09 -16.26
C GLY A 30 -3.20 -0.89 -16.32
N ALA A 31 -3.66 0.28 -15.89
CA ALA A 31 -5.08 0.60 -15.90
C ALA A 31 -5.42 1.51 -17.07
N GLU A 32 -6.72 1.69 -17.30
CA GLU A 32 -7.18 2.55 -18.40
C GLU A 32 -7.85 3.81 -17.86
N ASP A 33 -8.36 3.73 -16.63
CA ASP A 33 -9.02 4.86 -16.00
C ASP A 33 -8.05 5.62 -15.10
N GLY A 34 -7.15 4.89 -14.46
CA GLY A 34 -6.17 5.51 -13.58
C GLY A 34 -6.35 5.08 -12.13
N CYS A 35 -7.35 4.25 -11.87
CA CYS A 35 -7.62 3.76 -10.53
C CYS A 35 -7.06 2.36 -10.34
N ILE A 36 -7.20 1.84 -9.12
CA ILE A 36 -6.70 0.50 -8.81
C ILE A 36 -7.85 -0.48 -8.65
N SER A 37 -7.98 -1.39 -9.61
CA SER A 37 -9.04 -2.40 -9.57
C SER A 37 -8.51 -3.74 -9.09
N THR A 38 -9.42 -4.62 -8.68
CA THR A 38 -9.04 -5.94 -8.19
C THR A 38 -8.10 -6.64 -9.18
N LYS A 39 -8.31 -6.39 -10.46
CA LYS A 39 -7.47 -6.99 -11.49
C LYS A 39 -6.03 -6.52 -11.38
N GLU A 40 -5.86 -5.24 -11.06
CA GLU A 40 -4.53 -4.65 -10.92
C GLU A 40 -3.91 -5.03 -9.59
N LEU A 41 -4.75 -5.34 -8.61
CA LEU A 41 -4.28 -5.73 -7.28
C LEU A 41 -3.32 -6.91 -7.37
N GLY A 42 -3.81 -8.04 -7.84
CA GLY A 42 -2.98 -9.23 -7.97
C GLY A 42 -1.66 -8.94 -8.65
N LYS A 43 -1.70 -8.10 -9.69
CA LYS A 43 -0.50 -7.74 -10.43
C LYS A 43 0.60 -7.27 -9.49
N VAL A 44 0.20 -6.67 -8.37
CA VAL A 44 1.16 -6.18 -7.38
C VAL A 44 1.31 -7.16 -6.23
N MET A 45 0.22 -7.84 -5.88
CA MET A 45 0.23 -8.81 -4.79
C MET A 45 1.37 -9.81 -4.98
N ARG A 46 1.66 -10.13 -6.24
CA ARG A 46 2.72 -11.09 -6.55
C ARG A 46 4.08 -10.52 -6.18
N MET A 47 4.25 -9.22 -6.36
CA MET A 47 5.51 -8.54 -6.06
C MET A 47 5.78 -8.57 -4.55
N LEU A 48 4.72 -8.77 -3.78
CA LEU A 48 4.84 -8.80 -2.32
C LEU A 48 4.47 -10.18 -1.78
N GLY A 49 4.66 -11.22 -2.60
CA GLY A 49 4.35 -12.57 -2.19
C GLY A 49 2.94 -12.69 -1.62
N GLN A 50 1.96 -12.79 -2.51
CA GLN A 50 0.56 -12.91 -2.09
C GLN A 50 -0.33 -13.29 -3.27
N ASN A 51 -0.94 -14.46 -3.19
CA ASN A 51 -1.82 -14.94 -4.24
C ASN A 51 -3.22 -15.23 -3.70
N PRO A 52 -3.91 -14.17 -3.26
CA PRO A 52 -5.26 -14.29 -2.72
C PRO A 52 -6.30 -14.64 -3.79
N THR A 53 -7.58 -14.54 -3.43
CA THR A 53 -8.65 -14.85 -4.36
C THR A 53 -9.12 -13.60 -5.09
N PRO A 54 -9.72 -13.79 -6.28
CA PRO A 54 -10.21 -12.69 -7.10
C PRO A 54 -11.44 -12.03 -6.49
N GLU A 55 -12.05 -12.69 -5.51
CA GLU A 55 -13.23 -12.15 -4.85
C GLU A 55 -12.86 -11.51 -3.51
N GLU A 56 -11.70 -11.89 -2.98
CA GLU A 56 -11.23 -11.36 -1.71
C GLU A 56 -10.66 -9.95 -1.90
N LEU A 57 -10.06 -9.71 -3.05
CA LEU A 57 -9.46 -8.41 -3.36
C LEU A 57 -10.50 -7.29 -3.23
N GLN A 58 -11.77 -7.65 -3.39
CA GLN A 58 -12.85 -6.68 -3.29
C GLN A 58 -13.04 -6.23 -1.85
N GLU A 59 -12.54 -7.03 -0.90
CA GLU A 59 -12.66 -6.71 0.52
C GLU A 59 -11.68 -5.60 0.90
N MET A 60 -10.40 -5.85 0.69
CA MET A 60 -9.35 -4.88 1.01
C MET A 60 -9.57 -3.58 0.24
N ILE A 61 -10.33 -3.66 -0.85
CA ILE A 61 -10.60 -2.49 -1.68
C ILE A 61 -11.92 -1.82 -1.25
N ASP A 62 -12.84 -2.61 -0.74
CA ASP A 62 -14.13 -2.10 -0.29
C ASP A 62 -13.97 -1.27 0.98
N GLU A 63 -12.78 -1.34 1.58
CA GLU A 63 -12.51 -0.61 2.81
C GLU A 63 -11.75 0.67 2.52
N VAL A 64 -11.39 0.87 1.24
CA VAL A 64 -10.65 2.05 0.83
C VAL A 64 -11.17 2.59 -0.50
N ASP A 65 -12.32 2.06 -0.93
CA ASP A 65 -12.92 2.48 -2.19
C ASP A 65 -13.43 3.92 -2.10
N GLU A 66 -13.26 4.68 -3.17
CA GLU A 66 -13.69 6.06 -3.21
C GLU A 66 -14.83 6.25 -4.20
N ASP A 67 -14.81 5.48 -5.28
CA ASP A 67 -15.84 5.56 -6.31
C ASP A 67 -16.97 4.58 -6.01
N GLY A 68 -16.63 3.45 -5.40
CA GLY A 68 -17.64 2.46 -5.08
C GLY A 68 -17.78 1.41 -6.16
N SER A 69 -16.74 1.24 -6.96
CA SER A 69 -16.76 0.27 -8.05
C SER A 69 -15.54 -0.64 -8.00
N GLY A 70 -15.39 -1.34 -6.87
CA GLY A 70 -14.26 -2.24 -6.71
C GLY A 70 -12.94 -1.59 -7.07
N THR A 71 -12.82 -0.30 -6.77
CA THR A 71 -11.60 0.44 -7.07
C THR A 71 -11.16 1.30 -5.88
N VAL A 72 -10.11 2.08 -6.08
CA VAL A 72 -9.59 2.94 -5.02
C VAL A 72 -8.92 4.18 -5.60
N ASP A 73 -9.09 5.31 -4.92
CA ASP A 73 -8.50 6.56 -5.37
C ASP A 73 -6.98 6.53 -5.23
N PHE A 74 -6.33 7.60 -5.67
CA PHE A 74 -4.87 7.69 -5.60
C PHE A 74 -4.42 8.13 -4.22
N ASP A 75 -5.17 9.06 -3.63
CA ASP A 75 -4.83 9.58 -2.30
C ASP A 75 -5.09 8.51 -1.23
N GLU A 76 -6.16 7.74 -1.43
CA GLU A 76 -6.51 6.69 -0.48
C GLU A 76 -5.32 5.77 -0.21
N PHE A 77 -4.54 5.51 -1.25
CA PHE A 77 -3.37 4.65 -1.13
C PHE A 77 -2.40 5.19 -0.09
N LEU A 78 -2.00 6.45 -0.27
CA LEU A 78 -1.08 7.10 0.66
C LEU A 78 -1.56 6.98 2.10
N VAL A 79 -2.87 7.12 2.30
CA VAL A 79 -3.46 7.02 3.62
C VAL A 79 -3.43 5.59 4.14
N MET A 80 -3.31 4.64 3.21
CA MET A 80 -3.27 3.22 3.56
C MET A 80 -1.85 2.82 4.00
N MET A 81 -0.86 3.34 3.30
CA MET A 81 0.53 3.03 3.60
C MET A 81 0.92 3.58 4.98
N VAL A 82 0.47 4.79 5.27
CA VAL A 82 0.77 5.43 6.55
C VAL A 82 0.04 4.73 7.69
N ARG A 83 -1.23 4.41 7.46
CA ARG A 83 -2.03 3.74 8.47
C ARG A 83 -1.64 2.27 8.60
N CYS A 84 -1.01 1.74 7.56
CA CYS A 84 -0.58 0.34 7.56
C CYS A 84 0.55 0.12 8.56
N MET A 85 1.38 1.14 8.73
CA MET A 85 2.51 1.06 9.66
C MET A 85 2.03 0.75 11.07
N LYS A 86 1.09 1.55 11.56
CA LYS A 86 0.54 1.36 12.89
C LYS A 86 -0.51 0.25 12.90
N ASP A 87 -1.26 0.15 11.82
CA ASP A 87 -2.30 -0.87 11.70
C ASP A 87 -1.89 -1.96 10.72
N ASP A 88 -0.87 -2.72 11.09
CA ASP A 88 -0.37 -3.81 10.24
C ASP A 88 -1.49 -4.78 9.90
N SER A 89 -2.53 -4.81 10.73
CA SER A 89 -3.66 -5.70 10.51
C SER A 89 -4.95 -4.91 10.34
N LYS A 90 -5.36 -4.73 9.08
CA LYS A 90 -6.58 -3.98 8.78
C LYS A 90 -7.62 -4.89 8.15
N GLY A 91 -7.17 -5.97 7.54
CA GLY A 91 -8.08 -6.91 6.91
C GLY A 91 -9.06 -7.52 7.89
N ALA A 92 -8.53 -8.21 8.89
CA ALA A 92 -9.37 -8.85 9.90
C ALA A 92 -10.42 -9.75 9.26
N GLY A 93 -10.07 -11.03 9.10
CA GLY A 93 -10.98 -11.98 8.49
C GLY A 93 -10.42 -12.63 7.25
N ALA A 94 -9.10 -12.82 7.24
CA ALA A 94 -8.43 -13.44 6.11
C ALA A 94 -7.29 -14.33 6.56
N GLY A 95 -6.58 -14.93 5.60
CA GLY A 95 -5.47 -15.80 5.92
C GLY A 95 -4.33 -15.07 6.60
N VAL A 96 -4.05 -13.86 6.13
CA VAL A 96 -2.98 -13.05 6.70
C VAL A 96 -3.31 -11.56 6.63
N ARG A 97 -2.30 -10.72 6.82
CA ARG A 97 -2.49 -9.28 6.79
C ARG A 97 -1.34 -8.61 6.05
N ILE A 98 -1.66 -7.94 4.94
CA ILE A 98 -0.66 -7.25 4.14
C ILE A 98 -0.12 -6.03 4.87
N SER A 99 1.17 -5.77 4.71
CA SER A 99 1.81 -4.63 5.35
C SER A 99 1.97 -3.47 4.38
N ALA A 100 2.62 -2.41 4.84
CA ALA A 100 2.84 -1.23 4.01
C ALA A 100 4.16 -1.33 3.24
N ASP A 101 5.26 -1.45 3.97
CA ASP A 101 6.58 -1.56 3.36
C ASP A 101 6.58 -2.63 2.27
N ALA A 102 5.77 -3.67 2.46
CA ALA A 102 5.68 -4.75 1.49
C ALA A 102 5.27 -4.23 0.13
N MET A 103 4.37 -3.25 0.10
CA MET A 103 3.90 -2.67 -1.15
C MET A 103 4.97 -1.75 -1.75
N MET A 104 5.49 -0.85 -0.93
CA MET A 104 6.51 0.09 -1.38
C MET A 104 7.74 -0.65 -1.90
N GLN A 105 8.34 -1.46 -1.03
CA GLN A 105 9.53 -2.22 -1.40
C GLN A 105 9.29 -3.01 -2.69
N ALA A 106 8.03 -3.36 -2.93
CA ALA A 106 7.67 -4.12 -4.12
C ALA A 106 7.57 -3.21 -5.34
N LEU A 107 6.77 -2.16 -5.22
CA LEU A 107 6.60 -1.21 -6.32
C LEU A 107 7.94 -0.71 -6.84
N LEU A 108 8.56 0.17 -6.09
CA LEU A 108 9.87 0.71 -6.46
C LEU A 108 11.00 -0.10 -5.86
N GLY A 109 11.14 -0.01 -4.54
CA GLY A 109 12.19 -0.76 -3.86
C GLY A 109 13.55 -0.60 -4.53
N ALA A 110 13.82 0.61 -5.01
CA ALA A 110 15.10 0.89 -5.68
C ALA A 110 15.55 2.32 -5.41
N ARG A 111 14.62 3.26 -5.53
CA ARG A 111 14.93 4.68 -5.30
C ARG A 111 15.59 4.87 -3.94
N ALA A 112 14.78 4.83 -2.89
CA ALA A 112 15.28 5.02 -1.53
C ALA A 112 14.14 4.95 -0.51
N LYS A 113 14.41 4.34 0.64
CA LYS A 113 13.42 4.21 1.69
C LYS A 113 14.06 3.81 3.00
N GLU A 114 15.27 4.32 3.25
CA GLU A 114 15.99 4.01 4.47
C GLU A 114 16.30 5.28 5.27
N SER A 115 16.01 6.43 4.66
CA SER A 115 16.26 7.72 5.30
C SER A 115 15.64 7.75 6.70
N LEU A 116 14.40 7.30 6.80
CA LEU A 116 13.68 7.27 8.07
C LEU A 116 13.57 5.85 8.60
N ASP A 117 13.97 4.88 7.79
CA ASP A 117 13.91 3.47 8.18
C ASP A 117 12.47 3.00 8.29
N LEU A 118 11.80 2.91 7.14
CA LEU A 118 10.40 2.47 7.10
C LEU A 118 10.31 0.95 7.22
N ARG A 119 11.35 0.27 6.78
CA ARG A 119 11.39 -1.19 6.82
C ARG A 119 11.70 -1.68 8.24
N ALA A 120 11.96 -0.73 9.14
CA ALA A 120 12.27 -1.06 10.53
C ALA A 120 11.00 -1.29 11.33
N HIS A 121 9.85 -1.21 10.66
CA HIS A 121 8.56 -1.39 11.31
C HIS A 121 8.32 -2.87 11.61
N LEU A 122 9.15 -3.73 11.04
CA LEU A 122 9.02 -5.17 11.23
C LEU A 122 10.29 -5.75 11.85
N LYS A 123 10.81 -5.07 12.87
CA LYS A 123 12.02 -5.52 13.55
C LYS A 123 11.67 -6.26 14.84
N GLN A 124 12.68 -6.50 15.67
CA GLN A 124 12.50 -7.20 16.93
C GLN A 124 11.37 -6.56 17.74
N VAL A 125 10.21 -7.21 17.75
CA VAL A 125 9.06 -6.70 18.48
C VAL A 125 7.89 -7.68 18.42
N LYS A 126 7.06 -7.67 19.44
CA LYS A 126 5.90 -8.55 19.51
C LYS A 126 5.07 -8.46 18.22
N LYS A 127 4.84 -9.60 17.59
CA LYS A 127 4.06 -9.65 16.36
C LYS A 127 2.72 -8.96 16.54
N GLU A 128 2.52 -7.89 15.77
CA GLU A 128 1.27 -7.14 15.85
C GLU A 128 0.08 -8.02 15.49
N ASP A 129 -1.03 -7.83 16.20
CA ASP A 129 -2.25 -8.60 15.96
C ASP A 129 -3.16 -7.88 14.98
C5 C9W B . -7.67 -7.22 3.72
C8 C9W B . -5.68 -6.46 4.42
C1 C9W B . -9.12 -7.10 3.32
C15 C9W B . -4.89 -10.84 3.35
C11 C9W B . -6.83 -8.32 3.76
C19 C9W B . -4.08 -10.74 0.89
C18 C9W B . -4.76 -11.57 1.99
C23 C9W B . -6.31 -11.52 1.92
C26 C9W B . -4.21 -12.91 2.06
C C9W B . -3.57 -3.00 -1.34
C01 C9W B . -6.04 -2.09 -0.41
C02 C9W B . -5.72 -2.01 -1.77
C03 C9W B . -4.49 -2.46 -2.24
N6 C9W B . -6.97 -6.11 4.11
C9 C9W B . -5.57 -7.82 4.22
C12 C9W B . -7.23 -9.69 3.44
O13 C9W B . -8.40 -10.06 3.54
N14 C9W B . -6.26 -10.55 3.00
N27 C9W B . -3.76 -13.97 2.13
S28 C9W B . -4.55 -5.21 4.97
O29 C9W B . -4.97 -4.95 6.34
O30 C9W B . -3.25 -5.78 4.70
N31 C9W B . -4.70 -3.78 4.10
C33 C9W B . -4.55 -3.81 2.62
C35 C9W B . -3.12 -3.49 2.23
O38 C9W B . -2.90 -3.63 0.81
C41 C9W B . -3.87 -3.08 0.02
C42 C9W B . -5.12 -2.65 0.49
C43 C9W B . -5.47 -2.78 1.95
O45 C9W B . -5.34 -1.51 2.59
CL C9W B . -6.87 -1.33 -2.87
F C9W B . -4.18 -2.39 -3.54
H11 C9W B . -9.24 -7.36 2.27
H12 C9W B . -9.49 -6.09 3.47
H13 C9W B . -9.72 -7.78 3.94
H16 C9W B . -4.25 -9.95 3.46
H17 C9W B . -4.80 -11.48 4.24
H20 C9W B . -4.32 -11.12 -0.11
H21 C9W B . -2.99 -10.78 1.00
H22 C9W B . -4.39 -9.69 0.95
H24 C9W B . -6.84 -12.43 2.20
H25 C9W B . -6.74 -11.12 0.98
H C9W B . -2.61 -3.35 -1.72
H04 C9W B . -7.00 -1.74 -0.07
H7 C9W B . -7.35 -5.17 4.18
H10 C9W B . -4.68 -8.39 4.42
H1 C9W B . -5.42 -3.13 4.44
H33 C9W B . -4.81 -4.81 2.24
H51 C9W B . -2.42 -4.17 2.71
H52 C9W B . -2.82 -2.47 2.53
H44 C9W B . -6.52 -3.11 2.06
H45 C9W B . -4.50 -1.52 3.09
N GLY A 1 -8.97 9.70 13.85
CA GLY A 1 -9.72 9.98 12.64
C GLY A 1 -8.85 9.87 11.40
N ASP A 2 -8.85 10.94 10.59
CA ASP A 2 -8.06 10.96 9.36
C ASP A 2 -7.06 12.12 9.38
N ASP A 3 -6.58 12.46 10.58
CA ASP A 3 -5.63 13.54 10.74
C ASP A 3 -4.25 13.12 10.23
N ILE A 4 -3.72 12.05 10.81
CA ILE A 4 -2.40 11.55 10.42
C ILE A 4 -2.43 10.98 9.00
N TYR A 5 -3.62 10.56 8.57
CA TYR A 5 -3.77 9.98 7.24
C TYR A 5 -3.55 11.03 6.16
N LYS A 6 -4.31 12.12 6.24
CA LYS A 6 -4.19 13.21 5.28
C LYS A 6 -2.92 14.02 5.51
N ALA A 7 -2.52 14.14 6.78
CA ALA A 7 -1.32 14.89 7.13
C ALA A 7 -0.08 14.04 6.92
N ALA A 8 -0.27 12.80 6.47
CA ALA A 8 0.84 11.89 6.23
C ALA A 8 1.86 12.52 5.29
N VAL A 9 1.42 13.46 4.47
CA VAL A 9 2.30 14.14 3.53
C VAL A 9 3.56 14.66 4.22
N GLU A 10 3.38 15.15 5.45
CA GLU A 10 4.50 15.67 6.21
C GLU A 10 5.12 14.59 7.09
N GLN A 11 4.37 13.52 7.32
CA GLN A 11 4.85 12.41 8.14
C GLN A 11 5.79 11.52 7.36
N LEU A 12 5.54 11.41 6.05
CA LEU A 12 6.38 10.58 5.18
C LEU A 12 7.82 11.06 5.19
N THR A 13 8.73 10.19 4.78
CA THR A 13 10.15 10.53 4.74
C THR A 13 10.46 11.47 3.58
N GLU A 14 11.75 11.71 3.34
CA GLU A 14 12.17 12.59 2.27
C GLU A 14 11.99 11.93 0.91
N GLU A 15 12.21 10.61 0.87
CA GLU A 15 12.09 9.86 -0.37
C GLU A 15 10.69 9.24 -0.49
N GLN A 16 10.14 8.82 0.65
CA GLN A 16 8.82 8.20 0.67
C GLN A 16 7.77 9.16 0.10
N LYS A 17 7.78 10.40 0.58
CA LYS A 17 6.84 11.41 0.12
C LYS A 17 6.93 11.60 -1.39
N ASN A 18 8.09 11.24 -1.96
CA ASN A 18 8.31 11.36 -3.40
C ASN A 18 8.05 10.04 -4.10
N GLU A 19 8.08 8.95 -3.34
CA GLU A 19 7.85 7.62 -3.90
C GLU A 19 6.35 7.33 -4.01
N PHE A 20 5.55 8.08 -3.28
CA PHE A 20 4.10 7.91 -3.30
C PHE A 20 3.55 8.12 -4.71
N LYS A 21 4.32 8.79 -5.55
CA LYS A 21 3.92 9.07 -6.92
C LYS A 21 4.19 7.87 -7.82
N ALA A 22 5.46 7.47 -7.91
CA ALA A 22 5.85 6.34 -8.74
C ALA A 22 5.25 5.04 -8.21
N ALA A 23 5.17 4.93 -6.88
CA ALA A 23 4.62 3.74 -6.25
C ALA A 23 3.25 3.40 -6.81
N PHE A 24 2.27 4.26 -6.54
CA PHE A 24 0.91 4.05 -7.02
C PHE A 24 0.86 4.11 -8.54
N ASP A 25 1.72 4.94 -9.13
CA ASP A 25 1.77 5.08 -10.58
C ASP A 25 2.00 3.73 -11.25
N ILE A 26 2.79 2.87 -10.60
CA ILE A 26 3.08 1.55 -11.13
C ILE A 26 1.89 0.61 -10.96
N PHE A 27 1.03 0.91 -9.99
CA PHE A 27 -0.14 0.09 -9.73
C PHE A 27 -1.19 0.29 -10.81
N VAL A 28 -1.43 1.54 -11.17
CA VAL A 28 -2.43 1.87 -12.19
C VAL A 28 -1.77 1.97 -13.57
N LEU A 29 -0.54 1.49 -13.67
CA LEU A 29 0.19 1.52 -14.93
C LEU A 29 -0.59 0.81 -16.04
N GLY A 30 -1.21 1.60 -16.91
CA GLY A 30 -1.97 1.03 -18.01
C GLY A 30 -3.46 0.98 -17.70
N ALA A 31 -3.91 1.83 -16.78
CA ALA A 31 -5.31 1.88 -16.40
C ALA A 31 -6.12 2.70 -17.40
N GLU A 32 -7.44 2.56 -17.33
CA GLU A 32 -8.33 3.28 -18.23
C GLU A 32 -8.97 4.49 -17.54
N ASP A 33 -9.10 4.40 -16.22
CA ASP A 33 -9.68 5.47 -15.43
C ASP A 33 -8.61 6.24 -14.67
N GLY A 34 -7.55 5.54 -14.27
CA GLY A 34 -6.47 6.16 -13.54
C GLY A 34 -6.38 5.69 -12.11
N CYS A 35 -7.29 4.79 -11.73
CA CYS A 35 -7.31 4.25 -10.37
C CYS A 35 -6.90 2.78 -10.36
N ILE A 36 -7.04 2.14 -9.21
CA ILE A 36 -6.67 0.74 -9.07
C ILE A 36 -7.92 -0.14 -8.96
N SER A 37 -7.82 -1.35 -9.50
CA SER A 37 -8.93 -2.30 -9.47
C SER A 37 -8.46 -3.69 -9.06
N THR A 38 -9.41 -4.55 -8.73
CA THR A 38 -9.10 -5.92 -8.32
C THR A 38 -8.15 -6.59 -9.32
N LYS A 39 -8.38 -6.33 -10.60
CA LYS A 39 -7.56 -6.91 -11.65
C LYS A 39 -6.12 -6.43 -11.55
N GLU A 40 -5.94 -5.18 -11.12
CA GLU A 40 -4.62 -4.60 -10.98
C GLU A 40 -4.00 -4.98 -9.63
N LEU A 41 -4.84 -5.40 -8.69
CA LEU A 41 -4.38 -5.79 -7.37
C LEU A 41 -3.39 -6.96 -7.47
N GLY A 42 -3.87 -8.09 -7.96
CA GLY A 42 -3.01 -9.26 -8.10
C GLY A 42 -1.68 -8.93 -8.77
N LYS A 43 -1.73 -8.01 -9.72
CA LYS A 43 -0.52 -7.60 -10.44
C LYS A 43 0.57 -7.15 -9.47
N VAL A 44 0.15 -6.52 -8.37
CA VAL A 44 1.09 -6.04 -7.37
C VAL A 44 1.23 -7.05 -6.22
N MET A 45 0.12 -7.71 -5.88
CA MET A 45 0.14 -8.70 -4.81
C MET A 45 1.28 -9.68 -4.99
N ARG A 46 1.62 -9.97 -6.24
CA ARG A 46 2.70 -10.90 -6.54
C ARG A 46 4.05 -10.34 -6.12
N MET A 47 4.24 -9.03 -6.36
CA MET A 47 5.48 -8.37 -6.00
C MET A 47 5.75 -8.48 -4.50
N LEU A 48 4.70 -8.73 -3.74
CA LEU A 48 4.81 -8.85 -2.28
C LEU A 48 4.51 -10.28 -1.83
N GLY A 49 4.71 -11.23 -2.74
CA GLY A 49 4.44 -12.62 -2.41
C GLY A 49 3.05 -12.84 -1.85
N GLN A 50 2.04 -12.56 -2.66
CA GLN A 50 0.66 -12.72 -2.23
C GLN A 50 -0.24 -13.10 -3.42
N ASN A 51 -0.87 -14.26 -3.33
CA ASN A 51 -1.75 -14.74 -4.39
C ASN A 51 -3.13 -15.10 -3.84
N PRO A 52 -3.85 -14.09 -3.34
CA PRO A 52 -5.19 -14.27 -2.77
C PRO A 52 -6.23 -14.63 -3.84
N THR A 53 -7.50 -14.58 -3.44
CA THR A 53 -8.58 -14.90 -4.36
C THR A 53 -9.07 -13.64 -5.09
N PRO A 54 -9.65 -13.84 -6.29
CA PRO A 54 -10.17 -12.74 -7.10
C PRO A 54 -11.40 -12.09 -6.48
N GLU A 55 -11.98 -12.74 -5.49
CA GLU A 55 -13.16 -12.22 -4.81
C GLU A 55 -12.79 -11.56 -3.48
N GLU A 56 -11.63 -11.95 -2.94
CA GLU A 56 -11.16 -11.40 -1.67
C GLU A 56 -10.59 -10.00 -1.87
N LEU A 57 -10.05 -9.74 -3.06
CA LEU A 57 -9.47 -8.44 -3.37
C LEU A 57 -10.49 -7.33 -3.19
N GLN A 58 -11.76 -7.67 -3.35
CA GLN A 58 -12.84 -6.70 -3.20
C GLN A 58 -12.99 -6.27 -1.74
N GLU A 59 -12.51 -7.12 -0.84
CA GLU A 59 -12.60 -6.83 0.59
C GLU A 59 -11.58 -5.78 1.00
N MET A 60 -10.31 -6.03 0.67
CA MET A 60 -9.24 -5.11 1.01
C MET A 60 -9.39 -3.81 0.24
N ILE A 61 -10.24 -3.82 -0.78
CA ILE A 61 -10.47 -2.63 -1.60
C ILE A 61 -11.75 -1.93 -1.19
N ASP A 62 -12.72 -2.70 -0.71
CA ASP A 62 -13.99 -2.15 -0.27
C ASP A 62 -13.81 -1.16 0.88
N GLU A 63 -12.90 -1.49 1.79
CA GLU A 63 -12.62 -0.65 2.94
C GLU A 63 -11.86 0.61 2.51
N VAL A 64 -11.42 0.63 1.26
CA VAL A 64 -10.68 1.77 0.73
C VAL A 64 -11.22 2.18 -0.64
N ASP A 65 -12.50 1.95 -0.86
CA ASP A 65 -13.14 2.29 -2.12
C ASP A 65 -13.86 3.63 -2.01
N GLU A 66 -13.72 4.46 -3.05
CA GLU A 66 -14.35 5.77 -3.07
C GLU A 66 -15.57 5.76 -3.99
N ASP A 67 -15.49 5.01 -5.07
CA ASP A 67 -16.58 4.92 -6.02
C ASP A 67 -17.51 3.76 -5.69
N GLY A 68 -16.96 2.75 -5.02
CA GLY A 68 -17.75 1.59 -4.64
C GLY A 68 -17.84 0.56 -5.74
N SER A 69 -16.85 0.56 -6.64
CA SER A 69 -16.82 -0.38 -7.75
C SER A 69 -15.51 -1.17 -7.76
N GLY A 70 -15.21 -1.81 -6.64
CA GLY A 70 -13.99 -2.60 -6.54
C GLY A 70 -12.77 -1.83 -7.00
N THR A 71 -12.56 -0.65 -6.41
CA THR A 71 -11.42 0.17 -6.76
C THR A 71 -11.02 1.07 -5.59
N VAL A 72 -10.01 1.92 -5.82
CA VAL A 72 -9.53 2.83 -4.80
C VAL A 72 -8.88 4.07 -5.41
N ASP A 73 -9.17 5.22 -4.82
CA ASP A 73 -8.63 6.48 -5.31
C ASP A 73 -7.12 6.52 -5.14
N PHE A 74 -6.48 7.54 -5.70
CA PHE A 74 -5.03 7.69 -5.61
C PHE A 74 -4.63 8.21 -4.23
N ASP A 75 -5.55 8.92 -3.58
CA ASP A 75 -5.29 9.47 -2.26
C ASP A 75 -5.51 8.41 -1.17
N GLU A 76 -6.50 7.55 -1.38
CA GLU A 76 -6.81 6.50 -0.43
C GLU A 76 -5.61 5.58 -0.22
N PHE A 77 -4.70 5.58 -1.18
CA PHE A 77 -3.50 4.75 -1.11
C PHE A 77 -2.47 5.37 -0.16
N LEU A 78 -2.17 6.65 -0.36
CA LEU A 78 -1.21 7.35 0.46
C LEU A 78 -1.48 7.10 1.95
N VAL A 79 -2.74 7.23 2.35
CA VAL A 79 -3.13 7.01 3.73
C VAL A 79 -3.08 5.52 4.09
N MET A 80 -3.39 4.67 3.12
CA MET A 80 -3.37 3.23 3.33
C MET A 80 -2.01 2.78 3.86
N MET A 81 -0.97 3.52 3.51
CA MET A 81 0.38 3.19 3.95
C MET A 81 0.65 3.73 5.35
N VAL A 82 0.46 5.03 5.53
CA VAL A 82 0.68 5.66 6.82
C VAL A 82 -0.22 5.06 7.89
N ARG A 83 -1.39 4.59 7.47
CA ARG A 83 -2.36 3.99 8.39
C ARG A 83 -1.97 2.55 8.70
N CYS A 84 -1.24 1.92 7.78
CA CYS A 84 -0.82 0.53 7.96
C CYS A 84 0.24 0.43 9.04
N MET A 85 1.18 1.38 9.05
CA MET A 85 2.24 1.39 10.04
C MET A 85 1.68 1.27 11.45
N LYS A 86 0.70 2.11 11.76
CA LYS A 86 0.09 2.10 13.09
C LYS A 86 -0.83 0.88 13.25
N ASP A 87 -1.78 0.74 12.35
CA ASP A 87 -2.72 -0.38 12.39
C ASP A 87 -2.00 -1.69 12.13
N ASP A 88 -1.75 -2.45 13.18
CA ASP A 88 -1.06 -3.74 13.07
C ASP A 88 -1.72 -4.61 12.01
N SER A 89 -3.02 -4.39 11.80
CA SER A 89 -3.77 -5.17 10.82
C SER A 89 -5.10 -4.50 10.49
N LYS A 90 -5.45 -4.47 9.21
CA LYS A 90 -6.69 -3.85 8.77
C LYS A 90 -7.62 -4.89 8.16
N GLY A 91 -7.06 -6.01 7.74
CA GLY A 91 -7.84 -7.07 7.14
C GLY A 91 -8.17 -8.18 8.12
N ALA A 92 -8.37 -7.81 9.38
CA ALA A 92 -8.69 -8.78 10.43
C ALA A 92 -9.84 -9.69 10.00
N GLY A 93 -9.51 -10.95 9.73
CA GLY A 93 -10.52 -11.90 9.30
C GLY A 93 -10.21 -12.51 7.95
N ALA A 94 -8.95 -12.89 7.74
CA ALA A 94 -8.54 -13.49 6.48
C ALA A 94 -7.32 -14.38 6.68
N GLY A 95 -6.83 -14.95 5.58
CA GLY A 95 -5.67 -15.83 5.66
C GLY A 95 -4.49 -15.17 6.35
N VAL A 96 -4.17 -13.95 5.93
CA VAL A 96 -3.06 -13.20 6.50
C VAL A 96 -3.34 -11.70 6.50
N ARG A 97 -2.29 -10.91 6.70
CA ARG A 97 -2.41 -9.46 6.72
C ARG A 97 -1.24 -8.80 6.01
N ILE A 98 -1.53 -8.09 4.92
CA ILE A 98 -0.49 -7.41 4.16
C ILE A 98 0.04 -6.19 4.90
N SER A 99 1.33 -5.92 4.73
CA SER A 99 1.97 -4.78 5.38
C SER A 99 2.12 -3.61 4.42
N ALA A 100 2.64 -2.50 4.94
CA ALA A 100 2.84 -1.30 4.12
C ALA A 100 4.15 -1.38 3.35
N ASP A 101 5.26 -1.52 4.08
CA ASP A 101 6.57 -1.61 3.46
C ASP A 101 6.60 -2.68 2.38
N ALA A 102 5.86 -3.76 2.60
CA ALA A 102 5.80 -4.85 1.64
C ALA A 102 5.31 -4.35 0.28
N MET A 103 4.49 -3.31 0.29
CA MET A 103 3.95 -2.74 -0.94
C MET A 103 4.95 -1.78 -1.57
N MET A 104 5.54 -0.91 -0.75
CA MET A 104 6.51 0.07 -1.23
C MET A 104 7.74 -0.63 -1.79
N GLN A 105 8.40 -1.43 -0.96
CA GLN A 105 9.60 -2.15 -1.37
C GLN A 105 9.33 -2.96 -2.64
N ALA A 106 8.07 -3.35 -2.83
CA ALA A 106 7.69 -4.13 -4.00
C ALA A 106 7.50 -3.24 -5.22
N LEU A 107 6.63 -2.24 -5.09
CA LEU A 107 6.37 -1.30 -6.18
C LEU A 107 7.67 -0.76 -6.76
N LEU A 108 8.29 0.16 -6.03
CA LEU A 108 9.54 0.77 -6.46
C LEU A 108 10.74 -0.05 -6.01
N GLY A 109 10.96 -0.08 -4.69
CA GLY A 109 12.07 -0.84 -4.14
C GLY A 109 13.40 -0.42 -4.73
N ALA A 110 13.44 0.80 -5.27
CA ALA A 110 14.66 1.32 -5.87
C ALA A 110 14.98 2.72 -5.34
N ARG A 111 13.94 3.52 -5.17
CA ARG A 111 14.09 4.88 -4.68
C ARG A 111 14.68 4.89 -3.27
N ALA A 112 14.62 3.73 -2.61
CA ALA A 112 15.14 3.61 -1.26
C ALA A 112 14.31 4.43 -0.27
N LYS A 113 14.18 3.92 0.95
CA LYS A 113 13.41 4.61 1.99
C LYS A 113 13.96 4.29 3.37
N GLU A 114 15.29 4.27 3.50
CA GLU A 114 15.94 3.97 4.77
C GLU A 114 16.31 5.25 5.50
N SER A 115 16.18 6.38 4.80
CA SER A 115 16.51 7.68 5.39
C SER A 115 15.83 7.85 6.75
N LEU A 116 14.65 7.25 6.90
CA LEU A 116 13.90 7.34 8.15
C LEU A 116 13.78 5.97 8.80
N ASP A 117 14.13 4.93 8.05
CA ASP A 117 14.06 3.56 8.57
C ASP A 117 12.62 3.11 8.73
N LEU A 118 11.89 3.06 7.61
CA LEU A 118 10.50 2.64 7.63
C LEU A 118 10.36 1.21 8.12
N ARG A 119 11.47 0.47 8.09
CA ARG A 119 11.47 -0.92 8.54
C ARG A 119 11.64 -0.99 10.05
N ALA A 120 11.63 0.16 10.71
CA ALA A 120 11.78 0.22 12.16
C ALA A 120 10.45 0.52 12.84
N HIS A 121 9.37 0.54 12.06
CA HIS A 121 8.05 0.82 12.59
C HIS A 121 7.12 -0.38 12.39
N LEU A 122 7.70 -1.49 11.95
CA LEU A 122 6.93 -2.71 11.71
C LEU A 122 7.65 -3.92 12.27
N LYS A 123 8.73 -3.69 12.99
CA LYS A 123 9.52 -4.76 13.58
C LYS A 123 9.87 -5.82 12.54
N GLN A 124 10.57 -5.40 11.50
CA GLN A 124 10.97 -6.31 10.43
C GLN A 124 12.14 -5.75 9.64
N VAL A 125 12.87 -6.63 8.95
CA VAL A 125 14.02 -6.23 8.16
C VAL A 125 14.10 -7.01 6.86
N LYS A 126 14.53 -6.34 5.79
CA LYS A 126 14.65 -6.98 4.48
C LYS A 126 16.05 -6.79 3.91
N LYS A 127 16.33 -7.48 2.81
CA LYS A 127 17.63 -7.38 2.16
C LYS A 127 17.91 -5.95 1.71
N GLU A 128 19.15 -5.50 1.90
CA GLU A 128 19.54 -4.15 1.50
C GLU A 128 21.06 -4.01 1.48
N ASP A 129 21.55 -3.12 0.63
CA ASP A 129 22.99 -2.89 0.50
C ASP A 129 23.47 -1.90 1.56
C5 C9W B . -7.53 -7.36 3.78
C8 C9W B . -5.52 -6.59 4.45
C1 C9W B . -8.97 -7.25 3.43
C15 C9W B . -4.70 -10.95 3.26
C11 C9W B . -6.66 -8.45 3.80
C19 C9W B . -3.98 -10.77 0.79
C18 C9W B . -4.62 -11.62 1.88
C23 C9W B . -6.17 -11.60 1.86
C26 C9W B . -4.05 -12.96 1.90
C C9W B . -3.32 -3.24 -1.35
C01 C9W B . -5.79 -2.28 -0.47
C02 C9W B . -5.44 -2.22 -1.82
C03 C9W B . -4.22 -2.71 -2.27
N6 C9W B . -6.83 -6.25 4.18
C9 C9W B . -5.41 -7.95 4.24
C12 C9W B . -7.05 -9.82 3.47
O13 C9W B . -8.22 -10.21 3.62
N14 C9W B . -6.09 -10.66 2.97
N27 C9W B . -3.59 -14.02 1.92
S28 C9W B . -4.40 -5.33 5.00
O29 C9W B . -4.83 -5.04 6.35
O30 C9W B . -3.09 -5.90 4.75
N31 C9W B . -4.54 -3.91 4.10
C33 C9W B . -4.37 -3.98 2.62
C35 C9W B . -2.92 -3.68 2.23
O38 C9W B . -2.70 -3.85 0.83
C41 C9W B . -3.64 -3.29 0.01
C42 C9W B . -4.89 -2.83 0.46
C43 C9W B . -5.26 -2.94 1.92
O45 C9W B . -5.12 -1.65 2.54
CL C9W B . -6.57 -1.54 -2.95
F C9W B . -3.89 -2.66 -3.56
H11 C9W B . -9.58 -7.90 4.07
H12 C9W B . -9.15 -7.56 2.39
H13 C9W B . -9.32 -6.23 3.54
H16 C9W B . -4.07 -10.05 3.38
H17 C9W B . -4.57 -11.61 4.12
H20 C9W B . -4.09 -11.22 -0.20
H21 C9W B . -2.90 -10.64 0.97
H22 C9W B . -4.44 -9.76 0.75
H24 C9W B . -6.69 -12.52 2.14
H25 C9W B . -6.63 -11.18 0.96
H C9W B . -2.36 -3.62 -1.70
H04 C9W B . -6.76 -1.91 -0.13
H7 C9W B . -7.21 -5.31 4.25
H10 C9W B . -4.49 -8.50 4.41
H1 C9W B . -5.26 -3.25 4.42
H33 C9W B . -4.64 -4.97 2.24
H51 C9W B . -2.24 -4.37 2.74
H52 C9W B . -2.61 -2.67 2.53
H44 C9W B . -6.31 -3.24 2.02
H45 C9W B . -6.01 -1.28 2.63
#